data_5Z09
#
_entry.id   5Z09
#
_cell.length_a   210.662
_cell.length_b   88.417
_cell.length_c   179.339
_cell.angle_alpha   90.00
_cell.angle_beta   121.59
_cell.angle_gamma   90.00
#
_symmetry.space_group_name_H-M   'C 1 2 1'
#
loop_
_entity.id
_entity.type
_entity.pdbx_description
1 polymer 'Dual sugar-1-phosphate nucleotidylyltransferase'
2 non-polymer "URIDINE 5'-TRIPHOSPHATE"
#
_entity_poly.entity_id   1
_entity_poly.type   'polypeptide(L)'
_entity_poly.pdbx_seq_one_letter_code
;MKAFILAAGSGERLEPITHTRPKAFVPILSKPLIEYQIEYLRKCGIRDITVIVSSKNKEYFEKKLKEISIVTQKDDIKGT
GAAILSAKFNDEALIINGDLFFSNEKEICNIITLKENAIIGVKVSNPKDYGVLVLDNQNNLSKIIEKPEIPPSNLINAGI
YKLNSDIFTYLDKISISERGELELTDAINLMAKDHRVKVIEYEGYWMDIGKPWNIIDVNKWALDNLVFSQNLGNVEDNVK
IKGKVIIEEDAEIKSGTYIEGPVYIGKGSEIGPNSYLRPYTILVEKNKIGASVEVKESVIMEGSKIPHLSYVGDSVIAED
VNFGAGTLIANLRFDEKEVKVNVKGKRISSGRRKLGAFIGGHVRTGINVTILPGVKIGAYARIYPGAVVNRDVGYGEFFK
VLEHHHHHH
;
_entity_poly.pdbx_strand_id   A,B,C,D,E,F
#
# COMPACT_ATOMS: atom_id res chain seq x y z
N MET A 1 1.11 20.21 2.44
CA MET A 1 1.86 19.74 3.65
C MET A 1 2.99 18.82 3.24
N LYS A 2 4.21 19.24 3.52
CA LYS A 2 5.39 18.37 3.35
C LYS A 2 5.47 17.33 4.46
N ALA A 3 6.14 16.22 4.19
CA ALA A 3 6.43 15.24 5.24
C ALA A 3 7.83 14.64 5.10
N PHE A 4 8.48 14.41 6.24
CA PHE A 4 9.81 13.82 6.29
C PHE A 4 9.84 12.54 7.11
N ILE A 5 10.42 11.49 6.53
CA ILE A 5 10.71 10.28 7.25
C ILE A 5 12.20 10.24 7.63
N LEU A 6 12.48 10.15 8.93
CA LEU A 6 13.86 10.09 9.41
C LEU A 6 14.42 8.65 9.46
N ALA A 7 15.38 8.38 8.58
CA ALA A 7 15.85 7.02 8.34
C ALA A 7 17.37 6.93 8.16
N ALA A 8 18.11 7.69 8.95
CA ALA A 8 19.56 7.79 8.79
C ALA A 8 20.33 7.40 10.06
N GLY A 9 19.66 6.69 10.96
CA GLY A 9 20.34 5.86 11.94
C GLY A 9 21.06 4.70 11.29
N SER A 10 22.14 4.23 11.92
CA SER A 10 22.58 2.84 11.78
C SER A 10 21.96 2.11 12.94
N GLY A 11 20.83 1.46 12.68
CA GLY A 11 20.17 0.64 13.68
C GLY A 11 21.11 -0.43 14.19
N GLU A 12 21.94 -0.04 15.15
CA GLU A 12 22.90 -0.94 15.78
C GLU A 12 22.16 -1.97 16.64
N ARG A 13 21.12 -1.52 17.33
CA ARG A 13 20.34 -2.41 18.21
C ARG A 13 19.61 -3.50 17.43
N LEU A 14 19.46 -3.32 16.12
CA LEU A 14 18.77 -4.28 15.25
C LEU A 14 19.71 -5.16 14.46
N GLU A 15 20.99 -5.14 14.82
CA GLU A 15 21.96 -6.09 14.28
C GLU A 15 21.63 -7.50 14.76
N PRO A 16 21.81 -8.49 13.90
CA PRO A 16 22.58 -8.37 12.66
C PRO A 16 21.79 -7.92 11.42
N ILE A 17 20.48 -7.73 11.57
CA ILE A 17 19.62 -7.55 10.41
C ILE A 17 20.12 -6.35 9.60
N THR A 18 20.65 -5.37 10.32
CA THR A 18 20.99 -4.07 9.75
C THR A 18 22.44 -4.00 9.27
N HIS A 19 23.18 -5.08 9.40
CA HIS A 19 24.44 -5.24 8.67
C HIS A 19 24.27 -5.05 7.15
N THR A 20 23.10 -5.37 6.61
CA THR A 20 22.91 -5.53 5.14
C THR A 20 21.72 -4.78 4.59
N ARG A 21 20.92 -4.16 5.45
CA ARG A 21 19.80 -3.37 4.97
C ARG A 21 19.52 -2.29 5.97
N PRO A 22 19.05 -1.13 5.49
CA PRO A 22 18.58 -0.07 6.37
C PRO A 22 17.32 -0.52 7.08
N LYS A 23 17.13 -0.07 8.31
CA LYS A 23 16.00 -0.55 9.12
C LYS A 23 14.70 -0.22 8.38
N ALA A 24 14.75 0.72 7.44
CA ALA A 24 13.56 1.11 6.64
C ALA A 24 13.03 0.00 5.75
N PHE A 25 13.88 -0.97 5.43
CA PHE A 25 13.46 -2.07 4.58
C PHE A 25 13.35 -3.40 5.32
N VAL A 26 13.23 -3.34 6.65
CA VAL A 26 12.84 -4.51 7.41
C VAL A 26 11.48 -4.99 6.89
N PRO A 27 11.42 -6.24 6.46
CA PRO A 27 10.19 -6.73 5.85
C PRO A 27 9.14 -6.99 6.90
N ILE A 28 7.94 -6.47 6.66
CA ILE A 28 6.74 -6.91 7.33
C ILE A 28 5.82 -7.56 6.32
N LEU A 29 5.76 -8.89 6.38
CA LEU A 29 5.25 -9.70 5.29
C LEU A 29 6.00 -9.34 4.02
N SER A 30 5.29 -9.04 2.94
CA SER A 30 5.92 -8.79 1.66
C SER A 30 6.51 -7.38 1.53
N LYS A 31 6.05 -6.46 2.37
CA LYS A 31 6.37 -5.05 2.20
C LYS A 31 7.36 -4.54 3.25
N PRO A 32 8.29 -3.66 2.84
CA PRO A 32 9.24 -3.05 3.76
C PRO A 32 8.59 -2.04 4.66
N LEU A 33 9.17 -1.85 5.85
CA LEU A 33 8.59 -0.99 6.87
C LEU A 33 8.23 0.41 6.31
N ILE A 34 9.12 0.99 5.54
CA ILE A 34 8.91 2.34 5.05
C ILE A 34 7.70 2.46 4.11
N GLU A 35 7.42 1.40 3.35
CA GLU A 35 6.29 1.39 2.41
C GLU A 35 4.95 1.51 3.14
N TYR A 36 4.83 0.86 4.29
CA TYR A 36 3.66 1.04 5.14
C TYR A 36 3.52 2.50 5.55
N GLN A 37 4.65 3.16 5.82
CA GLN A 37 4.63 4.54 6.30
C GLN A 37 4.13 5.44 5.17
N ILE A 38 4.80 5.37 4.02
CA ILE A 38 4.41 6.11 2.81
C ILE A 38 2.95 5.87 2.42
N GLU A 39 2.58 4.60 2.38
CA GLU A 39 1.21 4.19 2.19
C GLU A 39 0.23 4.98 3.10
N TYR A 40 0.52 5.01 4.40
CA TYR A 40 -0.44 5.50 5.39
C TYR A 40 -0.42 7.02 5.42
N LEU A 41 0.71 7.61 5.03
CA LEU A 41 0.78 9.06 4.85
C LEU A 41 -0.17 9.48 3.73
N ARG A 42 -0.12 8.76 2.62
CA ARG A 42 -0.94 9.09 1.44
C ARG A 42 -2.44 8.98 1.70
N LYS A 43 -2.84 8.04 2.55
CA LYS A 43 -4.21 8.02 3.06
C LYS A 43 -4.64 9.33 3.76
N CYS A 44 -3.68 10.19 4.10
CA CYS A 44 -3.98 11.53 4.61
C CYS A 44 -3.79 12.60 3.52
N GLY A 45 -3.15 12.24 2.42
CA GLY A 45 -3.16 13.03 1.19
C GLY A 45 -1.85 13.71 0.87
N ILE A 46 -0.76 13.20 1.42
CA ILE A 46 0.41 14.01 1.72
C ILE A 46 1.30 14.23 0.50
N ARG A 47 1.47 13.19 -0.32
CA ARG A 47 1.98 13.35 -1.68
C ARG A 47 3.47 13.75 -1.74
N ASP A 48 3.84 14.86 -1.11
CA ASP A 48 5.24 15.26 -1.05
C ASP A 48 5.95 14.65 0.15
N ILE A 49 6.56 13.48 -0.05
CA ILE A 49 7.23 12.76 1.01
C ILE A 49 8.73 12.75 0.73
N THR A 50 9.51 13.06 1.76
CA THR A 50 10.97 12.98 1.69
C THR A 50 11.53 12.08 2.78
N VAL A 51 12.51 11.26 2.43
CA VAL A 51 13.19 10.40 3.39
C VAL A 51 14.59 10.91 3.62
N ILE A 52 14.91 11.20 4.89
CA ILE A 52 16.28 11.56 5.27
C ILE A 52 17.07 10.29 5.55
N VAL A 53 18.07 10.04 4.73
CA VAL A 53 18.88 8.83 4.86
C VAL A 53 20.33 9.23 5.09
N SER A 54 21.19 8.24 5.30
CA SER A 54 22.62 8.48 5.38
C SER A 54 23.24 7.98 4.13
N SER A 55 23.87 8.88 3.39
CA SER A 55 24.84 8.52 2.38
C SER A 55 26.00 7.80 3.04
N LYS A 56 26.56 6.79 2.37
CA LYS A 56 25.79 5.70 1.76
C LYS A 56 25.37 4.79 2.91
N ASN A 57 24.07 4.58 3.10
CA ASN A 57 23.22 3.90 2.12
C ASN A 57 22.19 4.80 1.43
N LYS A 58 22.67 5.66 0.52
CA LYS A 58 21.84 6.68 -0.10
C LYS A 58 20.91 6.08 -1.15
N GLU A 59 21.24 4.88 -1.63
CA GLU A 59 21.38 4.60 -3.08
C GLU A 59 20.69 3.31 -3.42
N TYR A 60 20.96 2.33 -2.59
CA TYR A 60 19.97 1.48 -2.00
C TYR A 60 18.58 2.11 -2.05
N PHE A 61 18.31 3.06 -1.16
CA PHE A 61 17.03 3.77 -1.15
C PHE A 61 16.57 4.25 -2.52
N GLU A 62 17.51 4.76 -3.31
CA GLU A 62 17.23 5.13 -4.70
C GLU A 62 16.76 3.93 -5.53
N LYS A 63 17.53 2.84 -5.50
CA LYS A 63 17.14 1.59 -6.15
C LYS A 63 15.75 1.13 -5.72
N LYS A 64 15.43 1.27 -4.43
CA LYS A 64 14.21 0.68 -3.85
C LYS A 64 13.00 1.59 -3.97
N LEU A 65 13.23 2.90 -4.07
CA LEU A 65 12.15 3.88 -4.03
C LEU A 65 12.18 4.85 -5.16
N LYS A 66 10.93 5.10 -5.53
CA LYS A 66 10.51 5.35 -6.90
C LYS A 66 9.51 6.44 -6.75
N GLU A 67 9.98 7.62 -7.13
CA GLU A 67 9.16 8.81 -7.07
C GLU A 67 8.94 9.23 -5.61
N ILE A 68 9.96 9.05 -4.77
CA ILE A 68 10.01 9.69 -3.45
C ILE A 68 11.36 10.36 -3.26
N SER A 69 11.38 11.47 -2.52
CA SER A 69 12.58 12.30 -2.43
C SER A 69 13.55 11.67 -1.46
N ILE A 70 14.75 11.36 -1.93
CA ILE A 70 15.79 10.83 -1.08
C ILE A 70 16.85 11.90 -0.86
N VAL A 71 17.04 12.26 0.41
CA VAL A 71 17.94 13.33 0.79
C VAL A 71 18.85 12.83 1.92
N THR A 72 20.14 13.07 1.80
CA THR A 72 21.10 12.57 2.78
C THR A 72 21.22 13.49 3.98
N GLN A 73 21.94 13.03 5.00
CA GLN A 73 22.15 13.78 6.23
C GLN A 73 23.56 14.36 6.20
N LYS A 74 23.81 15.42 6.96
CA LYS A 74 25.16 15.95 7.08
C LYS A 74 26.07 15.07 7.93
N ASP A 75 27.28 14.89 7.46
CA ASP A 75 28.12 13.77 7.88
C ASP A 75 28.90 14.06 9.16
N ASP A 76 29.10 15.35 9.44
CA ASP A 76 29.64 15.80 10.73
C ASP A 76 28.95 15.14 11.92
N ILE A 77 27.77 15.65 12.26
CA ILE A 77 27.13 15.34 13.53
C ILE A 77 25.90 14.46 13.32
N LYS A 78 25.71 13.49 14.21
CA LYS A 78 24.61 12.53 14.14
C LYS A 78 23.40 13.03 14.93
N GLY A 79 22.26 12.37 14.74
CA GLY A 79 21.07 12.57 15.56
C GLY A 79 19.83 12.86 14.73
N THR A 80 18.66 12.60 15.31
CA THR A 80 17.38 13.01 14.72
C THR A 80 17.33 14.53 14.47
N GLY A 81 17.95 15.30 15.36
CA GLY A 81 18.08 16.73 15.15
C GLY A 81 18.89 17.04 13.91
N ALA A 82 20.03 16.36 13.76
CA ALA A 82 20.87 16.57 12.58
C ALA A 82 20.15 16.17 11.29
N ALA A 83 19.18 15.28 11.42
CA ALA A 83 18.43 14.77 10.27
C ALA A 83 17.54 15.86 9.62
N ILE A 84 16.68 16.51 10.41
CA ILE A 84 15.84 17.59 9.85
C ILE A 84 16.61 18.85 9.44
N LEU A 85 17.83 19.04 9.93
CA LEU A 85 18.67 20.15 9.48
C LEU A 85 18.96 20.03 7.99
N SER A 86 18.93 18.80 7.49
CA SER A 86 19.10 18.53 6.06
C SER A 86 17.76 18.60 5.32
N ALA A 87 16.67 18.53 6.08
CA ALA A 87 15.33 18.70 5.54
C ALA A 87 15.04 20.16 5.23
N LYS A 88 14.64 20.42 3.99
CA LYS A 88 14.27 21.77 3.57
C LYS A 88 12.75 21.92 3.58
N PHE A 89 12.24 22.64 4.57
CA PHE A 89 10.84 23.10 4.54
C PHE A 89 10.92 24.40 5.36
N ASN A 90 9.80 25.05 5.64
CA ASN A 90 8.97 25.73 4.67
C ASN A 90 8.16 26.66 5.58
N ASP A 91 7.27 26.04 6.36
CA ASP A 91 6.24 26.73 7.12
C ASP A 91 5.85 25.72 8.20
N GLU A 92 5.23 24.63 7.74
CA GLU A 92 5.09 23.44 8.57
C GLU A 92 5.68 22.21 7.87
N ALA A 93 5.78 21.12 8.63
CA ALA A 93 6.05 19.79 8.06
C ALA A 93 5.58 18.71 9.02
N LEU A 94 5.36 17.52 8.47
CA LEU A 94 5.12 16.31 9.27
C LEU A 94 6.41 15.50 9.36
N ILE A 95 6.94 15.35 10.57
CA ILE A 95 8.13 14.55 10.78
C ILE A 95 7.72 13.23 11.41
N ILE A 96 8.22 12.15 10.85
CA ILE A 96 7.90 10.82 11.35
C ILE A 96 9.18 9.97 11.44
N ASN A 97 9.39 9.34 12.60
CA ASN A 97 10.57 8.47 12.79
C ASN A 97 10.49 7.21 11.93
N GLY A 98 11.57 6.95 11.19
CA GLY A 98 11.55 5.92 10.16
C GLY A 98 11.68 4.50 10.69
N ASP A 99 11.53 4.33 12.00
CA ASP A 99 11.56 3.03 12.64
C ASP A 99 10.23 2.68 13.30
N LEU A 100 9.16 3.33 12.88
CA LEU A 100 7.85 3.14 13.50
C LEU A 100 6.97 2.30 12.61
N PHE A 101 6.18 1.43 13.22
CA PHE A 101 5.05 0.81 12.55
C PHE A 101 3.77 1.16 13.29
N PHE A 102 2.79 1.68 12.55
CA PHE A 102 1.52 2.06 13.15
C PHE A 102 0.41 1.58 12.23
N SER A 103 -0.71 1.18 12.83
CA SER A 103 -1.80 0.56 12.08
C SER A 103 -2.68 1.56 11.34
N ASN A 104 -3.44 2.34 12.10
CA ASN A 104 -4.29 3.37 11.50
C ASN A 104 -3.49 4.65 11.23
N GLU A 105 -3.98 5.44 10.28
CA GLU A 105 -3.35 6.70 9.90
C GLU A 105 -4.13 7.90 10.42
N LYS A 106 -5.16 7.64 11.22
CA LYS A 106 -6.21 8.62 11.48
C LYS A 106 -5.70 9.81 12.27
N GLU A 107 -4.72 9.56 13.14
CA GLU A 107 -4.19 10.61 14.01
C GLU A 107 -3.19 11.49 13.26
N ILE A 108 -2.52 10.93 12.26
CA ILE A 108 -1.69 11.71 11.35
C ILE A 108 -2.55 12.62 10.47
N CYS A 109 -3.61 12.07 9.89
CA CYS A 109 -4.59 12.86 9.16
C CYS A 109 -5.11 14.01 10.04
N ASN A 110 -5.52 13.69 11.27
CA ASN A 110 -6.01 14.68 12.22
C ASN A 110 -4.96 15.75 12.58
N ILE A 111 -3.72 15.32 12.81
CA ILE A 111 -2.70 16.22 13.35
C ILE A 111 -2.26 17.28 12.35
N ILE A 112 -2.50 17.02 11.08
CA ILE A 112 -1.95 17.83 10.03
C ILE A 112 -2.94 18.96 9.64
N THR A 113 -4.13 18.92 10.23
CA THR A 113 -5.09 20.03 10.16
C THR A 113 -4.67 21.18 11.08
N LEU A 114 -4.20 20.85 12.27
CA LEU A 114 -3.84 21.85 13.27
C LEU A 114 -2.76 22.77 12.71
N LYS A 115 -2.66 23.98 13.25
CA LYS A 115 -1.59 24.89 12.86
C LYS A 115 -0.64 25.22 14.03
N GLU A 116 -1.00 24.78 15.24
CA GLU A 116 -0.04 24.70 16.34
C GLU A 116 0.95 23.56 16.10
N ASN A 117 2.12 23.65 16.72
CA ASN A 117 2.98 22.48 16.89
C ASN A 117 2.26 21.39 17.67
N ALA A 118 2.25 20.18 17.13
CA ALA A 118 1.64 19.05 17.82
C ALA A 118 2.45 17.78 17.60
N ILE A 119 2.44 16.91 18.61
CA ILE A 119 3.09 15.61 18.52
C ILE A 119 2.16 14.52 19.03
N ILE A 120 2.41 13.29 18.57
CA ILE A 120 1.57 12.16 18.99
C ILE A 120 2.27 11.39 20.09
N GLY A 121 1.50 11.08 21.14
CA GLY A 121 1.96 10.22 22.22
C GLY A 121 1.21 8.90 22.26
N VAL A 122 1.78 7.90 22.92
CA VAL A 122 1.23 6.55 22.88
C VAL A 122 1.53 5.81 24.18
N LYS A 123 0.54 5.12 24.71
CA LYS A 123 0.70 4.41 25.97
C LYS A 123 1.36 3.04 25.74
N VAL A 124 2.32 2.70 26.59
CA VAL A 124 3.03 1.43 26.50
C VAL A 124 3.23 0.82 27.88
N SER A 125 3.56 -0.47 27.93
CA SER A 125 3.75 -1.17 29.19
C SER A 125 5.15 -0.96 29.77
N ASN A 126 6.08 -0.49 28.95
CA ASN A 126 7.46 -0.29 29.37
C ASN A 126 7.98 1.11 29.05
N PRO A 127 7.44 2.14 29.75
CA PRO A 127 7.78 3.52 29.44
C PRO A 127 9.21 3.93 29.88
N LYS A 128 9.87 3.05 30.64
CA LYS A 128 11.15 3.38 31.24
C LYS A 128 12.22 3.36 30.14
N ASP A 129 11.97 2.60 29.09
CA ASP A 129 12.58 2.85 27.78
C ASP A 129 11.69 3.88 27.09
N TYR A 130 12.15 4.40 25.96
CA TYR A 130 11.44 5.50 25.28
C TYR A 130 11.42 6.80 26.09
N GLY A 131 11.09 7.89 25.42
CA GLY A 131 10.92 9.21 26.05
C GLY A 131 9.50 9.48 26.52
N VAL A 132 9.32 9.60 27.83
CA VAL A 132 8.02 9.86 28.43
C VAL A 132 7.56 11.31 28.27
N LEU A 133 6.32 11.49 27.83
CA LEU A 133 5.69 12.82 27.75
C LEU A 133 5.08 13.16 29.10
N VAL A 134 5.62 14.18 29.75
CA VAL A 134 4.93 14.81 30.87
C VAL A 134 4.09 15.98 30.36
N LEU A 135 2.84 16.02 30.78
CA LEU A 135 1.90 17.03 30.31
C LEU A 135 1.65 18.08 31.39
N ASP A 136 1.20 19.26 30.98
CA ASP A 136 0.73 20.27 31.94
C ASP A 136 -0.77 20.09 32.19
N ASN A 137 -1.35 21.02 32.95
CA ASN A 137 -2.75 20.92 33.37
C ASN A 137 -3.77 21.07 32.23
N GLN A 138 -3.30 21.48 31.05
CA GLN A 138 -4.18 21.64 29.88
C GLN A 138 -3.80 20.68 28.76
N ASN A 139 -3.15 19.57 29.15
CA ASN A 139 -2.62 18.57 28.21
C ASN A 139 -1.87 19.11 26.99
N ASN A 140 -0.86 19.93 27.25
CA ASN A 140 0.15 20.24 26.25
C ASN A 140 1.50 19.77 26.74
N LEU A 141 2.49 19.79 25.87
CA LEU A 141 3.79 19.25 26.21
C LEU A 141 4.47 20.13 27.24
N SER A 142 4.55 19.64 28.49
CA SER A 142 5.50 20.19 29.44
C SER A 142 6.92 19.88 28.95
N LYS A 143 7.34 18.62 29.05
CA LYS A 143 8.65 18.20 28.53
C LYS A 143 8.64 16.72 28.15
N ILE A 144 9.64 16.32 27.38
CA ILE A 144 9.92 14.90 27.14
C ILE A 144 11.13 14.44 27.95
N ILE A 145 10.89 13.60 28.97
CA ILE A 145 11.99 13.01 29.73
C ILE A 145 12.48 11.74 29.05
N GLU A 146 13.78 11.66 28.79
CA GLU A 146 14.36 10.44 28.21
C GLU A 146 14.60 9.37 29.28
N LYS A 147 14.10 8.16 29.02
CA LYS A 147 14.34 6.98 29.86
C LYS A 147 14.43 7.29 31.36
N PRO A 148 13.28 7.64 31.97
CA PRO A 148 13.30 8.29 33.27
C PRO A 148 13.61 7.41 34.48
N GLU A 149 13.44 6.10 34.36
CA GLU A 149 13.60 5.20 35.52
C GLU A 149 12.48 5.35 36.57
N ILE A 150 12.05 6.58 36.80
CA ILE A 150 10.92 6.87 37.67
C ILE A 150 9.81 7.48 36.82
N PRO A 151 9.13 6.64 36.02
CA PRO A 151 8.29 7.14 34.94
C PRO A 151 7.00 7.79 35.46
N PRO A 152 6.83 9.10 35.23
CA PRO A 152 5.63 9.83 35.66
C PRO A 152 4.32 9.24 35.17
N SER A 153 4.30 8.77 33.92
CA SER A 153 3.12 8.11 33.36
C SER A 153 3.54 7.08 32.33
N ASN A 154 2.55 6.44 31.71
CA ASN A 154 2.77 5.44 30.67
C ASN A 154 2.80 6.03 29.26
N LEU A 155 2.58 7.34 29.16
CA LEU A 155 2.39 8.02 27.88
C LEU A 155 3.74 8.47 27.33
N ILE A 156 4.17 7.87 26.22
CA ILE A 156 5.51 8.09 25.68
C ILE A 156 5.45 8.66 24.27
N ASN A 157 6.60 9.12 23.79
CA ASN A 157 6.67 9.82 22.51
C ASN A 157 6.53 8.83 21.37
N ALA A 158 5.43 8.94 20.64
CA ALA A 158 5.16 8.04 19.55
C ALA A 158 6.01 8.31 18.30
N GLY A 159 6.74 9.42 18.27
CA GLY A 159 7.66 9.71 17.18
C GLY A 159 7.02 10.17 15.87
N ILE A 160 5.74 10.57 15.93
CA ILE A 160 5.14 11.41 14.89
C ILE A 160 4.98 12.85 15.36
N TYR A 161 5.62 13.78 14.64
CA TYR A 161 5.58 15.21 14.98
C TYR A 161 4.97 16.01 13.83
N LYS A 162 4.19 17.03 14.19
CA LYS A 162 3.89 18.14 13.27
C LYS A 162 4.51 19.45 13.79
N LEU A 163 5.44 20.02 13.02
CA LEU A 163 6.33 21.06 13.55
C LEU A 163 6.51 22.19 12.56
N ASN A 164 6.64 23.41 13.09
CA ASN A 164 6.79 24.62 12.29
C ASN A 164 8.24 25.00 12.16
N SER A 165 8.54 25.97 11.32
CA SER A 165 9.92 26.31 11.01
C SER A 165 10.65 26.79 12.25
N ASP A 166 9.92 26.98 13.35
CA ASP A 166 10.51 27.51 14.57
C ASP A 166 11.48 26.52 15.18
N ILE A 167 11.32 25.24 14.85
CA ILE A 167 12.16 24.22 15.44
C ILE A 167 13.61 24.45 15.01
N PHE A 168 13.83 24.98 13.81
CA PHE A 168 15.19 25.21 13.31
C PHE A 168 15.91 26.20 14.20
N THR A 169 15.16 27.14 14.75
CA THR A 169 15.69 28.08 15.73
C THR A 169 16.17 27.32 16.95
N TYR A 170 15.27 26.52 17.53
CA TYR A 170 15.58 25.79 18.76
C TYR A 170 16.66 24.71 18.54
N LEU A 171 16.78 24.22 17.31
CA LEU A 171 17.83 23.27 16.96
C LEU A 171 19.24 23.85 17.03
N ASP A 172 19.38 25.13 16.71
CA ASP A 172 20.64 25.85 16.93
C ASP A 172 20.93 26.18 18.41
N LYS A 173 19.88 26.47 19.17
CA LYS A 173 20.02 26.78 20.58
C LYS A 173 20.67 25.61 21.30
N ILE A 174 20.10 24.43 21.14
CA ILE A 174 20.51 23.27 21.95
C ILE A 174 21.76 22.64 21.36
N SER A 175 22.54 21.99 22.21
CA SER A 175 23.83 21.43 21.81
C SER A 175 23.89 19.92 22.08
N ILE A 176 25.05 19.32 21.81
CA ILE A 176 25.19 17.87 21.75
C ILE A 176 24.85 17.18 23.07
N SER A 177 24.19 16.03 22.97
CA SER A 177 23.74 15.27 24.14
C SER A 177 24.83 14.33 24.67
N GLU A 178 24.50 13.63 25.76
CA GLU A 178 25.44 12.73 26.43
C GLU A 178 26.03 11.69 25.50
N ARG A 179 25.25 11.28 24.49
CA ARG A 179 25.67 10.20 23.58
C ARG A 179 26.18 10.74 22.24
N GLY A 180 26.52 12.03 22.20
CA GLY A 180 27.26 12.59 21.08
C GLY A 180 26.36 12.89 19.89
N GLU A 181 25.09 13.19 20.19
CA GLU A 181 24.06 13.35 19.16
C GLU A 181 23.26 14.66 19.32
N LEU A 182 22.65 15.11 18.22
CA LEU A 182 21.83 16.30 18.23
C LEU A 182 20.36 15.87 18.30
N GLU A 183 19.86 15.73 19.51
CA GLU A 183 18.53 15.22 19.75
C GLU A 183 17.47 16.24 19.33
N LEU A 184 16.63 15.87 18.36
CA LEU A 184 15.43 16.64 18.07
C LEU A 184 14.54 16.80 19.31
N THR A 185 14.50 15.78 20.15
CA THR A 185 13.63 15.82 21.33
C THR A 185 14.02 16.98 22.24
N ASP A 186 15.28 17.38 22.19
CA ASP A 186 15.72 18.51 23.01
C ASP A 186 15.15 19.80 22.42
N ALA A 187 15.17 19.88 21.09
CA ALA A 187 14.68 21.03 20.39
C ALA A 187 13.20 21.19 20.71
N ILE A 188 12.44 20.11 20.59
CA ILE A 188 11.01 20.15 20.90
C ILE A 188 10.78 20.54 22.36
N ASN A 189 11.68 20.16 23.25
CA ASN A 189 11.58 20.49 24.66
C ASN A 189 11.71 21.99 24.90
N LEU A 190 12.61 22.65 24.17
CA LEU A 190 12.77 24.10 24.24
C LEU A 190 11.55 24.76 23.64
N MET A 191 11.17 24.32 22.45
CA MET A 191 9.97 24.83 21.78
C MET A 191 8.74 24.83 22.69
N ALA A 192 8.65 23.88 23.62
CA ALA A 192 7.47 23.73 24.46
C ALA A 192 7.56 24.58 25.74
N LYS A 193 8.55 25.48 25.81
CA LYS A 193 8.77 26.33 26.99
C LYS A 193 8.52 27.87 26.87
N ASP A 194 7.87 28.36 25.81
CA ASP A 194 6.90 27.60 25.05
C ASP A 194 6.33 28.34 23.85
N HIS A 195 6.19 27.61 22.75
CA HIS A 195 4.90 27.45 22.09
C HIS A 195 4.03 26.47 22.90
N ARG A 196 2.69 26.61 22.84
CA ARG A 196 1.79 25.50 23.24
C ARG A 196 1.94 24.38 22.21
N VAL A 197 2.30 23.19 22.70
CA VAL A 197 2.53 22.03 21.82
C VAL A 197 1.55 20.92 22.19
N LYS A 198 0.70 20.56 21.22
CA LYS A 198 -0.49 19.76 21.51
C LYS A 198 -0.11 18.28 21.44
N VAL A 199 -0.65 17.50 22.38
CA VAL A 199 -0.32 16.06 22.48
C VAL A 199 -1.56 15.21 22.23
N ILE A 200 -1.61 14.64 21.03
CA ILE A 200 -2.71 13.74 20.63
C ILE A 200 -2.35 12.31 21.00
N GLU A 201 -3.21 11.64 21.76
CA GLU A 201 -2.99 10.25 22.14
C GLU A 201 -3.33 9.34 20.97
N TYR A 202 -2.47 8.35 20.72
CA TYR A 202 -2.64 7.45 19.60
C TYR A 202 -3.56 6.30 20.00
N GLU A 203 -4.35 5.82 19.03
CA GLU A 203 -5.35 4.81 19.34
C GLU A 203 -4.84 3.39 19.10
N GLY A 204 -4.40 3.11 17.88
CA GLY A 204 -4.34 1.74 17.38
C GLY A 204 -3.11 0.96 17.81
N TYR A 205 -2.56 0.19 16.88
CA TYR A 205 -1.38 -0.59 17.15
C TYR A 205 -0.16 0.26 16.86
N TRP A 206 0.81 0.19 17.77
CA TRP A 206 2.06 0.94 17.65
C TRP A 206 3.24 0.06 18.05
N MET A 207 4.32 0.19 17.30
CA MET A 207 5.54 -0.51 17.62
C MET A 207 6.71 0.15 16.91
N ASP A 208 7.78 0.40 17.64
CA ASP A 208 9.05 0.77 17.05
C ASP A 208 9.84 -0.49 16.91
N ILE A 209 10.60 -0.56 15.84
CA ILE A 209 11.42 -1.72 15.59
C ILE A 209 12.87 -1.46 16.00
N GLY A 210 13.11 -1.53 17.31
CA GLY A 210 14.42 -1.23 17.89
C GLY A 210 15.27 -2.46 18.00
N LYS A 211 14.73 -3.50 18.65
CA LYS A 211 15.46 -4.73 18.89
C LYS A 211 14.91 -5.86 18.02
N PRO A 212 15.74 -6.88 17.73
CA PRO A 212 15.47 -7.81 16.62
C PRO A 212 14.18 -8.60 16.79
N TRP A 213 13.80 -8.86 18.04
CA TRP A 213 12.57 -9.62 18.30
C TRP A 213 11.29 -8.83 18.05
N ASN A 214 11.43 -7.53 17.90
CA ASN A 214 10.35 -6.72 17.38
C ASN A 214 9.99 -7.02 15.92
N ILE A 215 10.96 -7.49 15.15
CA ILE A 215 10.66 -7.95 13.80
C ILE A 215 9.61 -9.06 13.87
N ILE A 216 9.71 -9.91 14.89
CA ILE A 216 8.71 -10.96 15.07
C ILE A 216 7.38 -10.33 15.47
N ASP A 217 7.45 -9.43 16.43
CA ASP A 217 6.27 -8.77 16.98
C ASP A 217 5.39 -8.21 15.87
N VAL A 218 5.90 -7.27 15.09
CA VAL A 218 5.06 -6.61 14.08
C VAL A 218 4.55 -7.59 13.04
N ASN A 219 5.38 -8.58 12.70
CA ASN A 219 5.02 -9.54 11.66
C ASN A 219 3.89 -10.47 12.11
N LYS A 220 3.85 -10.77 13.39
CA LYS A 220 2.73 -11.50 13.95
C LYS A 220 1.49 -10.66 13.83
N TRP A 221 1.62 -9.40 14.22
CA TRP A 221 0.48 -8.49 14.22
C TRP A 221 -0.06 -8.26 12.82
N ALA A 222 0.84 -8.08 11.87
CA ALA A 222 0.45 -7.94 10.46
C ALA A 222 -0.27 -9.15 9.91
N LEU A 223 0.26 -10.34 10.22
CA LEU A 223 -0.39 -11.58 9.80
C LEU A 223 -1.78 -11.76 10.43
N ASP A 224 -1.94 -11.22 11.64
CA ASP A 224 -3.22 -11.30 12.34
C ASP A 224 -4.26 -10.30 11.89
N ASN A 225 -3.80 -9.19 11.29
CA ASN A 225 -4.67 -8.01 11.10
C ASN A 225 -4.76 -7.46 9.67
N LEU A 226 -3.70 -7.59 8.89
CA LEU A 226 -3.62 -6.95 7.58
C LEU A 226 -3.92 -7.88 6.39
N VAL A 227 -3.98 -9.19 6.62
CA VAL A 227 -4.14 -10.13 5.52
C VAL A 227 -5.06 -11.27 5.94
N PHE A 228 -5.59 -11.97 4.94
CA PHE A 228 -6.65 -12.95 5.14
C PHE A 228 -6.46 -14.20 4.29
N SER A 229 -6.94 -15.33 4.81
CA SER A 229 -6.82 -16.62 4.13
C SER A 229 -7.02 -16.48 2.62
N GLN A 230 -6.00 -16.88 1.84
CA GLN A 230 -6.13 -16.99 0.41
C GLN A 230 -5.07 -17.94 -0.17
N ASN A 231 -5.21 -18.30 -1.44
CA ASN A 231 -4.22 -19.10 -2.12
C ASN A 231 -4.05 -18.75 -3.61
N LEU A 232 -3.10 -17.88 -3.90
CA LEU A 232 -2.79 -17.51 -5.28
C LEU A 232 -1.72 -18.41 -5.86
N GLY A 233 -1.32 -19.43 -5.12
CA GLY A 233 -0.24 -20.31 -5.53
C GLY A 233 -0.77 -21.71 -5.78
N ASN A 234 0.13 -22.69 -5.69
CA ASN A 234 -0.18 -24.06 -6.09
C ASN A 234 0.10 -25.02 -4.94
N VAL A 235 -0.88 -25.87 -4.67
CA VAL A 235 -0.78 -26.82 -3.59
C VAL A 235 -1.06 -28.21 -4.12
N GLU A 236 -0.17 -29.14 -3.87
CA GLU A 236 -0.34 -30.54 -4.29
C GLU A 236 -1.34 -31.28 -3.37
N ASP A 237 -1.60 -32.54 -3.71
CA ASP A 237 -2.39 -33.41 -2.85
C ASP A 237 -1.61 -33.84 -1.60
N ASN A 238 -2.33 -34.40 -0.63
CA ASN A 238 -1.80 -34.66 0.71
C ASN A 238 -1.03 -33.48 1.29
N VAL A 239 -1.60 -32.30 1.17
CA VAL A 239 -1.15 -31.15 1.95
C VAL A 239 -2.28 -30.78 2.90
N LYS A 240 -2.00 -30.79 4.20
CA LYS A 240 -2.98 -30.39 5.20
C LYS A 240 -2.82 -28.89 5.53
N ILE A 241 -3.93 -28.16 5.52
CA ILE A 241 -3.90 -26.74 5.84
C ILE A 241 -4.97 -26.42 6.88
N LYS A 242 -4.56 -25.74 7.94
CA LYS A 242 -5.51 -25.31 8.98
C LYS A 242 -5.30 -23.83 9.32
N GLY A 243 -6.38 -23.14 9.64
CA GLY A 243 -6.30 -21.76 10.09
C GLY A 243 -5.97 -20.77 8.99
N LYS A 244 -5.61 -19.56 9.39
CA LYS A 244 -5.27 -18.52 8.44
C LYS A 244 -3.98 -18.91 7.72
N VAL A 245 -4.07 -19.12 6.42
CA VAL A 245 -2.90 -19.35 5.62
C VAL A 245 -2.94 -18.52 4.35
N ILE A 246 -1.89 -17.74 4.12
CA ILE A 246 -1.78 -16.90 2.95
C ILE A 246 -0.72 -17.49 2.05
N ILE A 247 -1.13 -17.88 0.86
CA ILE A 247 -0.18 -18.40 -0.11
C ILE A 247 -0.15 -17.47 -1.31
N GLU A 248 0.98 -16.79 -1.47
CA GLU A 248 1.12 -15.81 -2.54
C GLU A 248 1.44 -16.50 -3.84
N GLU A 249 1.52 -15.73 -4.91
CA GLU A 249 1.57 -16.30 -6.24
C GLU A 249 2.93 -16.93 -6.53
N ASP A 250 2.92 -17.90 -7.44
CA ASP A 250 4.10 -18.65 -7.80
C ASP A 250 4.72 -19.40 -6.62
N ALA A 251 3.93 -19.64 -5.58
CA ALA A 251 4.41 -20.44 -4.43
C ALA A 251 3.95 -21.88 -4.57
N GLU A 252 4.90 -22.81 -4.52
CA GLU A 252 4.60 -24.21 -4.68
C GLU A 252 4.63 -24.83 -3.28
N ILE A 253 3.65 -25.70 -3.02
CA ILE A 253 3.63 -26.45 -1.78
C ILE A 253 3.40 -27.92 -2.08
N LYS A 254 4.36 -28.76 -1.69
CA LYS A 254 4.40 -30.14 -2.14
C LYS A 254 3.83 -31.11 -1.11
N SER A 255 3.48 -32.30 -1.59
CA SER A 255 2.73 -33.28 -0.81
C SER A 255 3.46 -33.63 0.49
N GLY A 256 2.68 -33.86 1.55
CA GLY A 256 3.23 -34.24 2.85
C GLY A 256 3.43 -33.07 3.78
N THR A 257 3.41 -31.87 3.22
CA THR A 257 3.46 -30.65 4.00
C THR A 257 2.22 -30.49 4.86
N TYR A 258 2.42 -29.94 6.05
CA TYR A 258 1.38 -29.81 7.05
C TYR A 258 1.50 -28.41 7.63
N ILE A 259 0.44 -27.61 7.52
CA ILE A 259 0.50 -26.19 7.85
C ILE A 259 -0.56 -25.79 8.89
N GLU A 260 -0.11 -25.28 10.02
CA GLU A 260 -1.01 -24.88 11.10
C GLU A 260 -0.90 -23.38 11.28
N GLY A 261 -1.97 -22.67 10.96
CA GLY A 261 -1.93 -21.21 10.85
C GLY A 261 -2.00 -20.52 12.21
N PRO A 262 -1.73 -19.21 12.22
CA PRO A 262 -1.57 -18.43 11.00
C PRO A 262 -0.18 -18.57 10.38
N VAL A 263 -0.13 -18.72 9.06
CA VAL A 263 1.12 -18.81 8.32
C VAL A 263 1.07 -17.88 7.11
N TYR A 264 2.21 -17.29 6.78
CA TYR A 264 2.33 -16.45 5.58
C TYR A 264 3.41 -17.04 4.71
N ILE A 265 3.04 -17.42 3.51
CA ILE A 265 4.01 -17.98 2.59
C ILE A 265 4.15 -17.03 1.42
N GLY A 266 5.32 -16.40 1.33
CA GLY A 266 5.55 -15.35 0.36
C GLY A 266 5.75 -15.83 -1.06
N LYS A 267 5.72 -14.89 -1.99
CA LYS A 267 5.70 -15.19 -3.41
C LYS A 267 6.96 -15.94 -3.82
N GLY A 268 6.78 -16.94 -4.67
CA GLY A 268 7.88 -17.67 -5.25
C GLY A 268 8.41 -18.81 -4.41
N SER A 269 7.82 -19.02 -3.24
CA SER A 269 8.41 -19.89 -2.24
C SER A 269 8.18 -21.33 -2.67
N GLU A 270 9.04 -22.23 -2.20
CA GLU A 270 8.91 -23.65 -2.51
C GLU A 270 8.92 -24.47 -1.22
N ILE A 271 7.75 -24.95 -0.81
CA ILE A 271 7.62 -25.71 0.43
C ILE A 271 7.48 -27.20 0.16
N GLY A 272 7.95 -28.03 1.09
CA GLY A 272 7.85 -29.49 0.96
C GLY A 272 8.89 -30.09 0.03
N PRO A 273 8.85 -31.40 -0.14
CA PRO A 273 7.83 -32.27 0.42
C PRO A 273 8.00 -32.51 1.91
N ASN A 274 6.94 -32.95 2.57
CA ASN A 274 6.98 -33.26 4.00
C ASN A 274 7.65 -32.17 4.85
N SER A 275 7.29 -30.91 4.62
CA SER A 275 7.61 -29.82 5.54
C SER A 275 6.48 -29.60 6.58
N TYR A 276 6.77 -28.81 7.60
CA TYR A 276 5.81 -28.56 8.65
C TYR A 276 5.90 -27.08 9.09
N LEU A 277 4.95 -26.26 8.64
CA LEU A 277 4.91 -24.88 9.05
C LEU A 277 3.88 -24.70 10.18
N ARG A 278 4.36 -24.21 11.31
CA ARG A 278 3.50 -23.93 12.46
C ARG A 278 3.16 -22.43 12.64
N PRO A 279 2.31 -22.12 13.62
CA PRO A 279 1.78 -20.78 13.69
C PRO A 279 2.83 -19.67 13.74
N TYR A 280 2.56 -18.57 13.02
CA TYR A 280 3.43 -17.41 12.93
C TYR A 280 4.73 -17.67 12.19
N THR A 281 4.71 -18.64 11.31
CA THR A 281 5.76 -18.78 10.33
C THR A 281 5.53 -17.68 9.32
N ILE A 282 6.51 -16.81 9.12
CA ILE A 282 6.45 -15.86 8.01
C ILE A 282 7.65 -16.06 7.06
N LEU A 283 7.32 -16.47 5.84
CA LEU A 283 8.32 -16.57 4.80
C LEU A 283 8.07 -15.41 3.85
N VAL A 284 8.94 -14.40 3.87
CA VAL A 284 8.63 -13.14 3.21
C VAL A 284 8.65 -13.22 1.68
N GLU A 285 9.60 -13.94 1.11
CA GLU A 285 9.73 -14.03 -0.34
C GLU A 285 10.69 -15.13 -0.77
N LYS A 286 10.28 -15.91 -1.75
CA LYS A 286 11.19 -16.81 -2.44
C LYS A 286 12.00 -17.68 -1.46
N ASN A 287 11.32 -18.21 -0.45
CA ASN A 287 11.98 -19.09 0.50
C ASN A 287 11.87 -20.55 0.14
N LYS A 288 12.93 -21.30 0.41
CA LYS A 288 12.95 -22.77 0.25
C LYS A 288 12.82 -23.43 1.62
N ILE A 289 11.75 -24.19 1.82
CA ILE A 289 11.63 -25.04 2.99
C ILE A 289 11.45 -26.47 2.52
N GLY A 290 12.17 -27.39 3.13
CA GLY A 290 12.39 -28.70 2.53
C GLY A 290 11.92 -29.85 3.41
N ALA A 291 12.33 -31.05 3.03
CA ALA A 291 11.87 -32.26 3.70
C ALA A 291 12.38 -32.34 5.11
N SER A 292 11.51 -32.80 6.00
CA SER A 292 11.82 -32.84 7.42
C SER A 292 12.39 -31.52 7.93
N VAL A 293 11.77 -30.42 7.51
CA VAL A 293 12.03 -29.09 8.09
C VAL A 293 10.79 -28.52 8.77
N GLU A 294 10.96 -27.99 9.98
CA GLU A 294 9.86 -27.46 10.76
C GLU A 294 10.15 -25.99 11.10
N VAL A 295 9.23 -25.10 10.78
CA VAL A 295 9.36 -23.69 11.13
C VAL A 295 8.26 -23.30 12.10
N LYS A 296 8.56 -22.38 13.02
CA LYS A 296 7.59 -21.90 13.99
C LYS A 296 7.90 -20.47 14.43
N GLU A 297 6.87 -19.62 14.43
CA GLU A 297 6.98 -18.25 14.95
C GLU A 297 8.31 -17.60 14.58
N SER A 298 8.59 -17.56 13.29
CA SER A 298 9.88 -17.08 12.79
C SER A 298 9.68 -16.25 11.54
N VAL A 299 10.52 -15.26 11.36
CA VAL A 299 10.48 -14.45 10.15
C VAL A 299 11.70 -14.81 9.33
N ILE A 300 11.46 -15.24 8.10
CA ILE A 300 12.53 -15.74 7.27
C ILE A 300 12.50 -14.91 6.01
N MET A 301 13.58 -14.18 5.77
CA MET A 301 13.54 -13.13 4.78
C MET A 301 13.93 -13.62 3.38
N GLU A 302 14.04 -12.66 2.45
CA GLU A 302 14.10 -12.92 1.02
C GLU A 302 15.15 -13.94 0.62
N GLY A 303 14.70 -15.02 0.00
CA GLY A 303 15.59 -15.92 -0.70
C GLY A 303 16.33 -16.91 0.18
N SER A 304 16.07 -16.89 1.48
CA SER A 304 16.75 -17.78 2.41
C SER A 304 16.20 -19.21 2.32
N LYS A 305 17.06 -20.19 2.59
CA LYS A 305 16.72 -21.58 2.30
C LYS A 305 17.02 -22.47 3.51
N ILE A 306 16.04 -23.27 3.89
CA ILE A 306 16.19 -24.27 4.93
C ILE A 306 15.80 -25.64 4.33
N PRO A 307 16.73 -26.29 3.63
CA PRO A 307 16.35 -27.40 2.77
C PRO A 307 16.19 -28.79 3.41
N HIS A 308 16.88 -29.08 4.53
CA HIS A 308 16.81 -30.42 5.13
C HIS A 308 16.91 -30.47 6.65
N LEU A 309 16.04 -31.27 7.27
CA LEU A 309 16.28 -31.81 8.59
C LEU A 309 16.65 -30.70 9.58
N SER A 310 15.81 -29.67 9.67
CA SER A 310 16.04 -28.54 10.57
C SER A 310 14.78 -28.11 11.30
N TYR A 311 14.97 -27.52 12.49
CA TYR A 311 13.90 -26.87 13.20
C TYR A 311 14.27 -25.43 13.52
N VAL A 312 13.47 -24.50 13.01
CA VAL A 312 13.67 -23.08 13.26
C VAL A 312 12.47 -22.58 14.06
N GLY A 313 12.71 -22.18 15.31
CA GLY A 313 11.66 -21.66 16.17
C GLY A 313 11.98 -20.27 16.69
N ASP A 314 10.99 -19.39 16.70
CA ASP A 314 11.09 -18.11 17.39
C ASP A 314 12.31 -17.31 16.97
N SER A 315 12.58 -17.29 15.68
CA SER A 315 13.84 -16.75 15.18
C SER A 315 13.59 -15.69 14.09
N VAL A 316 14.64 -14.95 13.76
CA VAL A 316 14.62 -14.07 12.61
C VAL A 316 15.82 -14.37 11.76
N ILE A 317 15.56 -14.81 10.55
CA ILE A 317 16.62 -15.16 9.62
C ILE A 317 16.53 -14.16 8.49
N ALA A 318 17.65 -13.51 8.20
CA ALA A 318 17.67 -12.46 7.19
C ALA A 318 17.91 -13.06 5.81
N GLU A 319 18.26 -12.21 4.86
CA GLU A 319 18.13 -12.56 3.45
C GLU A 319 19.26 -13.46 2.96
N ASP A 320 18.97 -14.27 1.94
CA ASP A 320 19.98 -15.10 1.28
C ASP A 320 20.81 -15.89 2.29
N VAL A 321 20.16 -16.44 3.29
CA VAL A 321 20.81 -17.36 4.22
C VAL A 321 20.66 -18.78 3.74
N ASN A 322 21.62 -19.62 4.11
CA ASN A 322 21.52 -21.06 3.83
C ASN A 322 21.86 -21.87 5.06
N PHE A 323 20.87 -22.60 5.56
CA PHE A 323 21.09 -23.57 6.64
C PHE A 323 21.50 -24.92 6.04
N GLY A 324 22.64 -25.43 6.48
CA GLY A 324 23.06 -26.78 6.12
C GLY A 324 22.16 -27.84 6.74
N ALA A 325 22.08 -29.00 6.10
CA ALA A 325 21.25 -30.07 6.63
C ALA A 325 21.58 -30.27 8.12
N GLY A 326 20.55 -30.43 8.94
CA GLY A 326 20.74 -30.74 10.34
C GLY A 326 21.02 -29.54 11.23
N THR A 327 20.96 -28.33 10.67
CA THR A 327 21.09 -27.12 11.48
C THR A 327 19.88 -26.99 12.40
N LEU A 328 20.13 -26.84 13.68
CA LEU A 328 19.05 -26.69 14.65
C LEU A 328 19.21 -25.42 15.50
N ILE A 329 18.07 -24.83 15.83
CA ILE A 329 18.04 -23.71 16.73
C ILE A 329 17.33 -24.11 18.03
N ALA A 330 18.01 -23.92 19.14
CA ALA A 330 17.38 -23.96 20.46
C ALA A 330 16.63 -22.65 20.75
N ASN A 331 15.44 -22.76 21.35
CA ASN A 331 14.63 -21.58 21.62
C ASN A 331 14.10 -21.50 23.06
N LEU A 332 14.51 -22.46 23.89
CA LEU A 332 14.11 -22.46 25.30
C LEU A 332 15.32 -22.72 26.16
N ARG A 333 15.42 -21.98 27.25
CA ARG A 333 16.50 -22.16 28.19
C ARG A 333 16.11 -23.23 29.17
N PHE A 334 17.10 -23.88 29.74
CA PHE A 334 16.91 -25.01 30.64
C PHE A 334 16.02 -24.61 31.85
N ASP A 335 16.29 -23.42 32.38
CA ASP A 335 15.56 -22.88 33.54
C ASP A 335 14.24 -22.18 33.19
N GLU A 336 13.98 -22.02 31.90
CA GLU A 336 12.75 -21.41 31.39
C GLU A 336 12.61 -19.93 31.71
N LYS A 337 13.69 -19.32 32.18
CA LYS A 337 13.73 -17.87 32.30
C LYS A 337 13.73 -17.26 30.91
N GLU A 338 13.40 -15.97 30.85
CA GLU A 338 13.41 -15.24 29.61
C GLU A 338 14.81 -15.26 28.98
N VAL A 339 14.84 -15.39 27.65
CA VAL A 339 16.08 -15.50 26.92
C VAL A 339 16.69 -14.12 26.81
N LYS A 340 18.00 -14.03 27.02
CA LYS A 340 18.68 -12.74 26.99
C LYS A 340 19.49 -12.62 25.71
N VAL A 341 19.65 -11.38 25.26
CA VAL A 341 20.32 -11.06 24.02
C VAL A 341 21.28 -9.90 24.31
N ASN A 342 22.47 -9.96 23.75
CA ASN A 342 23.35 -8.79 23.74
C ASN A 342 22.91 -7.77 22.68
N VAL A 343 22.68 -6.55 23.15
CA VAL A 343 22.25 -5.48 22.29
C VAL A 343 23.19 -4.33 22.62
N LYS A 344 23.94 -3.88 21.61
CA LYS A 344 25.01 -2.90 21.81
C LYS A 344 25.88 -3.29 23.01
N GLY A 345 26.29 -4.56 23.06
CA GLY A 345 27.25 -5.02 24.08
C GLY A 345 26.66 -5.21 25.46
N LYS A 346 25.36 -4.94 25.58
CA LYS A 346 24.66 -5.01 26.87
C LYS A 346 23.70 -6.20 26.84
N ARG A 347 23.78 -7.02 27.88
CA ARG A 347 23.01 -8.25 28.00
C ARG A 347 21.65 -7.96 28.64
N ILE A 348 20.59 -8.30 27.92
CA ILE A 348 19.31 -7.62 28.04
C ILE A 348 18.29 -8.71 27.91
N SER A 349 17.24 -8.67 28.72
CA SER A 349 16.14 -9.60 28.52
C SER A 349 15.31 -9.25 27.29
N SER A 350 14.91 -10.27 26.55
CA SER A 350 14.05 -10.13 25.38
C SER A 350 12.57 -10.12 25.74
N GLY A 351 12.27 -10.39 27.00
CA GLY A 351 10.89 -10.51 27.44
C GLY A 351 10.19 -11.75 26.92
N ARG A 352 10.95 -12.65 26.29
CA ARG A 352 10.39 -13.87 25.72
C ARG A 352 10.91 -15.11 26.43
N ARG A 353 10.00 -15.99 26.84
CA ARG A 353 10.39 -17.28 27.42
C ARG A 353 10.96 -18.19 26.35
N LYS A 354 10.42 -18.06 25.15
CA LYS A 354 10.91 -18.80 23.99
C LYS A 354 11.44 -17.88 22.89
N LEU A 355 12.76 -17.90 22.71
CA LEU A 355 13.39 -17.10 21.67
C LEU A 355 14.54 -17.87 21.06
N GLY A 356 14.61 -17.86 19.74
CA GLY A 356 15.63 -18.60 19.02
C GLY A 356 16.84 -17.75 18.70
N ALA A 357 17.19 -17.69 17.42
CA ALA A 357 18.37 -16.95 16.97
C ALA A 357 18.01 -15.78 16.03
N PHE A 358 18.94 -14.84 15.91
CA PHE A 358 18.88 -13.83 14.86
C PHE A 358 20.08 -14.02 13.93
N ILE A 359 19.79 -14.46 12.70
CA ILE A 359 20.82 -14.73 11.71
C ILE A 359 20.91 -13.56 10.73
N GLY A 360 22.12 -13.07 10.51
CA GLY A 360 22.35 -12.04 9.51
C GLY A 360 22.32 -12.52 8.07
N GLY A 361 22.29 -11.57 7.14
CA GLY A 361 22.18 -11.89 5.71
C GLY A 361 23.39 -12.66 5.21
N HIS A 362 23.15 -13.56 4.27
CA HIS A 362 24.22 -14.25 3.56
C HIS A 362 25.03 -15.17 4.45
N VAL A 363 24.51 -15.47 5.63
CA VAL A 363 25.09 -16.51 6.47
C VAL A 363 24.95 -17.89 5.82
N ARG A 364 25.99 -18.71 5.96
CA ARG A 364 25.84 -20.13 5.66
C ARG A 364 26.22 -20.95 6.88
N THR A 365 25.35 -21.90 7.27
CA THR A 365 25.71 -22.87 8.29
C THR A 365 26.04 -24.17 7.63
N GLY A 366 27.08 -24.82 8.12
CA GLY A 366 27.39 -26.20 7.70
C GLY A 366 26.35 -27.18 8.21
N ILE A 367 26.49 -28.44 7.82
CA ILE A 367 25.60 -29.47 8.30
C ILE A 367 25.81 -29.70 9.78
N ASN A 368 24.74 -30.09 10.47
CA ASN A 368 24.78 -30.46 11.89
C ASN A 368 25.23 -29.31 12.80
N VAL A 369 24.98 -28.08 12.37
CA VAL A 369 25.21 -26.91 13.21
C VAL A 369 24.14 -26.76 14.29
N THR A 370 24.52 -26.20 15.42
CA THR A 370 23.71 -26.19 16.64
C THR A 370 23.79 -24.81 17.26
N ILE A 371 22.68 -24.10 17.28
CA ILE A 371 22.67 -22.69 17.67
C ILE A 371 21.84 -22.50 18.94
N LEU A 372 22.38 -21.75 19.89
CA LEU A 372 21.75 -21.63 21.21
C LEU A 372 20.85 -20.40 21.30
N PRO A 373 20.00 -20.34 22.34
CA PRO A 373 18.95 -19.31 22.39
C PRO A 373 19.55 -17.95 22.51
N GLY A 374 18.94 -16.95 21.86
CA GLY A 374 19.34 -15.55 22.01
C GLY A 374 20.52 -15.15 21.12
N VAL A 375 21.17 -16.15 20.54
CA VAL A 375 22.40 -15.92 19.82
C VAL A 375 22.20 -14.98 18.63
N LYS A 376 23.18 -14.12 18.38
CA LYS A 376 23.21 -13.35 17.16
C LYS A 376 24.35 -13.82 16.28
N ILE A 377 24.06 -14.08 15.01
CA ILE A 377 25.09 -14.43 14.04
C ILE A 377 25.20 -13.34 12.97
N GLY A 378 26.39 -12.79 12.80
CA GLY A 378 26.61 -11.68 11.88
C GLY A 378 26.47 -12.05 10.41
N ALA A 379 25.95 -11.11 9.63
CA ALA A 379 25.99 -11.20 8.17
C ALA A 379 27.29 -11.79 7.67
N TYR A 380 27.18 -12.65 6.68
CA TYR A 380 28.32 -13.18 5.95
C TYR A 380 29.17 -14.17 6.75
N ALA A 381 28.74 -14.48 7.97
CA ALA A 381 29.38 -15.53 8.76
C ALA A 381 29.27 -16.90 8.12
N ARG A 382 30.22 -17.75 8.44
CA ARG A 382 30.15 -19.16 8.08
C ARG A 382 30.33 -19.96 9.36
N ILE A 383 29.41 -20.87 9.64
CA ILE A 383 29.54 -21.77 10.76
C ILE A 383 30.04 -23.14 10.28
N TYR A 384 31.17 -23.58 10.81
CA TYR A 384 31.74 -24.88 10.44
C TYR A 384 30.80 -26.03 10.81
N PRO A 385 30.78 -27.09 9.99
CA PRO A 385 30.00 -28.27 10.31
C PRO A 385 30.21 -28.77 11.72
N GLY A 386 29.11 -29.07 12.42
CA GLY A 386 29.20 -29.63 13.76
C GLY A 386 29.40 -28.60 14.87
N ALA A 387 29.68 -27.36 14.50
CA ALA A 387 29.89 -26.33 15.48
C ALA A 387 28.70 -26.19 16.43
N VAL A 388 28.98 -25.89 17.70
CA VAL A 388 27.96 -25.43 18.63
C VAL A 388 28.13 -23.93 18.84
N VAL A 389 27.22 -23.15 18.29
CA VAL A 389 27.28 -21.70 18.41
C VAL A 389 26.68 -21.25 19.74
N ASN A 390 27.53 -20.98 20.71
CA ASN A 390 27.08 -20.57 22.03
C ASN A 390 27.53 -19.15 22.40
N ARG A 391 27.84 -18.36 21.39
CA ARG A 391 28.10 -16.94 21.56
C ARG A 391 27.76 -16.19 20.31
N ASP A 392 27.60 -14.88 20.42
CA ASP A 392 27.37 -14.05 19.23
C ASP A 392 28.56 -14.22 18.29
N VAL A 393 28.27 -14.10 16.99
CA VAL A 393 29.25 -14.34 15.95
C VAL A 393 29.38 -13.10 15.09
N GLY A 394 30.60 -12.74 14.75
CA GLY A 394 30.88 -11.49 14.06
C GLY A 394 30.46 -11.47 12.59
N TYR A 395 30.19 -10.27 12.10
CA TYR A 395 30.23 -10.00 10.67
C TYR A 395 31.41 -10.72 10.03
N GLY A 396 31.13 -11.60 9.09
CA GLY A 396 32.18 -12.22 8.29
C GLY A 396 32.92 -13.36 8.97
N GLU A 397 32.58 -13.64 10.23
CA GLU A 397 33.37 -14.58 11.04
C GLU A 397 33.28 -16.02 10.54
N PHE A 398 34.41 -16.71 10.50
CA PHE A 398 34.43 -18.15 10.19
C PHE A 398 34.55 -18.84 11.53
N PHE A 399 33.40 -19.16 12.10
CA PHE A 399 33.30 -19.74 13.44
C PHE A 399 33.43 -21.23 13.27
N LYS A 400 34.53 -21.81 13.74
CA LYS A 400 34.81 -23.21 13.43
C LYS A 400 34.97 -24.13 14.65
N VAL A 401 34.78 -23.59 15.85
CA VAL A 401 34.69 -24.41 17.07
C VAL A 401 34.15 -23.59 18.24
N MET B 1 -11.30 9.36 -41.97
CA MET B 1 -11.33 9.80 -40.55
C MET B 1 -10.95 8.67 -39.61
N LYS B 2 -9.83 8.82 -38.90
CA LYS B 2 -9.43 7.89 -37.84
C LYS B 2 -10.28 8.09 -36.60
N ALA B 3 -10.37 7.05 -35.77
CA ALA B 3 -11.03 7.17 -34.48
C ALA B 3 -10.30 6.36 -33.40
N PHE B 4 -10.31 6.90 -32.19
CA PHE B 4 -9.68 6.27 -31.05
C PHE B 4 -10.65 6.09 -29.90
N ILE B 5 -10.68 4.87 -29.35
CA ILE B 5 -11.40 4.58 -28.12
C ILE B 5 -10.42 4.48 -26.94
N LEU B 6 -10.59 5.35 -25.94
CA LEU B 6 -9.72 5.37 -24.76
C LEU B 6 -10.17 4.41 -23.65
N ALA B 7 -9.42 3.33 -23.46
CA ALA B 7 -9.86 2.17 -22.65
C ALA B 7 -8.76 1.63 -21.77
N ALA B 8 -7.95 2.53 -21.22
CA ALA B 8 -6.74 2.15 -20.49
C ALA B 8 -6.71 2.72 -19.06
N GLY B 9 -7.89 3.06 -18.55
CA GLY B 9 -8.08 3.18 -17.12
C GLY B 9 -7.85 1.83 -16.44
N SER B 10 -7.97 1.84 -15.13
CA SER B 10 -7.87 0.61 -14.31
C SER B 10 -9.26 0.02 -14.02
N GLY B 11 -10.28 0.75 -14.43
CA GLY B 11 -11.59 0.76 -13.78
C GLY B 11 -11.58 0.17 -12.38
N GLU B 12 -10.90 0.87 -11.49
CA GLU B 12 -10.97 0.58 -10.07
C GLU B 12 -12.38 0.78 -9.49
N ARG B 13 -13.05 1.85 -9.93
CA ARG B 13 -14.36 2.22 -9.38
C ARG B 13 -15.41 1.15 -9.68
N LEU B 14 -15.10 0.30 -10.64
CA LEU B 14 -16.05 -0.70 -11.14
C LEU B 14 -15.70 -2.10 -10.63
N GLU B 15 -14.80 -2.16 -9.66
CA GLU B 15 -14.54 -3.41 -8.96
C GLU B 15 -15.78 -3.82 -8.18
N PRO B 16 -16.07 -5.13 -8.13
CA PRO B 16 -15.10 -6.20 -8.42
C PRO B 16 -15.18 -6.69 -9.85
N ILE B 17 -16.09 -6.10 -10.62
CA ILE B 17 -16.31 -6.57 -11.98
C ILE B 17 -15.01 -6.58 -12.76
N THR B 18 -14.16 -5.59 -12.50
CA THR B 18 -12.98 -5.32 -13.31
C THR B 18 -11.76 -6.08 -12.80
N HIS B 19 -11.91 -6.84 -11.73
CA HIS B 19 -10.87 -7.82 -11.32
C HIS B 19 -10.53 -8.80 -12.44
N THR B 20 -11.50 -9.10 -13.30
CA THR B 20 -11.40 -10.22 -14.25
C THR B 20 -11.71 -9.83 -15.67
N ARG B 21 -12.14 -8.58 -15.91
CA ARG B 21 -12.35 -8.09 -17.28
C ARG B 21 -12.14 -6.59 -17.35
N PRO B 22 -11.63 -6.09 -18.49
CA PRO B 22 -11.60 -4.65 -18.72
C PRO B 22 -13.01 -4.12 -18.74
N LYS B 23 -13.18 -2.87 -18.33
CA LYS B 23 -14.47 -2.24 -18.41
C LYS B 23 -15.08 -2.31 -19.82
N ALA B 24 -14.24 -2.42 -20.84
CA ALA B 24 -14.69 -2.40 -22.22
C ALA B 24 -15.54 -3.60 -22.56
N PHE B 25 -15.42 -4.66 -21.77
CA PHE B 25 -16.17 -5.90 -22.00
C PHE B 25 -17.26 -6.14 -20.94
N VAL B 26 -17.63 -5.07 -20.23
CA VAL B 26 -18.83 -5.12 -19.43
C VAL B 26 -20.00 -5.46 -20.34
N PRO B 27 -20.73 -6.53 -20.01
CA PRO B 27 -21.80 -6.98 -20.88
C PRO B 27 -23.02 -6.08 -20.74
N ILE B 28 -23.55 -5.66 -21.87
CA ILE B 28 -24.88 -5.06 -21.94
C ILE B 28 -25.73 -5.97 -22.78
N LEU B 29 -26.61 -6.71 -22.13
CA LEU B 29 -27.20 -7.91 -22.68
C LEU B 29 -26.10 -8.86 -23.20
N SER B 30 -26.16 -9.29 -24.45
CA SER B 30 -25.23 -10.28 -24.97
C SER B 30 -23.90 -9.66 -25.40
N LYS B 31 -23.87 -8.34 -25.59
CA LYS B 31 -22.74 -7.68 -26.25
C LYS B 31 -21.94 -6.85 -25.25
N PRO B 32 -20.60 -6.87 -25.36
CA PRO B 32 -19.75 -6.02 -24.54
C PRO B 32 -19.86 -4.54 -24.88
N LEU B 33 -19.64 -3.68 -23.89
CA LEU B 33 -19.75 -2.23 -24.06
C LEU B 33 -19.05 -1.72 -25.34
N ILE B 34 -17.83 -2.17 -25.57
CA ILE B 34 -17.01 -1.61 -26.64
C ILE B 34 -17.61 -1.92 -28.01
N GLU B 35 -18.31 -3.05 -28.12
CA GLU B 35 -18.91 -3.48 -29.38
C GLU B 35 -20.01 -2.52 -29.82
N TYR B 36 -20.78 -2.03 -28.86
CA TYR B 36 -21.76 -1.00 -29.14
C TYR B 36 -21.09 0.24 -29.69
N GLN B 37 -19.92 0.59 -29.16
CA GLN B 37 -19.19 1.79 -29.59
C GLN B 37 -18.74 1.62 -31.04
N ILE B 38 -17.98 0.56 -31.28
CA ILE B 38 -17.52 0.23 -32.62
C ILE B 38 -18.69 0.17 -33.60
N GLU B 39 -19.74 -0.53 -33.20
CA GLU B 39 -20.96 -0.64 -34.00
C GLU B 39 -21.51 0.73 -34.42
N TYR B 40 -21.61 1.65 -33.47
CA TYR B 40 -22.21 2.95 -33.72
C TYR B 40 -21.26 3.91 -34.46
N LEU B 41 -19.95 3.74 -34.26
CA LEU B 41 -18.97 4.44 -35.08
C LEU B 41 -19.16 4.09 -36.56
N ARG B 42 -19.29 2.80 -36.84
CA ARG B 42 -19.38 2.32 -38.22
C ARG B 42 -20.62 2.84 -38.92
N LYS B 43 -21.70 3.02 -38.17
CA LYS B 43 -22.89 3.66 -38.71
C LYS B 43 -22.60 5.08 -39.21
N CYS B 44 -21.44 5.63 -38.86
CA CYS B 44 -20.96 6.90 -39.41
C CYS B 44 -19.88 6.71 -40.47
N GLY B 45 -19.34 5.51 -40.57
CA GLY B 45 -18.57 5.07 -41.72
C GLY B 45 -17.09 4.95 -41.46
N ILE B 46 -16.73 4.78 -40.19
CA ILE B 46 -15.44 5.22 -39.69
C ILE B 46 -14.33 4.21 -39.98
N ARG B 47 -14.62 2.93 -39.82
CA ARG B 47 -13.82 1.91 -40.49
C ARG B 47 -12.41 1.71 -39.85
N ASP B 48 -11.62 2.77 -39.76
CA ASP B 48 -10.34 2.71 -39.04
C ASP B 48 -10.51 3.08 -37.56
N ILE B 49 -10.73 2.06 -36.74
CA ILE B 49 -10.91 2.26 -35.30
C ILE B 49 -9.73 1.68 -34.53
N THR B 50 -9.23 2.45 -33.56
CA THR B 50 -8.14 2.00 -32.69
C THR B 50 -8.57 2.13 -31.24
N VAL B 51 -8.24 1.12 -30.44
CA VAL B 51 -8.50 1.14 -28.99
C VAL B 51 -7.20 1.30 -28.20
N ILE B 52 -7.11 2.36 -27.40
CA ILE B 52 -5.97 2.57 -26.52
C ILE B 52 -6.24 1.81 -25.23
N VAL B 53 -5.44 0.79 -24.99
CA VAL B 53 -5.59 -0.05 -23.80
C VAL B 53 -4.34 0.05 -22.95
N SER B 54 -4.37 -0.60 -21.79
CA SER B 54 -3.18 -0.73 -20.96
C SER B 54 -2.67 -2.14 -21.07
N SER B 55 -1.45 -2.26 -21.59
CA SER B 55 -0.67 -3.48 -21.43
C SER B 55 -0.46 -3.70 -19.95
N LYS B 56 -0.47 -4.94 -19.50
CA LYS B 56 -1.50 -5.92 -19.83
C LYS B 56 -2.68 -5.53 -18.96
N ASN B 57 -3.83 -5.24 -19.54
CA ASN B 57 -4.58 -6.20 -20.35
C ASN B 57 -4.60 -5.83 -21.83
N LYS B 58 -3.49 -6.10 -22.50
CA LYS B 58 -3.34 -5.77 -23.92
C LYS B 58 -4.26 -6.61 -24.80
N GLU B 59 -4.90 -7.63 -24.24
CA GLU B 59 -4.23 -8.85 -23.85
C GLU B 59 -4.91 -10.01 -24.54
N TYR B 60 -5.90 -10.61 -23.89
CA TYR B 60 -7.30 -10.10 -23.76
C TYR B 60 -7.95 -9.39 -24.96
N PHE B 61 -7.89 -8.06 -24.99
CA PHE B 61 -8.42 -7.29 -26.13
C PHE B 61 -8.11 -7.92 -27.48
N GLU B 62 -6.89 -8.43 -27.63
CA GLU B 62 -6.48 -9.13 -28.85
C GLU B 62 -7.33 -10.38 -29.07
N LYS B 63 -7.44 -11.20 -28.03
CA LYS B 63 -8.32 -12.39 -28.07
C LYS B 63 -9.76 -12.04 -28.45
N LYS B 64 -10.24 -10.90 -27.94
CA LYS B 64 -11.66 -10.53 -28.07
C LYS B 64 -11.99 -9.71 -29.31
N LEU B 65 -10.99 -9.04 -29.87
CA LEU B 65 -11.22 -8.15 -31.02
C LEU B 65 -10.23 -8.36 -32.17
N LYS B 66 -10.74 -8.58 -33.38
CA LYS B 66 -9.93 -8.41 -34.61
C LYS B 66 -10.78 -7.86 -35.75
N GLU B 67 -10.14 -7.48 -36.85
CA GLU B 67 -8.86 -6.75 -36.80
C GLU B 67 -9.12 -5.27 -36.54
N ILE B 68 -9.45 -4.98 -35.29
CA ILE B 68 -9.48 -3.62 -34.79
C ILE B 68 -8.11 -3.39 -34.15
N SER B 69 -7.59 -2.18 -34.30
CA SER B 69 -6.24 -1.88 -33.87
C SER B 69 -6.19 -1.79 -32.35
N ILE B 70 -5.34 -2.62 -31.74
CA ILE B 70 -5.09 -2.53 -30.30
C ILE B 70 -3.71 -1.96 -30.03
N VAL B 71 -3.68 -0.84 -29.31
CA VAL B 71 -2.45 -0.10 -29.07
C VAL B 71 -2.39 0.25 -27.59
N THR B 72 -1.25 0.01 -26.96
CA THR B 72 -1.12 0.20 -25.52
C THR B 72 -0.83 1.65 -25.18
N GLN B 73 -0.86 1.95 -23.90
CA GLN B 73 -0.50 3.27 -23.39
C GLN B 73 0.92 3.23 -22.82
N LYS B 74 1.60 4.38 -22.82
CA LYS B 74 3.07 4.41 -22.61
C LYS B 74 3.56 5.33 -21.50
N ASP B 75 4.71 4.95 -20.92
CA ASP B 75 5.46 5.76 -19.96
C ASP B 75 4.67 5.91 -18.66
N ASP B 76 5.26 5.46 -17.54
CA ASP B 76 4.50 5.23 -16.30
C ASP B 76 3.70 6.45 -15.87
N ILE B 77 3.16 7.17 -16.85
CA ILE B 77 2.34 8.36 -16.64
C ILE B 77 0.90 8.08 -17.10
N LYS B 78 -0.07 8.29 -16.20
CA LYS B 78 -1.46 7.98 -16.47
C LYS B 78 -2.26 9.17 -16.99
N GLY B 79 -3.46 8.90 -17.48
CA GLY B 79 -4.42 9.93 -17.87
C GLY B 79 -4.95 9.78 -19.29
N THR B 80 -6.11 10.35 -19.54
CA THR B 80 -6.66 10.42 -20.90
C THR B 80 -5.70 11.14 -21.83
N GLY B 81 -5.00 12.13 -21.30
CA GLY B 81 -3.97 12.84 -22.05
C GLY B 81 -2.82 11.92 -22.44
N ALA B 82 -2.39 11.11 -21.49
CA ALA B 82 -1.34 10.10 -21.77
C ALA B 82 -1.80 9.06 -22.81
N ALA B 83 -3.10 8.84 -22.89
CA ALA B 83 -3.67 7.85 -23.79
C ALA B 83 -3.49 8.22 -25.26
N ILE B 84 -3.90 9.43 -25.65
CA ILE B 84 -3.76 9.85 -27.05
C ILE B 84 -2.30 10.11 -27.46
N LEU B 85 -1.41 10.29 -26.50
CA LEU B 85 0.03 10.45 -26.81
C LEU B 85 0.56 9.18 -27.44
N SER B 86 -0.08 8.06 -27.13
CA SER B 86 0.21 6.77 -27.77
C SER B 86 -0.57 6.59 -29.09
N ALA B 87 -1.60 7.40 -29.28
CA ALA B 87 -2.38 7.41 -30.52
C ALA B 87 -1.65 8.16 -31.61
N LYS B 88 -1.48 7.50 -32.75
CA LYS B 88 -0.78 8.08 -33.87
C LYS B 88 -1.78 8.51 -34.95
N PHE B 89 -1.97 9.82 -35.07
CA PHE B 89 -2.76 10.37 -36.16
C PHE B 89 -2.26 11.73 -36.66
N ASN B 90 -2.19 11.86 -37.99
CA ASN B 90 -2.01 13.15 -38.64
C ASN B 90 -3.35 13.76 -39.08
N ASP B 91 -3.46 15.07 -38.91
CA ASP B 91 -4.60 15.85 -39.39
C ASP B 91 -5.76 15.91 -38.38
N GLU B 92 -6.78 15.05 -38.51
CA GLU B 92 -7.86 14.98 -37.52
C GLU B 92 -8.02 13.57 -36.95
N ALA B 93 -8.81 13.46 -35.87
CA ALA B 93 -9.27 12.18 -35.36
C ALA B 93 -10.53 12.36 -34.53
N LEU B 94 -11.27 11.25 -34.36
CA LEU B 94 -12.38 11.19 -33.42
C LEU B 94 -11.94 10.45 -32.16
N ILE B 95 -11.96 11.14 -31.03
CA ILE B 95 -11.62 10.53 -29.76
C ILE B 95 -12.89 10.30 -28.93
N ILE B 96 -13.04 9.08 -28.42
CA ILE B 96 -14.21 8.71 -27.65
C ILE B 96 -13.82 7.94 -26.39
N ASN B 97 -14.33 8.36 -25.24
CA ASN B 97 -14.03 7.70 -23.96
C ASN B 97 -14.62 6.30 -23.92
N GLY B 98 -13.79 5.32 -23.58
CA GLY B 98 -14.15 3.91 -23.72
C GLY B 98 -15.06 3.37 -22.63
N ASP B 99 -15.58 4.28 -21.81
CA ASP B 99 -16.49 3.90 -20.75
C ASP B 99 -17.86 4.54 -20.95
N LEU B 100 -18.16 4.95 -22.18
CA LEU B 100 -19.42 5.59 -22.51
C LEU B 100 -20.35 4.58 -23.15
N PHE B 101 -21.63 4.67 -22.81
CA PHE B 101 -22.68 4.11 -23.63
C PHE B 101 -23.57 5.23 -24.14
N PHE B 102 -23.78 5.26 -25.45
CA PHE B 102 -24.70 6.23 -26.08
C PHE B 102 -25.59 5.54 -27.11
N SER B 103 -26.83 6.00 -27.20
CA SER B 103 -27.85 5.29 -27.98
C SER B 103 -27.72 5.57 -29.47
N ASN B 104 -27.99 6.80 -29.89
CA ASN B 104 -27.87 7.19 -31.29
C ASN B 104 -26.44 7.60 -31.62
N GLU B 105 -26.10 7.49 -32.89
CA GLU B 105 -24.75 7.80 -33.38
C GLU B 105 -24.75 9.12 -34.17
N LYS B 106 -25.88 9.81 -34.18
CA LYS B 106 -26.16 10.84 -35.18
C LYS B 106 -25.24 12.05 -35.00
N GLU B 107 -24.87 12.33 -33.76
CA GLU B 107 -24.06 13.50 -33.46
C GLU B 107 -22.58 13.23 -33.75
N ILE B 108 -22.17 11.98 -33.63
CA ILE B 108 -20.84 11.58 -34.06
C ILE B 108 -20.72 11.69 -35.58
N CYS B 109 -21.71 11.18 -36.29
CA CYS B 109 -21.78 11.31 -37.74
C CYS B 109 -21.67 12.77 -38.15
N ASN B 110 -22.47 13.61 -37.48
CA ASN B 110 -22.48 15.05 -37.74
C ASN B 110 -21.13 15.73 -37.42
N ILE B 111 -20.50 15.34 -36.30
CA ILE B 111 -19.34 16.06 -35.80
C ILE B 111 -18.10 15.83 -36.68
N ILE B 112 -18.08 14.73 -37.42
CA ILE B 112 -16.88 14.38 -38.18
C ILE B 112 -16.83 15.10 -39.52
N THR B 113 -17.94 15.73 -39.92
CA THR B 113 -17.99 16.53 -41.14
C THR B 113 -17.23 17.85 -40.93
N LEU B 114 -17.37 18.42 -39.74
CA LEU B 114 -16.72 19.70 -39.43
C LEU B 114 -15.21 19.58 -39.54
N LYS B 115 -14.54 20.71 -39.77
CA LYS B 115 -13.07 20.72 -39.82
C LYS B 115 -12.46 21.57 -38.71
N GLU B 116 -13.32 22.30 -37.99
CA GLU B 116 -12.92 22.86 -36.69
C GLU B 116 -12.82 21.76 -35.64
N ASN B 117 -12.05 22.00 -34.59
CA ASN B 117 -12.14 21.22 -33.35
C ASN B 117 -13.54 21.32 -32.77
N ALA B 118 -14.16 20.18 -32.48
CA ALA B 118 -15.49 20.15 -31.89
C ALA B 118 -15.63 19.03 -30.89
N ILE B 119 -16.46 19.26 -29.87
CA ILE B 119 -16.72 18.27 -28.85
C ILE B 119 -18.21 18.18 -28.61
N ILE B 120 -18.65 17.04 -28.09
CA ILE B 120 -20.06 16.88 -27.76
C ILE B 120 -20.28 17.12 -26.27
N GLY B 121 -21.35 17.85 -25.96
CA GLY B 121 -21.80 18.05 -24.58
C GLY B 121 -23.18 17.47 -24.36
N VAL B 122 -23.54 17.23 -23.10
CA VAL B 122 -24.76 16.51 -22.78
C VAL B 122 -25.32 17.01 -21.47
N LYS B 123 -26.63 17.18 -21.42
CA LYS B 123 -27.28 17.68 -20.21
C LYS B 123 -27.56 16.53 -19.25
N VAL B 124 -27.26 16.75 -17.97
CA VAL B 124 -27.49 15.75 -16.93
C VAL B 124 -28.08 16.41 -15.68
N SER B 125 -28.64 15.60 -14.80
CA SER B 125 -29.25 16.10 -13.57
C SER B 125 -28.21 16.38 -12.49
N ASN B 126 -27.02 15.81 -12.64
CA ASN B 126 -25.98 15.91 -11.61
C ASN B 126 -24.66 16.41 -12.19
N PRO B 127 -24.61 17.68 -12.62
CA PRO B 127 -23.43 18.22 -13.29
C PRO B 127 -22.27 18.55 -12.34
N LYS B 128 -22.52 18.46 -11.05
CA LYS B 128 -21.48 18.74 -10.06
C LYS B 128 -20.42 17.64 -10.04
N ASP B 129 -20.79 16.41 -10.41
CA ASP B 129 -19.84 15.44 -10.93
C ASP B 129 -19.69 15.72 -12.42
N TYR B 130 -18.71 15.10 -13.06
CA TYR B 130 -18.41 15.38 -14.47
C TYR B 130 -17.88 16.79 -14.69
N GLY B 131 -17.26 17.01 -15.84
CA GLY B 131 -16.76 18.32 -16.22
C GLY B 131 -17.79 19.16 -16.96
N VAL B 132 -18.17 20.29 -16.37
CA VAL B 132 -19.12 21.21 -16.99
C VAL B 132 -18.51 22.03 -18.11
N LEU B 133 -19.20 22.07 -19.25
CA LEU B 133 -18.86 22.99 -20.34
C LEU B 133 -19.47 24.38 -20.09
N VAL B 134 -18.61 25.38 -19.90
CA VAL B 134 -19.01 26.78 -19.98
C VAL B 134 -18.79 27.28 -21.39
N LEU B 135 -19.81 27.92 -21.95
CA LEU B 135 -19.75 28.40 -23.33
C LEU B 135 -19.59 29.92 -23.37
N ASP B 136 -19.07 30.42 -24.48
CA ASP B 136 -19.03 31.88 -24.70
C ASP B 136 -20.31 32.34 -25.38
N ASN B 137 -20.35 33.61 -25.75
CA ASN B 137 -21.55 34.22 -26.35
C ASN B 137 -21.91 33.71 -27.75
N GLN B 138 -21.02 32.94 -28.37
CA GLN B 138 -21.26 32.36 -29.69
C GLN B 138 -21.31 30.83 -29.63
N ASN B 139 -21.62 30.30 -28.44
CA ASN B 139 -21.60 28.85 -28.18
C ASN B 139 -20.40 28.08 -28.74
N ASN B 140 -19.20 28.52 -28.37
CA ASN B 140 -18.01 27.69 -28.47
C ASN B 140 -17.42 27.47 -27.07
N LEU B 141 -16.45 26.57 -26.99
CA LEU B 141 -15.93 26.18 -25.70
C LEU B 141 -15.14 27.34 -25.11
N SER B 142 -15.70 27.97 -24.08
CA SER B 142 -14.90 28.80 -23.19
C SER B 142 -13.91 27.91 -22.44
N LYS B 143 -14.41 27.14 -21.48
CA LYS B 143 -13.56 26.19 -20.77
C LYS B 143 -14.38 24.99 -20.25
N ILE B 144 -13.68 23.91 -19.89
CA ILE B 144 -14.28 22.83 -19.13
C ILE B 144 -13.87 22.94 -17.65
N ILE B 145 -14.82 23.21 -16.78
CA ILE B 145 -14.56 23.17 -15.33
C ILE B 145 -14.79 21.77 -14.80
N GLU B 146 -13.81 21.22 -14.09
CA GLU B 146 -13.97 19.92 -13.43
C GLU B 146 -14.73 20.03 -12.10
N LYS B 147 -15.76 19.21 -11.94
CA LYS B 147 -16.53 19.11 -10.70
C LYS B 147 -16.66 20.42 -9.93
N PRO B 148 -17.46 21.36 -10.45
CA PRO B 148 -17.40 22.75 -10.00
C PRO B 148 -18.01 23.07 -8.64
N GLU B 149 -18.93 22.24 -8.14
CA GLU B 149 -19.64 22.54 -6.88
C GLU B 149 -20.66 23.69 -7.04
N ILE B 150 -20.29 24.70 -7.81
CA ILE B 150 -21.18 25.80 -8.17
C ILE B 150 -21.44 25.77 -9.67
N PRO B 151 -22.26 24.81 -10.14
CA PRO B 151 -22.29 24.48 -11.56
C PRO B 151 -22.98 25.55 -12.39
N PRO B 152 -22.24 26.20 -13.30
CA PRO B 152 -22.81 27.25 -14.17
C PRO B 152 -24.02 26.81 -14.98
N SER B 153 -24.00 25.59 -15.50
CA SER B 153 -25.13 25.02 -16.24
C SER B 153 -25.18 23.51 -16.07
N ASN B 154 -26.14 22.88 -16.73
CA ASN B 154 -26.34 21.44 -16.67
C ASN B 154 -25.61 20.72 -17.81
N LEU B 155 -24.98 21.49 -18.68
CA LEU B 155 -24.34 20.96 -19.88
C LEU B 155 -22.90 20.50 -19.57
N ILE B 156 -22.67 19.18 -19.63
CA ILE B 156 -21.37 18.61 -19.25
C ILE B 156 -20.68 17.94 -20.44
N ASN B 157 -19.41 17.60 -20.25
CA ASN B 157 -18.60 16.97 -21.29
C ASN B 157 -19.00 15.52 -21.54
N ALA B 158 -19.52 15.26 -22.73
CA ALA B 158 -20.04 13.93 -23.07
C ALA B 158 -18.93 12.93 -23.43
N GLY B 159 -17.71 13.42 -23.59
CA GLY B 159 -16.57 12.53 -23.76
C GLY B 159 -16.40 12.02 -25.18
N ILE B 160 -17.11 12.60 -26.14
CA ILE B 160 -16.81 12.44 -27.56
C ILE B 160 -16.17 13.72 -28.10
N TYR B 161 -14.93 13.61 -28.58
CA TYR B 161 -14.18 14.73 -29.15
C TYR B 161 -13.85 14.50 -30.63
N LYS B 162 -13.91 15.56 -31.43
CA LYS B 162 -13.22 15.62 -32.71
C LYS B 162 -12.09 16.65 -32.64
N LEU B 163 -10.85 16.19 -32.83
CA LEU B 163 -9.68 17.01 -32.53
C LEU B 163 -8.63 16.93 -33.61
N ASN B 164 -7.93 18.05 -33.83
CA ASN B 164 -6.85 18.13 -34.81
C ASN B 164 -5.50 17.90 -34.17
N SER B 165 -4.45 17.76 -34.98
CA SER B 165 -3.14 17.41 -34.46
C SER B 165 -2.62 18.46 -33.49
N ASP B 166 -3.32 19.59 -33.40
CA ASP B 166 -2.86 20.71 -32.59
C ASP B 166 -2.89 20.34 -31.12
N ILE B 167 -3.70 19.34 -30.77
CA ILE B 167 -3.88 18.97 -29.37
C ILE B 167 -2.58 18.43 -28.82
N PHE B 168 -1.78 17.79 -29.67
CA PHE B 168 -0.49 17.25 -29.23
C PHE B 168 0.44 18.36 -28.76
N THR B 169 0.34 19.53 -29.40
CA THR B 169 1.06 20.71 -28.95
C THR B 169 0.62 21.08 -27.54
N TYR B 170 -0.69 21.21 -27.35
CA TYR B 170 -1.22 21.65 -26.05
C TYR B 170 -1.01 20.59 -24.97
N LEU B 171 -0.91 19.33 -25.37
CA LEU B 171 -0.64 18.24 -24.44
C LEU B 171 0.74 18.38 -23.79
N ASP B 172 1.72 18.88 -24.55
CA ASP B 172 3.07 19.11 -24.02
C ASP B 172 3.11 20.37 -23.15
N LYS B 173 2.32 21.38 -23.51
CA LYS B 173 2.22 22.60 -22.71
C LYS B 173 1.82 22.27 -21.29
N ILE B 174 0.69 21.58 -21.12
CA ILE B 174 0.10 21.39 -19.80
C ILE B 174 0.81 20.27 -19.05
N SER B 175 0.81 20.36 -17.72
CA SER B 175 1.51 19.40 -16.88
C SER B 175 0.57 18.74 -15.87
N ILE B 176 1.12 17.88 -15.01
CA ILE B 176 0.34 16.90 -14.25
C ILE B 176 -0.69 17.55 -13.32
N SER B 177 -1.85 16.92 -13.22
CA SER B 177 -2.96 17.46 -12.44
C SER B 177 -2.87 17.06 -10.96
N GLU B 178 -3.82 17.52 -10.17
CA GLU B 178 -3.87 17.26 -8.73
C GLU B 178 -3.85 15.78 -8.38
N ARG B 179 -4.42 14.95 -9.25
CA ARG B 179 -4.52 13.51 -8.98
C ARG B 179 -3.44 12.70 -9.72
N GLY B 180 -2.39 13.36 -10.19
CA GLY B 180 -1.21 12.68 -10.73
C GLY B 180 -1.39 12.18 -12.14
N GLU B 181 -2.23 12.88 -12.91
CA GLU B 181 -2.63 12.42 -14.23
C GLU B 181 -2.42 13.53 -15.29
N LEU B 182 -2.32 13.11 -16.54
CA LEU B 182 -2.23 14.03 -17.67
C LEU B 182 -3.63 14.18 -18.30
N GLU B 183 -4.41 15.15 -17.84
CA GLU B 183 -5.79 15.34 -18.27
C GLU B 183 -5.88 15.90 -19.68
N LEU B 184 -6.48 15.13 -20.61
CA LEU B 184 -6.79 15.63 -21.95
C LEU B 184 -7.70 16.86 -21.88
N THR B 185 -8.60 16.89 -20.89
CA THR B 185 -9.47 18.05 -20.71
C THR B 185 -8.70 19.37 -20.52
N ASP B 186 -7.51 19.30 -19.93
CA ASP B 186 -6.67 20.48 -19.75
C ASP B 186 -6.13 20.93 -21.10
N ALA B 187 -5.73 19.96 -21.91
CA ALA B 187 -5.24 20.24 -23.25
C ALA B 187 -6.32 20.94 -24.07
N ILE B 188 -7.52 20.39 -24.05
CA ILE B 188 -8.63 20.97 -24.79
C ILE B 188 -8.93 22.38 -24.28
N ASN B 189 -8.73 22.59 -22.98
CA ASN B 189 -8.96 23.91 -22.37
C ASN B 189 -8.00 24.97 -22.88
N LEU B 190 -6.74 24.60 -23.08
CA LEU B 190 -5.77 25.48 -23.70
C LEU B 190 -6.12 25.72 -25.18
N MET B 191 -6.34 24.63 -25.91
CA MET B 191 -6.75 24.72 -27.31
C MET B 191 -7.89 25.71 -27.54
N ALA B 192 -8.78 25.85 -26.55
CA ALA B 192 -9.96 26.69 -26.72
C ALA B 192 -9.70 28.16 -26.36
N LYS B 193 -8.43 28.51 -26.16
CA LYS B 193 -8.03 29.87 -25.73
C LYS B 193 -7.23 30.74 -26.73
N ASP B 194 -7.13 30.38 -28.01
CA ASP B 194 -8.14 29.60 -28.69
C ASP B 194 -7.78 29.27 -30.14
N HIS B 195 -8.09 28.05 -30.51
CA HIS B 195 -8.98 27.78 -31.64
C HIS B 195 -10.44 27.99 -31.20
N ARG B 196 -11.32 28.31 -32.14
CA ARG B 196 -12.77 28.14 -31.93
C ARG B 196 -13.05 26.66 -31.81
N VAL B 197 -13.65 26.23 -30.69
CA VAL B 197 -14.02 24.83 -30.49
C VAL B 197 -15.54 24.68 -30.33
N LYS B 198 -16.15 23.93 -31.25
CA LYS B 198 -17.59 23.91 -31.40
C LYS B 198 -18.19 22.90 -30.43
N VAL B 199 -19.34 23.24 -29.85
CA VAL B 199 -19.99 22.37 -28.87
C VAL B 199 -21.35 21.95 -29.39
N ILE B 200 -21.46 20.69 -29.82
CA ILE B 200 -22.72 20.09 -30.24
C ILE B 200 -23.42 19.41 -29.07
N GLU B 201 -24.69 19.74 -28.85
CA GLU B 201 -25.47 19.15 -27.75
C GLU B 201 -25.97 17.78 -28.18
N TYR B 202 -25.85 16.80 -27.27
CA TYR B 202 -26.24 15.42 -27.56
C TYR B 202 -27.74 15.24 -27.30
N GLU B 203 -28.37 14.37 -28.08
CA GLU B 203 -29.82 14.21 -28.00
C GLU B 203 -30.23 13.06 -27.09
N GLY B 204 -29.76 11.85 -27.42
CA GLY B 204 -30.40 10.62 -26.93
C GLY B 204 -30.06 10.17 -25.51
N TYR B 205 -29.89 8.86 -25.34
CA TYR B 205 -29.51 8.30 -24.04
C TYR B 205 -27.99 8.29 -23.90
N TRP B 206 -27.52 8.69 -22.72
CA TRP B 206 -26.09 8.82 -22.44
C TRP B 206 -25.82 8.31 -21.01
N MET B 207 -24.75 7.55 -20.87
CA MET B 207 -24.35 7.00 -19.57
C MET B 207 -22.88 6.63 -19.64
N ASP B 208 -22.11 7.08 -18.66
CA ASP B 208 -20.79 6.51 -18.41
C ASP B 208 -20.88 5.39 -17.37
N ILE B 209 -20.08 4.35 -17.54
CA ILE B 209 -20.12 3.20 -16.66
C ILE B 209 -18.93 3.33 -15.71
N GLY B 210 -19.10 4.18 -14.71
CA GLY B 210 -18.09 4.40 -13.69
C GLY B 210 -18.21 3.49 -12.48
N LYS B 211 -19.39 3.49 -11.87
CA LYS B 211 -19.64 2.69 -10.67
C LYS B 211 -20.54 1.50 -10.98
N PRO B 212 -20.45 0.42 -10.16
CA PRO B 212 -20.99 -0.90 -10.52
C PRO B 212 -22.49 -0.92 -10.80
N TRP B 213 -23.22 -0.03 -10.13
CA TRP B 213 -24.66 0.01 -10.31
C TRP B 213 -25.07 0.61 -11.66
N ASN B 214 -24.14 1.25 -12.34
CA ASN B 214 -24.37 1.69 -13.70
C ASN B 214 -24.47 0.52 -14.68
N ILE B 215 -23.88 -0.62 -14.31
CA ILE B 215 -24.07 -1.82 -15.11
C ILE B 215 -25.56 -2.15 -15.15
N ILE B 216 -26.24 -1.97 -14.02
CA ILE B 216 -27.68 -2.23 -13.98
C ILE B 216 -28.37 -1.19 -14.84
N ASP B 217 -28.01 0.08 -14.64
CA ASP B 217 -28.62 1.19 -15.36
C ASP B 217 -28.69 0.92 -16.88
N VAL B 218 -27.55 0.77 -17.54
CA VAL B 218 -27.55 0.65 -18.99
C VAL B 218 -28.28 -0.61 -19.44
N ASN B 219 -28.18 -1.68 -18.66
CA ASN B 219 -28.77 -2.95 -19.03
C ASN B 219 -30.30 -2.88 -18.97
N LYS B 220 -30.82 -2.12 -18.02
CA LYS B 220 -32.25 -1.84 -18.00
C LYS B 220 -32.66 -1.10 -19.25
N TRP B 221 -31.87 -0.09 -19.59
CA TRP B 221 -32.18 0.76 -20.73
C TRP B 221 -32.16 -0.08 -21.99
N ALA B 222 -31.13 -0.91 -22.13
CA ALA B 222 -30.96 -1.70 -23.33
C ALA B 222 -32.15 -2.63 -23.48
N LEU B 223 -32.57 -3.24 -22.38
CA LEU B 223 -33.66 -4.20 -22.41
C LEU B 223 -34.95 -3.50 -22.78
N ASP B 224 -35.04 -2.21 -22.43
CA ASP B 224 -36.24 -1.42 -22.74
C ASP B 224 -36.28 -0.89 -24.16
N ASN B 225 -35.11 -0.75 -24.79
CA ASN B 225 -35.00 0.01 -26.02
C ASN B 225 -34.42 -0.73 -27.22
N LEU B 226 -33.51 -1.67 -26.99
CA LEU B 226 -32.72 -2.29 -28.06
C LEU B 226 -33.18 -3.67 -28.50
N VAL B 227 -34.07 -4.29 -27.73
CA VAL B 227 -34.53 -5.66 -28.05
C VAL B 227 -36.01 -5.84 -27.75
N PHE B 228 -36.60 -6.87 -28.37
CA PHE B 228 -38.05 -7.03 -28.41
C PHE B 228 -38.46 -8.48 -28.13
N SER B 229 -39.66 -8.66 -27.57
CA SER B 229 -40.21 -9.98 -27.27
C SER B 229 -39.90 -10.98 -28.37
N GLN B 230 -39.24 -12.07 -28.01
CA GLN B 230 -39.04 -13.19 -28.91
C GLN B 230 -38.69 -14.44 -28.14
N ASN B 231 -38.67 -15.58 -28.82
CA ASN B 231 -38.28 -16.85 -28.20
C ASN B 231 -37.61 -17.82 -29.18
N LEU B 232 -36.29 -17.76 -29.24
CA LEU B 232 -35.52 -18.67 -30.04
C LEU B 232 -35.14 -19.95 -29.28
N GLY B 233 -35.64 -20.08 -28.06
CA GLY B 233 -35.29 -21.21 -27.22
C GLY B 233 -36.45 -22.17 -27.02
N ASN B 234 -36.40 -22.91 -25.92
CA ASN B 234 -37.43 -23.90 -25.60
C ASN B 234 -38.11 -23.65 -24.25
N VAL B 235 -39.44 -23.63 -24.27
CA VAL B 235 -40.23 -23.43 -23.06
C VAL B 235 -41.21 -24.59 -22.85
N GLU B 236 -41.20 -25.17 -21.65
CA GLU B 236 -42.10 -26.28 -21.31
C GLU B 236 -43.48 -25.76 -20.96
N ASP B 237 -44.40 -26.69 -20.70
CA ASP B 237 -45.75 -26.33 -20.26
C ASP B 237 -45.71 -25.79 -18.82
N ASN B 238 -46.83 -25.23 -18.39
CA ASN B 238 -46.91 -24.48 -17.14
C ASN B 238 -45.72 -23.58 -16.94
N VAL B 239 -45.39 -22.82 -17.97
CA VAL B 239 -44.53 -21.65 -17.79
C VAL B 239 -45.33 -20.41 -18.09
N LYS B 240 -45.43 -19.51 -17.12
CA LYS B 240 -46.13 -18.24 -17.32
C LYS B 240 -45.15 -17.17 -17.79
N ILE B 241 -45.52 -16.47 -18.85
CA ILE B 241 -44.70 -15.38 -19.35
C ILE B 241 -45.52 -14.11 -19.56
N LYS B 242 -45.06 -13.00 -18.98
CA LYS B 242 -45.73 -11.71 -19.14
C LYS B 242 -44.73 -10.66 -19.57
N GLY B 243 -45.18 -9.74 -20.40
CA GLY B 243 -44.38 -8.57 -20.73
C GLY B 243 -43.24 -8.95 -21.65
N LYS B 244 -42.31 -8.01 -21.83
CA LYS B 244 -41.21 -8.19 -22.76
C LYS B 244 -40.28 -9.27 -22.24
N VAL B 245 -40.18 -10.37 -22.97
CA VAL B 245 -39.29 -11.45 -22.57
C VAL B 245 -38.51 -11.91 -23.78
N ILE B 246 -37.20 -11.84 -23.69
CA ILE B 246 -36.32 -12.28 -24.75
C ILE B 246 -35.72 -13.62 -24.32
N ILE B 247 -35.99 -14.68 -25.07
CA ILE B 247 -35.37 -15.96 -24.85
C ILE B 247 -34.47 -16.35 -26.02
N GLU B 248 -33.16 -16.35 -25.79
CA GLU B 248 -32.20 -16.60 -26.86
C GLU B 248 -32.10 -18.09 -27.12
N GLU B 249 -31.30 -18.46 -28.12
CA GLU B 249 -31.29 -19.84 -28.58
C GLU B 249 -30.60 -20.78 -27.60
N ASP B 250 -30.96 -22.06 -27.68
CA ASP B 250 -30.49 -23.11 -26.76
C ASP B 250 -30.79 -22.80 -25.28
N ALA B 251 -31.76 -21.95 -25.01
CA ALA B 251 -32.16 -21.69 -23.64
C ALA B 251 -33.35 -22.57 -23.29
N GLU B 252 -33.26 -23.27 -22.18
CA GLU B 252 -34.34 -24.13 -21.70
C GLU B 252 -35.03 -23.45 -20.54
N ILE B 253 -36.35 -23.52 -20.54
CA ILE B 253 -37.14 -22.97 -19.43
C ILE B 253 -38.20 -23.96 -18.98
N LYS B 254 -38.10 -24.41 -17.74
CA LYS B 254 -38.84 -25.59 -17.31
C LYS B 254 -40.12 -25.21 -16.60
N SER B 255 -41.03 -26.18 -16.52
CA SER B 255 -42.34 -25.98 -15.95
C SER B 255 -42.28 -25.36 -14.56
N GLY B 256 -43.26 -24.50 -14.28
CA GLY B 256 -43.41 -23.91 -12.97
C GLY B 256 -42.79 -22.53 -12.91
N THR B 257 -41.89 -22.27 -13.86
CA THR B 257 -41.26 -20.99 -13.97
C THR B 257 -42.27 -19.91 -14.28
N TYR B 258 -42.06 -18.75 -13.66
CA TYR B 258 -42.97 -17.62 -13.77
C TYR B 258 -42.13 -16.39 -14.07
N ILE B 259 -42.41 -15.73 -15.20
CA ILE B 259 -41.55 -14.65 -15.68
C ILE B 259 -42.36 -13.37 -15.87
N GLU B 260 -41.95 -12.30 -15.18
CA GLU B 260 -42.61 -11.01 -15.30
C GLU B 260 -41.61 -10.03 -15.89
N GLY B 261 -41.88 -9.61 -17.12
CA GLY B 261 -40.93 -8.80 -17.87
C GLY B 261 -40.87 -7.34 -17.43
N PRO B 262 -39.90 -6.60 -17.94
CA PRO B 262 -39.00 -7.10 -19.00
C PRO B 262 -37.86 -7.98 -18.48
N VAL B 263 -37.61 -9.10 -19.16
CA VAL B 263 -36.58 -10.05 -18.77
C VAL B 263 -35.76 -10.43 -20.00
N TYR B 264 -34.46 -10.57 -19.81
CA TYR B 264 -33.59 -11.06 -20.88
C TYR B 264 -32.93 -12.36 -20.43
N ILE B 265 -33.17 -13.44 -21.18
CA ILE B 265 -32.59 -14.74 -20.87
C ILE B 265 -31.63 -15.12 -21.98
N GLY B 266 -30.33 -15.05 -21.66
CA GLY B 266 -29.30 -15.22 -22.65
C GLY B 266 -29.11 -16.66 -23.12
N LYS B 267 -28.31 -16.82 -24.18
CA LYS B 267 -28.22 -18.07 -24.88
C LYS B 267 -27.67 -19.13 -23.97
N GLY B 268 -28.21 -20.35 -24.11
CA GLY B 268 -27.67 -21.52 -23.41
C GLY B 268 -28.13 -21.64 -21.97
N SER B 269 -28.99 -20.74 -21.53
CA SER B 269 -29.35 -20.69 -20.13
C SER B 269 -30.28 -21.85 -19.80
N GLU B 270 -30.34 -22.22 -18.53
CA GLU B 270 -31.28 -23.23 -18.08
C GLU B 270 -32.10 -22.74 -16.86
N ILE B 271 -33.37 -22.42 -17.10
CA ILE B 271 -34.22 -21.89 -16.03
C ILE B 271 -35.20 -22.95 -15.51
N GLY B 272 -35.59 -22.83 -14.25
CA GLY B 272 -36.55 -23.75 -13.66
C GLY B 272 -35.96 -25.09 -13.27
N PRO B 273 -36.78 -26.01 -12.76
CA PRO B 273 -38.23 -25.81 -12.58
C PRO B 273 -38.57 -24.87 -11.44
N ASN B 274 -39.78 -24.35 -11.47
CA ASN B 274 -40.25 -23.43 -10.44
C ASN B 274 -39.24 -22.31 -10.07
N SER B 275 -38.70 -21.65 -11.10
CA SER B 275 -38.00 -20.39 -10.90
C SER B 275 -38.91 -19.17 -11.12
N TYR B 276 -38.44 -18.00 -10.73
CA TYR B 276 -39.24 -16.78 -10.76
C TYR B 276 -38.37 -15.61 -11.17
N LEU B 277 -38.43 -15.25 -12.44
CA LEU B 277 -37.70 -14.09 -12.94
C LEU B 277 -38.56 -12.82 -13.01
N ARG B 278 -38.18 -11.79 -12.27
CA ARG B 278 -38.94 -10.54 -12.19
C ARG B 278 -38.31 -9.44 -13.02
N PRO B 279 -38.98 -8.28 -13.09
CA PRO B 279 -38.57 -7.30 -14.09
C PRO B 279 -37.13 -6.85 -13.98
N TYR B 280 -36.49 -6.70 -15.14
CA TYR B 280 -35.09 -6.30 -15.25
C TYR B 280 -34.11 -7.35 -14.72
N THR B 281 -34.52 -8.61 -14.75
CA THR B 281 -33.59 -9.71 -14.70
C THR B 281 -32.85 -9.75 -16.03
N ILE B 282 -31.53 -9.67 -15.99
CA ILE B 282 -30.72 -9.93 -17.17
C ILE B 282 -29.76 -11.08 -16.91
N LEU B 283 -29.97 -12.18 -17.63
CA LEU B 283 -29.02 -13.28 -17.64
C LEU B 283 -28.26 -13.28 -18.95
N VAL B 284 -26.99 -12.88 -18.92
CA VAL B 284 -26.29 -12.53 -20.18
C VAL B 284 -25.97 -13.73 -21.06
N GLU B 285 -25.59 -14.85 -20.46
CA GLU B 285 -25.20 -16.05 -21.20
C GLU B 285 -25.07 -17.27 -20.30
N LYS B 286 -25.63 -18.39 -20.74
CA LYS B 286 -25.35 -19.72 -20.15
C LYS B 286 -25.58 -19.77 -18.63
N ASN B 287 -26.66 -19.16 -18.16
CA ASN B 287 -26.90 -19.05 -16.73
C ASN B 287 -27.82 -20.13 -16.25
N LYS B 288 -27.56 -20.63 -15.05
CA LYS B 288 -28.41 -21.65 -14.41
C LYS B 288 -29.22 -20.96 -13.33
N ILE B 289 -30.53 -20.98 -13.47
CA ILE B 289 -31.41 -20.57 -12.39
C ILE B 289 -32.32 -21.74 -12.06
N GLY B 290 -32.51 -21.99 -10.78
CA GLY B 290 -33.04 -23.26 -10.33
C GLY B 290 -34.32 -23.14 -9.53
N ALA B 291 -34.71 -24.26 -8.92
CA ALA B 291 -35.94 -24.33 -8.15
C ALA B 291 -35.91 -23.38 -6.94
N SER B 292 -37.04 -22.73 -6.71
CA SER B 292 -37.19 -21.80 -5.62
C SER B 292 -36.09 -20.75 -5.64
N VAL B 293 -35.72 -20.31 -6.84
CA VAL B 293 -34.85 -19.17 -6.98
C VAL B 293 -35.58 -18.01 -7.62
N GLU B 294 -35.37 -16.81 -7.09
CA GLU B 294 -36.02 -15.59 -7.57
C GLU B 294 -34.96 -14.56 -7.91
N VAL B 295 -35.00 -14.05 -9.13
CA VAL B 295 -34.12 -12.97 -9.53
C VAL B 295 -34.93 -11.69 -9.77
N LYS B 296 -34.31 -10.54 -9.53
CA LYS B 296 -34.98 -9.25 -9.76
C LYS B 296 -33.96 -8.15 -10.04
N GLU B 297 -34.22 -7.36 -11.07
CA GLU B 297 -33.42 -6.19 -11.40
C GLU B 297 -31.94 -6.46 -11.12
N SER B 298 -31.41 -7.48 -11.78
CA SER B 298 -30.02 -7.89 -11.55
C SER B 298 -29.38 -8.29 -12.87
N VAL B 299 -28.08 -8.05 -12.97
CA VAL B 299 -27.34 -8.49 -14.15
C VAL B 299 -26.44 -9.65 -13.73
N ILE B 300 -26.60 -10.78 -14.39
CA ILE B 300 -25.94 -12.01 -14.00
C ILE B 300 -25.17 -12.51 -15.20
N MET B 301 -23.85 -12.49 -15.09
CA MET B 301 -22.99 -12.57 -16.26
C MET B 301 -22.65 -14.02 -16.59
N GLU B 302 -21.76 -14.19 -17.56
CA GLU B 302 -21.60 -15.44 -18.29
C GLU B 302 -21.38 -16.63 -17.33
N GLY B 303 -22.24 -17.63 -17.42
CA GLY B 303 -21.93 -18.95 -16.90
C GLY B 303 -22.20 -19.08 -15.41
N SER B 304 -22.71 -18.02 -14.81
CA SER B 304 -22.95 -18.05 -13.36
C SER B 304 -24.21 -18.86 -13.03
N LYS B 305 -24.24 -19.48 -11.86
CA LYS B 305 -25.32 -20.40 -11.50
C LYS B 305 -25.92 -20.11 -10.12
N ILE B 306 -27.24 -20.04 -10.07
CA ILE B 306 -27.97 -19.84 -8.82
C ILE B 306 -28.98 -20.98 -8.72
N PRO B 307 -28.55 -22.13 -8.21
CA PRO B 307 -29.35 -23.36 -8.42
C PRO B 307 -30.48 -23.65 -7.42
N HIS B 308 -30.42 -23.14 -6.18
CA HIS B 308 -31.43 -23.47 -5.18
C HIS B 308 -31.72 -22.37 -4.17
N LEU B 309 -33.01 -22.17 -3.89
CA LEU B 309 -33.46 -21.51 -2.69
C LEU B 309 -32.72 -20.17 -2.43
N SER B 310 -32.79 -19.27 -3.40
CA SER B 310 -32.07 -18.00 -3.31
C SER B 310 -32.88 -16.87 -3.86
N TYR B 311 -32.61 -15.67 -3.36
CA TYR B 311 -33.17 -14.45 -3.91
C TYR B 311 -32.05 -13.51 -4.23
N VAL B 312 -31.96 -13.12 -5.49
CA VAL B 312 -31.02 -12.13 -5.93
C VAL B 312 -31.82 -10.91 -6.38
N GLY B 313 -31.63 -9.78 -5.70
CA GLY B 313 -32.28 -8.53 -6.08
C GLY B 313 -31.28 -7.40 -6.27
N ASP B 314 -31.50 -6.59 -7.31
CA ASP B 314 -30.80 -5.31 -7.47
C ASP B 314 -29.28 -5.49 -7.39
N SER B 315 -28.78 -6.56 -8.00
CA SER B 315 -27.38 -6.94 -7.85
C SER B 315 -26.68 -7.09 -9.19
N VAL B 316 -25.36 -7.11 -9.15
CA VAL B 316 -24.55 -7.46 -10.31
C VAL B 316 -23.66 -8.64 -9.92
N ILE B 317 -23.86 -9.77 -10.60
CA ILE B 317 -23.07 -10.96 -10.36
C ILE B 317 -22.25 -11.26 -11.62
N ALA B 318 -20.94 -11.33 -11.48
CA ALA B 318 -20.07 -11.43 -12.63
C ALA B 318 -19.97 -12.89 -13.04
N GLU B 319 -18.94 -13.23 -13.82
CA GLU B 319 -18.92 -14.46 -14.58
C GLU B 319 -18.53 -15.68 -13.73
N ASP B 320 -19.01 -16.85 -14.13
CA ASP B 320 -18.63 -18.12 -13.49
C ASP B 320 -18.74 -18.06 -11.98
N VAL B 321 -19.80 -17.45 -11.47
CA VAL B 321 -20.09 -17.46 -10.04
C VAL B 321 -20.99 -18.63 -9.68
N ASN B 322 -20.90 -19.10 -8.44
CA ASN B 322 -21.79 -20.14 -7.94
C ASN B 322 -22.31 -19.80 -6.57
N PHE B 323 -23.63 -19.64 -6.46
CA PHE B 323 -24.30 -19.42 -5.16
C PHE B 323 -24.77 -20.74 -4.59
N GLY B 324 -24.30 -21.05 -3.39
CA GLY B 324 -24.74 -22.25 -2.68
C GLY B 324 -26.21 -22.15 -2.34
N ALA B 325 -26.86 -23.30 -2.16
CA ALA B 325 -28.27 -23.31 -1.75
C ALA B 325 -28.48 -22.39 -0.56
N GLY B 326 -29.52 -21.57 -0.61
CA GLY B 326 -29.87 -20.71 0.52
C GLY B 326 -29.14 -19.38 0.58
N THR B 327 -28.28 -19.10 -0.40
CA THR B 327 -27.58 -17.83 -0.44
C THR B 327 -28.58 -16.70 -0.69
N LEU B 328 -28.60 -15.71 0.19
CA LEU B 328 -29.55 -14.60 0.05
C LEU B 328 -28.83 -13.27 0.01
N ILE B 329 -29.37 -12.35 -0.78
CA ILE B 329 -28.89 -10.99 -0.82
C ILE B 329 -29.95 -10.06 -0.26
N ALA B 330 -29.55 -9.28 0.73
CA ALA B 330 -30.34 -8.15 1.21
C ALA B 330 -30.17 -6.96 0.26
N ASN B 331 -31.27 -6.28 -0.05
CA ASN B 331 -31.22 -5.14 -0.96
C ASN B 331 -31.84 -3.83 -0.40
N LEU B 332 -32.25 -3.86 0.86
CA LEU B 332 -32.89 -2.72 1.49
C LEU B 332 -32.31 -2.55 2.87
N ARG B 333 -32.04 -1.30 3.25
CA ARG B 333 -31.61 -0.98 4.60
C ARG B 333 -32.80 -0.75 5.51
N PHE B 334 -32.61 -0.96 6.80
CA PHE B 334 -33.74 -0.91 7.75
C PHE B 334 -34.41 0.46 7.75
N ASP B 335 -33.58 1.50 7.72
CA ASP B 335 -34.04 2.90 7.68
C ASP B 335 -34.51 3.39 6.29
N GLU B 336 -34.30 2.58 5.25
CA GLU B 336 -34.72 2.89 3.89
C GLU B 336 -33.99 4.08 3.28
N LYS B 337 -32.87 4.47 3.90
CA LYS B 337 -31.93 5.39 3.28
C LYS B 337 -31.20 4.70 2.14
N GLU B 338 -30.61 5.52 1.27
CA GLU B 338 -29.92 5.02 0.09
C GLU B 338 -28.74 4.18 0.51
N VAL B 339 -28.53 3.08 -0.22
CA VAL B 339 -27.51 2.12 0.13
C VAL B 339 -26.17 2.71 -0.26
N LYS B 340 -25.17 2.53 0.61
CA LYS B 340 -23.85 3.08 0.36
C LYS B 340 -22.88 1.97 -0.01
N VAL B 341 -21.88 2.33 -0.80
CA VAL B 341 -20.92 1.41 -1.35
C VAL B 341 -19.54 2.06 -1.23
N ASN B 342 -18.55 1.28 -0.86
CA ASN B 342 -17.17 1.73 -0.93
C ASN B 342 -16.66 1.69 -2.35
N VAL B 343 -16.21 2.84 -2.84
CA VAL B 343 -15.69 2.97 -4.19
C VAL B 343 -14.35 3.71 -4.11
N LYS B 344 -13.28 3.04 -4.51
CA LYS B 344 -11.92 3.47 -4.16
C LYS B 344 -11.74 3.87 -2.70
N GLY B 345 -12.17 3.02 -1.78
CA GLY B 345 -11.93 3.25 -0.35
C GLY B 345 -12.71 4.41 0.23
N LYS B 346 -13.59 4.99 -0.58
CA LYS B 346 -14.50 6.04 -0.14
C LYS B 346 -15.95 5.54 -0.09
N ARG B 347 -16.62 5.81 1.03
CA ARG B 347 -17.99 5.38 1.27
C ARG B 347 -18.96 6.40 0.67
N ILE B 348 -19.82 5.94 -0.23
CA ILE B 348 -20.43 6.78 -1.24
C ILE B 348 -21.87 6.29 -1.41
N SER B 349 -22.81 7.21 -1.56
CA SER B 349 -24.19 6.81 -1.82
C SER B 349 -24.36 6.38 -3.27
N SER B 350 -25.17 5.32 -3.46
CA SER B 350 -25.40 4.73 -4.76
C SER B 350 -26.52 5.46 -5.45
N GLY B 351 -27.18 6.34 -4.71
CA GLY B 351 -28.44 6.93 -5.16
C GLY B 351 -29.63 5.99 -5.25
N ARG B 352 -29.49 4.77 -4.75
CA ARG B 352 -30.52 3.75 -4.84
C ARG B 352 -31.04 3.46 -3.44
N ARG B 353 -32.36 3.50 -3.27
CA ARG B 353 -33.00 2.98 -2.05
C ARG B 353 -32.87 1.46 -1.92
N LYS B 354 -32.95 0.77 -3.06
CA LYS B 354 -32.79 -0.68 -3.12
C LYS B 354 -31.58 -1.08 -3.94
N LEU B 355 -30.57 -1.61 -3.26
CA LEU B 355 -29.38 -2.09 -3.93
C LEU B 355 -28.88 -3.32 -3.23
N GLY B 356 -28.53 -4.35 -4.00
CA GLY B 356 -28.05 -5.60 -3.45
C GLY B 356 -26.53 -5.62 -3.43
N ALA B 357 -25.94 -6.69 -3.99
CA ALA B 357 -24.49 -6.91 -3.92
C ALA B 357 -23.82 -6.87 -5.29
N PHE B 358 -22.51 -6.65 -5.28
CA PHE B 358 -21.70 -6.79 -6.49
C PHE B 358 -20.69 -7.91 -6.31
N ILE B 359 -20.91 -9.03 -6.98
CA ILE B 359 -20.11 -10.27 -6.78
C ILE B 359 -19.11 -10.41 -7.94
N GLY B 360 -17.86 -10.60 -7.61
CA GLY B 360 -16.83 -10.71 -8.62
C GLY B 360 -16.84 -12.07 -9.29
N GLY B 361 -16.04 -12.20 -10.34
CA GLY B 361 -15.99 -13.44 -11.11
C GLY B 361 -15.49 -14.59 -10.24
N HIS B 362 -16.01 -15.79 -10.51
CA HIS B 362 -15.46 -17.05 -9.98
C HIS B 362 -15.68 -17.18 -8.49
N VAL B 363 -16.54 -16.35 -7.94
CA VAL B 363 -16.87 -16.44 -6.51
C VAL B 363 -17.69 -17.68 -6.28
N ARG B 364 -17.47 -18.34 -5.16
CA ARG B 364 -18.40 -19.37 -4.71
C ARG B 364 -18.89 -19.05 -3.30
N THR B 365 -20.20 -19.08 -3.10
CA THR B 365 -20.78 -18.99 -1.75
C THR B 365 -21.21 -20.37 -1.29
N GLY B 366 -20.98 -20.66 -0.01
CA GLY B 366 -21.50 -21.86 0.61
C GLY B 366 -22.99 -21.77 0.80
N ILE B 367 -23.61 -22.86 1.25
CA ILE B 367 -25.02 -22.85 1.56
C ILE B 367 -25.32 -21.91 2.72
N ASN B 368 -26.52 -21.33 2.70
CA ASN B 368 -27.02 -20.47 3.77
C ASN B 368 -26.18 -19.23 4.00
N VAL B 369 -25.50 -18.77 2.96
CA VAL B 369 -24.77 -17.51 3.03
C VAL B 369 -25.74 -16.32 3.00
N THR B 370 -25.34 -15.23 3.64
CA THR B 370 -26.19 -14.07 3.87
C THR B 370 -25.42 -12.78 3.60
N ILE B 371 -25.81 -12.06 2.55
CA ILE B 371 -25.00 -10.94 2.05
C ILE B 371 -25.76 -9.64 2.21
N LEU B 372 -25.09 -8.62 2.73
CA LEU B 372 -25.78 -7.37 3.11
C LEU B 372 -25.71 -6.33 2.00
N PRO B 373 -26.56 -5.30 2.08
CA PRO B 373 -26.71 -4.37 0.96
C PRO B 373 -25.42 -3.64 0.71
N GLY B 374 -25.12 -3.41 -0.56
CA GLY B 374 -24.01 -2.55 -0.93
C GLY B 374 -22.66 -3.26 -0.94
N VAL B 375 -22.67 -4.48 -0.42
CA VAL B 375 -21.43 -5.23 -0.25
C VAL B 375 -20.76 -5.52 -1.58
N LYS B 376 -19.44 -5.43 -1.61
CA LYS B 376 -18.66 -5.91 -2.74
C LYS B 376 -17.89 -7.19 -2.35
N ILE B 377 -17.99 -8.22 -3.17
CA ILE B 377 -17.24 -9.45 -2.95
C ILE B 377 -16.25 -9.64 -4.10
N GLY B 378 -14.99 -9.79 -3.77
CA GLY B 378 -13.93 -9.84 -4.76
C GLY B 378 -13.99 -11.12 -5.57
N ALA B 379 -13.57 -11.01 -6.82
CA ALA B 379 -13.28 -12.18 -7.63
C ALA B 379 -12.58 -13.26 -6.83
N TYR B 380 -12.97 -14.50 -7.06
CA TYR B 380 -12.25 -15.70 -6.59
C TYR B 380 -12.39 -15.92 -5.09
N ALA B 381 -13.19 -15.08 -4.44
CA ALA B 381 -13.51 -15.28 -3.05
C ALA B 381 -14.29 -16.59 -2.83
N ARG B 382 -14.23 -17.09 -1.60
CA ARG B 382 -15.08 -18.17 -1.14
C ARG B 382 -15.73 -17.74 0.18
N ILE B 383 -17.04 -17.84 0.26
CA ILE B 383 -17.77 -17.53 1.49
C ILE B 383 -18.17 -18.82 2.20
N TYR B 384 -17.69 -19.00 3.42
CA TYR B 384 -18.00 -20.21 4.20
C TYR B 384 -19.50 -20.35 4.48
N PRO B 385 -20.00 -21.58 4.52
CA PRO B 385 -21.39 -21.79 4.82
C PRO B 385 -21.85 -21.08 6.09
N GLY B 386 -23.03 -20.47 6.04
CA GLY B 386 -23.60 -19.78 7.17
C GLY B 386 -23.05 -18.38 7.41
N ALA B 387 -21.99 -18.01 6.69
CA ALA B 387 -21.37 -16.71 6.90
C ALA B 387 -22.38 -15.57 6.68
N VAL B 388 -22.25 -14.52 7.47
CA VAL B 388 -22.92 -13.26 7.21
C VAL B 388 -21.91 -12.26 6.68
N VAL B 389 -21.99 -11.97 5.39
CA VAL B 389 -21.07 -11.04 4.75
C VAL B 389 -21.53 -9.60 4.96
N ASN B 390 -20.91 -8.93 5.92
CA ASN B 390 -21.31 -7.57 6.27
C ASN B 390 -20.19 -6.57 6.02
N ARG B 391 -19.23 -6.97 5.20
CA ARG B 391 -18.19 -6.06 4.76
C ARG B 391 -17.69 -6.49 3.39
N ASP B 392 -17.00 -5.58 2.70
CA ASP B 392 -16.40 -5.91 1.43
C ASP B 392 -15.43 -7.06 1.64
N VAL B 393 -15.27 -7.89 0.60
CA VAL B 393 -14.47 -9.10 0.69
C VAL B 393 -13.42 -9.11 -0.42
N GLY B 394 -12.21 -9.53 -0.09
CA GLY B 394 -11.07 -9.29 -0.94
C GLY B 394 -11.03 -10.25 -2.09
N TYR B 395 -10.36 -9.84 -3.17
CA TYR B 395 -9.88 -10.76 -4.18
C TYR B 395 -9.29 -11.99 -3.51
N GLY B 396 -9.85 -13.15 -3.79
CA GLY B 396 -9.28 -14.40 -3.33
C GLY B 396 -9.58 -14.77 -1.88
N GLU B 397 -10.30 -13.91 -1.18
CA GLU B 397 -10.46 -14.07 0.27
C GLU B 397 -11.28 -15.29 0.62
N PHE B 398 -10.84 -16.03 1.62
CA PHE B 398 -11.65 -17.09 2.21
C PHE B 398 -12.31 -16.52 3.44
N PHE B 399 -13.53 -16.04 3.26
CA PHE B 399 -14.26 -15.33 4.31
C PHE B 399 -15.05 -16.36 5.06
N LYS B 400 -14.72 -16.62 6.33
CA LYS B 400 -15.32 -17.77 7.01
C LYS B 400 -16.04 -17.44 8.31
N VAL B 401 -16.09 -16.16 8.68
CA VAL B 401 -16.93 -15.70 9.79
C VAL B 401 -17.07 -14.16 9.77
N MET C 1 34.46 -30.36 -29.74
CA MET C 1 33.17 -29.61 -29.75
C MET C 1 33.09 -28.69 -30.96
N LYS C 2 32.12 -28.95 -31.84
CA LYS C 2 31.81 -28.06 -32.96
C LYS C 2 31.05 -26.83 -32.47
N ALA C 3 31.13 -25.74 -33.22
CA ALA C 3 30.34 -24.55 -32.94
C ALA C 3 29.84 -23.89 -34.21
N PHE C 4 28.62 -23.36 -34.14
CA PHE C 4 28.00 -22.69 -35.27
C PHE C 4 27.55 -21.28 -34.94
N ILE C 5 27.94 -20.33 -35.78
CA ILE C 5 27.47 -18.94 -35.67
C ILE C 5 26.39 -18.67 -36.73
N LEU C 6 25.19 -18.31 -36.28
CA LEU C 6 24.06 -18.11 -37.19
C LEU C 6 24.02 -16.67 -37.69
N ALA C 7 24.31 -16.49 -38.98
CA ALA C 7 24.55 -15.16 -39.56
C ALA C 7 23.91 -14.99 -40.94
N ALA C 8 22.71 -15.53 -41.11
CA ALA C 8 22.06 -15.59 -42.42
C ALA C 8 20.68 -14.93 -42.41
N GLY C 9 20.48 -14.04 -41.46
CA GLY C 9 19.52 -12.97 -41.61
C GLY C 9 19.98 -12.01 -42.69
N SER C 10 19.04 -11.38 -43.37
CA SER C 10 19.26 -10.04 -43.89
C SER C 10 18.78 -9.18 -42.76
N GLY C 11 19.70 -8.70 -41.94
CA GLY C 11 19.37 -7.74 -40.90
C GLY C 11 18.65 -6.54 -41.47
N GLU C 12 17.35 -6.72 -41.70
CA GLU C 12 16.51 -5.66 -42.23
C GLU C 12 16.38 -4.55 -41.21
N ARG C 13 16.27 -4.94 -39.93
CA ARG C 13 16.06 -3.96 -38.85
C ARG C 13 17.27 -3.06 -38.66
N LEU C 14 18.42 -3.46 -39.22
CA LEU C 14 19.67 -2.73 -39.09
C LEU C 14 20.03 -1.93 -40.35
N GLU C 15 19.08 -1.83 -41.27
CA GLU C 15 19.24 -0.94 -42.41
C GLU C 15 19.31 0.51 -41.91
N PRO C 16 20.13 1.34 -42.56
CA PRO C 16 20.69 1.08 -43.88
C PRO C 16 22.07 0.44 -43.81
N ILE C 17 22.58 0.21 -42.60
CA ILE C 17 23.93 -0.29 -42.45
C ILE C 17 24.10 -1.57 -43.28
N THR C 18 23.06 -2.39 -43.28
CA THR C 18 23.14 -3.74 -43.81
C THR C 18 22.89 -3.79 -45.33
N HIS C 19 22.63 -2.64 -45.93
CA HIS C 19 22.53 -2.55 -47.40
C HIS C 19 23.84 -2.97 -48.04
N THR C 20 24.94 -2.80 -47.30
CA THR C 20 26.28 -2.97 -47.88
C THR C 20 27.22 -3.89 -47.11
N ARG C 21 26.77 -4.40 -45.97
CA ARG C 21 27.57 -5.37 -45.22
C ARG C 21 26.64 -6.26 -44.42
N PRO C 22 27.02 -7.53 -44.27
CA PRO C 22 26.33 -8.40 -43.31
C PRO C 22 26.48 -7.88 -41.89
N LYS C 23 25.45 -8.11 -41.07
CA LYS C 23 25.48 -7.63 -39.70
C LYS C 23 26.71 -8.16 -38.96
N ALA C 24 27.26 -9.27 -39.45
CA ALA C 24 28.43 -9.88 -38.83
C ALA C 24 29.68 -8.99 -38.88
N PHE C 25 29.71 -8.05 -39.81
CA PHE C 25 30.86 -7.16 -39.95
C PHE C 25 30.56 -5.72 -39.55
N VAL C 26 29.50 -5.54 -38.76
CA VAL C 26 29.30 -4.28 -38.06
C VAL C 26 30.53 -4.01 -37.22
N PRO C 27 31.20 -2.86 -37.46
CA PRO C 27 32.40 -2.56 -36.71
C PRO C 27 32.09 -2.18 -35.26
N ILE C 28 32.82 -2.80 -34.34
CA ILE C 28 32.93 -2.32 -32.98
C ILE C 28 34.38 -1.92 -32.75
N LEU C 29 34.61 -0.60 -32.74
CA LEU C 29 35.93 -0.02 -32.90
C LEU C 29 36.58 -0.50 -34.21
N SER C 30 37.77 -1.08 -34.14
CA SER C 30 38.47 -1.55 -35.33
C SER C 30 37.99 -2.94 -35.83
N LYS C 31 37.35 -3.72 -34.97
CA LYS C 31 37.06 -5.14 -35.27
C LYS C 31 35.59 -5.38 -35.55
N PRO C 32 35.27 -6.26 -36.52
CA PRO C 32 33.89 -6.63 -36.81
C PRO C 32 33.26 -7.49 -35.74
N LEU C 33 31.95 -7.39 -35.59
CA LEU C 33 31.23 -8.13 -34.56
C LEU C 33 31.62 -9.62 -34.48
N ILE C 34 31.70 -10.28 -35.63
CA ILE C 34 31.91 -11.73 -35.65
C ILE C 34 33.28 -12.13 -35.13
N GLU C 35 34.27 -11.24 -35.30
CA GLU C 35 35.64 -11.49 -34.84
C GLU C 35 35.70 -11.57 -33.31
N TYR C 36 34.95 -10.72 -32.63
CA TYR C 36 34.80 -10.82 -31.18
C TYR C 36 34.22 -12.17 -30.76
N GLN C 37 33.27 -12.69 -31.55
CA GLN C 37 32.65 -13.97 -31.26
C GLN C 37 33.68 -15.10 -31.39
N ILE C 38 34.27 -15.21 -32.57
CA ILE C 38 35.30 -16.21 -32.84
C ILE C 38 36.39 -16.13 -31.79
N GLU C 39 36.88 -14.92 -31.54
CA GLU C 39 37.88 -14.67 -30.52
C GLU C 39 37.51 -15.29 -29.19
N TYR C 40 36.28 -15.06 -28.75
CA TYR C 40 35.85 -15.47 -27.40
C TYR C 40 35.48 -16.96 -27.35
N LEU C 41 35.05 -17.53 -28.47
CA LEU C 41 34.91 -18.98 -28.60
C LEU C 41 36.26 -19.69 -28.38
N ARG C 42 37.30 -19.20 -29.05
CA ARG C 42 38.63 -19.81 -28.96
C ARG C 42 39.21 -19.78 -27.55
N LYS C 43 38.90 -18.73 -26.79
CA LYS C 43 39.24 -18.68 -25.38
C LYS C 43 38.62 -19.85 -24.59
N CYS C 44 37.68 -20.57 -25.19
CA CYS C 44 37.14 -21.83 -24.63
C CYS C 44 37.71 -23.08 -25.32
N GLY C 45 38.37 -22.87 -26.46
CA GLY C 45 39.23 -23.88 -27.06
C GLY C 45 38.67 -24.51 -28.32
N ILE C 46 37.73 -23.82 -28.97
CA ILE C 46 36.69 -24.48 -29.76
C ILE C 46 37.19 -24.85 -31.14
N ARG C 47 37.99 -23.98 -31.76
CA ARG C 47 38.80 -24.35 -32.91
C ARG C 47 37.99 -24.63 -34.19
N ASP C 48 37.06 -25.59 -34.13
CA ASP C 48 36.18 -25.86 -35.27
C ASP C 48 34.94 -24.97 -35.23
N ILE C 49 35.04 -23.81 -35.88
CA ILE C 49 33.95 -22.85 -35.93
C ILE C 49 33.38 -22.78 -37.35
N THR C 50 32.05 -22.83 -37.45
CA THR C 50 31.38 -22.66 -38.72
C THR C 50 30.37 -21.52 -38.64
N VAL C 51 30.34 -20.70 -39.69
CA VAL C 51 29.35 -19.62 -39.80
C VAL C 51 28.30 -19.97 -40.86
N ILE C 52 27.03 -20.02 -40.44
CA ILE C 52 25.92 -20.18 -41.38
C ILE C 52 25.54 -18.83 -41.93
N VAL C 53 25.76 -18.65 -43.23
CA VAL C 53 25.47 -17.40 -43.90
C VAL C 53 24.42 -17.63 -44.98
N SER C 54 24.00 -16.55 -45.62
CA SER C 54 23.12 -16.65 -46.77
C SER C 54 23.95 -16.36 -48.00
N SER C 55 24.04 -17.35 -48.88
CA SER C 55 24.42 -17.10 -50.27
C SER C 55 23.41 -16.16 -50.90
N LYS C 56 23.86 -15.26 -51.77
CA LYS C 56 25.01 -14.41 -51.52
C LYS C 56 24.48 -13.31 -50.61
N ASN C 57 25.07 -13.16 -49.42
CA ASN C 57 26.48 -12.78 -49.26
C ASN C 57 27.36 -13.90 -48.69
N LYS C 58 27.68 -14.87 -49.54
CA LYS C 58 28.43 -16.04 -49.12
C LYS C 58 29.86 -15.68 -48.75
N GLU C 59 30.27 -14.45 -49.03
CA GLU C 59 30.54 -14.00 -50.39
C GLU C 59 31.97 -13.48 -50.46
N TYR C 60 32.16 -12.19 -50.22
CA TYR C 60 32.16 -11.54 -48.88
C TYR C 60 32.79 -12.32 -47.71
N PHE C 61 31.96 -12.98 -46.90
CA PHE C 61 32.47 -13.75 -45.76
C PHE C 61 33.76 -14.49 -46.08
N GLU C 62 33.83 -15.07 -47.29
CA GLU C 62 35.02 -15.79 -47.75
C GLU C 62 36.21 -14.84 -47.86
N LYS C 63 36.01 -13.69 -48.52
CA LYS C 63 37.05 -12.64 -48.57
C LYS C 63 37.51 -12.21 -47.19
N LYS C 64 36.58 -12.12 -46.24
CA LYS C 64 36.86 -11.54 -44.92
C LYS C 64 37.41 -12.55 -43.93
N LEU C 65 37.08 -13.82 -44.11
CA LEU C 65 37.40 -14.86 -43.11
C LEU C 65 38.09 -16.06 -43.75
N LYS C 66 39.36 -16.24 -43.41
CA LYS C 66 39.98 -17.56 -43.37
C LYS C 66 40.90 -17.58 -42.14
N GLU C 67 40.92 -18.68 -41.37
CA GLU C 67 40.40 -19.97 -41.80
C GLU C 67 39.25 -20.40 -40.94
N ILE C 68 38.04 -20.11 -41.42
CA ILE C 68 36.81 -20.52 -40.76
C ILE C 68 35.82 -21.06 -41.78
N SER C 69 35.00 -22.02 -41.37
CA SER C 69 34.07 -22.68 -42.30
C SER C 69 32.90 -21.77 -42.62
N ILE C 70 32.72 -21.47 -43.90
CA ILE C 70 31.56 -20.73 -44.35
C ILE C 70 30.60 -21.66 -45.09
N VAL C 71 29.38 -21.75 -44.57
CA VAL C 71 28.37 -22.66 -45.10
C VAL C 71 27.07 -21.90 -45.27
N THR C 72 26.43 -22.05 -46.42
CA THR C 72 25.23 -21.28 -46.73
C THR C 72 23.98 -21.93 -46.12
N GLN C 73 22.86 -21.22 -46.20
CA GLN C 73 21.57 -21.71 -45.72
C GLN C 73 20.73 -22.16 -46.91
N LYS C 74 19.74 -23.01 -46.66
CA LYS C 74 18.81 -23.41 -47.73
C LYS C 74 17.83 -22.29 -48.07
N ASP C 75 17.61 -22.11 -49.36
CA ASP C 75 17.05 -20.86 -49.89
C ASP C 75 15.52 -20.83 -49.87
N ASP C 76 14.90 -22.01 -49.85
CA ASP C 76 13.45 -22.12 -49.64
C ASP C 76 12.97 -21.36 -48.41
N ILE C 77 13.22 -21.90 -47.22
CA ILE C 77 12.60 -21.40 -46.00
C ILE C 77 13.61 -20.68 -45.12
N LYS C 78 13.18 -19.57 -44.52
CA LYS C 78 14.00 -18.74 -43.63
C LYS C 78 13.87 -19.17 -42.17
N GLY C 79 14.77 -18.67 -41.33
CA GLY C 79 14.68 -18.82 -39.88
C GLY C 79 15.95 -19.38 -39.26
N THR C 80 16.13 -19.11 -37.97
CA THR C 80 17.23 -19.71 -37.21
C THR C 80 17.15 -21.23 -37.26
N GLY C 81 15.93 -21.76 -37.26
CA GLY C 81 15.72 -23.19 -37.42
C GLY C 81 16.26 -23.67 -38.76
N ALA C 82 15.96 -22.93 -39.82
CA ALA C 82 16.42 -23.29 -41.16
C ALA C 82 17.95 -23.22 -41.25
N ALA C 83 18.54 -22.40 -40.39
CA ALA C 83 19.99 -22.20 -40.39
C ALA C 83 20.75 -23.45 -39.96
N ILE C 84 20.40 -24.02 -38.80
CA ILE C 84 21.09 -25.24 -38.32
C ILE C 84 20.75 -26.51 -39.13
N LEU C 85 19.66 -26.49 -39.89
CA LEU C 85 19.39 -27.60 -40.82
C LEU C 85 20.49 -27.74 -41.87
N SER C 86 21.16 -26.64 -42.18
CA SER C 86 22.32 -26.64 -43.08
C SER C 86 23.61 -26.96 -42.32
N ALA C 87 23.57 -26.82 -41.00
CA ALA C 87 24.69 -27.19 -40.13
C ALA C 87 24.78 -28.69 -39.97
N LYS C 88 25.97 -29.24 -40.25
CA LYS C 88 26.19 -30.68 -40.16
C LYS C 88 27.01 -31.01 -38.92
N PHE C 89 26.34 -31.57 -37.91
CA PHE C 89 27.01 -32.07 -36.72
C PHE C 89 26.36 -33.33 -36.14
N ASN C 90 27.20 -34.30 -35.81
CA ASN C 90 26.81 -35.43 -34.99
C ASN C 90 27.15 -35.20 -33.51
N ASP C 91 26.22 -35.63 -32.65
CA ASP C 91 26.43 -35.67 -31.21
C ASP C 91 26.03 -34.33 -30.54
N GLU C 92 26.97 -33.42 -30.29
CA GLU C 92 26.64 -32.10 -29.75
C GLU C 92 27.15 -30.97 -30.65
N ALA C 93 26.70 -29.75 -30.36
CA ALA C 93 27.30 -28.54 -30.92
C ALA C 93 27.01 -27.34 -30.03
N LEU C 94 27.81 -26.29 -30.18
CA LEU C 94 27.51 -24.96 -29.63
C LEU C 94 26.91 -24.05 -30.71
N ILE C 95 25.67 -23.63 -30.51
CA ILE C 95 25.02 -22.70 -31.44
C ILE C 95 24.97 -21.30 -30.81
N ILE C 96 25.41 -20.31 -31.56
CA ILE C 96 25.45 -18.94 -31.09
C ILE C 96 24.89 -17.98 -32.16
N ASN C 97 23.95 -17.12 -31.75
CA ASN C 97 23.34 -16.15 -32.67
C ASN C 97 24.36 -15.10 -33.11
N GLY C 98 24.45 -14.90 -34.41
CA GLY C 98 25.54 -14.12 -35.00
C GLY C 98 25.36 -12.62 -34.88
N ASP C 99 24.37 -12.22 -34.08
CA ASP C 99 24.10 -10.83 -33.86
C ASP C 99 24.28 -10.44 -32.39
N LEU C 100 25.04 -11.25 -31.67
CA LEU C 100 25.26 -11.03 -30.24
C LEU C 100 26.62 -10.42 -30.02
N PHE C 101 26.70 -9.49 -29.08
CA PHE C 101 27.96 -9.12 -28.48
C PHE C 101 27.94 -9.46 -26.99
N PHE C 102 28.94 -10.20 -26.55
CA PHE C 102 29.09 -10.54 -25.13
C PHE C 102 30.54 -10.36 -24.68
N SER C 103 30.73 -9.92 -23.43
CA SER C 103 32.03 -9.47 -22.95
C SER C 103 32.90 -10.66 -22.56
N ASN C 104 32.52 -11.37 -21.51
CA ASN C 104 33.26 -12.55 -21.06
C ASN C 104 32.81 -13.80 -21.82
N GLU C 105 33.69 -14.80 -21.85
CA GLU C 105 33.42 -16.06 -22.52
C GLU C 105 33.19 -17.21 -21.54
N LYS C 106 33.13 -16.87 -20.25
CA LYS C 106 33.27 -17.86 -19.18
C LYS C 106 32.10 -18.84 -19.13
N GLU C 107 30.92 -18.38 -19.51
CA GLU C 107 29.72 -19.21 -19.46
C GLU C 107 29.65 -20.15 -20.67
N ILE C 108 30.22 -19.73 -21.79
CA ILE C 108 30.35 -20.59 -22.95
C ILE C 108 31.34 -21.72 -22.66
N CYS C 109 32.48 -21.36 -22.08
CA CYS C 109 33.46 -22.35 -21.62
C CYS C 109 32.78 -23.36 -20.70
N ASN C 110 32.04 -22.85 -19.73
CA ASN C 110 31.33 -23.69 -18.76
C ASN C 110 30.25 -24.58 -19.41
N ILE C 111 29.49 -24.02 -20.35
CA ILE C 111 28.33 -24.73 -20.89
C ILE C 111 28.71 -25.91 -21.79
N ILE C 112 29.93 -25.90 -22.32
CA ILE C 112 30.32 -26.94 -23.27
C ILE C 112 30.84 -28.20 -22.57
N THR C 113 31.07 -28.10 -21.26
CA THR C 113 31.43 -29.26 -20.46
C THR C 113 30.23 -30.18 -20.27
N LEU C 114 29.06 -29.58 -20.05
CA LEU C 114 27.83 -30.34 -19.78
C LEU C 114 27.49 -31.25 -20.96
N LYS C 115 26.75 -32.32 -20.70
CA LYS C 115 26.32 -33.23 -21.76
C LYS C 115 24.81 -33.22 -21.94
N GLU C 116 24.10 -32.59 -21.01
CA GLU C 116 22.69 -32.26 -21.22
C GLU C 116 22.60 -31.10 -22.23
N ASN C 117 21.44 -30.97 -22.86
CA ASN C 117 21.08 -29.74 -23.54
C ASN C 117 21.04 -28.58 -22.56
N ALA C 118 21.74 -27.50 -22.88
CA ALA C 118 21.75 -26.31 -22.03
C ALA C 118 21.77 -25.05 -22.87
N ILE C 119 21.14 -24.00 -22.33
CA ILE C 119 21.11 -22.69 -22.98
C ILE C 119 21.45 -21.62 -21.97
N ILE C 120 21.96 -20.50 -22.46
CA ILE C 120 22.25 -19.38 -21.59
C ILE C 120 21.11 -18.37 -21.59
N GLY C 121 20.78 -17.89 -20.39
CA GLY C 121 19.81 -16.82 -20.21
C GLY C 121 20.47 -15.59 -19.63
N VAL C 122 19.84 -14.44 -19.79
CA VAL C 122 20.43 -13.18 -19.37
C VAL C 122 19.33 -12.23 -18.89
N LYS C 123 19.60 -11.51 -17.80
CA LYS C 123 18.65 -10.57 -17.26
C LYS C 123 18.78 -9.23 -17.98
N VAL C 124 17.64 -8.65 -18.32
CA VAL C 124 17.61 -7.35 -19.00
C VAL C 124 16.52 -6.47 -18.37
N SER C 125 16.58 -5.18 -18.65
CA SER C 125 15.58 -4.23 -18.16
C SER C 125 14.30 -4.23 -19.00
N ASN C 126 14.38 -4.74 -20.23
CA ASN C 126 13.24 -4.71 -21.15
C ASN C 126 12.94 -6.09 -21.72
N PRO C 127 12.43 -7.00 -20.87
CA PRO C 127 12.19 -8.38 -21.28
C PRO C 127 10.98 -8.56 -22.19
N LYS C 128 10.20 -7.49 -22.35
CA LYS C 128 8.95 -7.55 -23.10
C LYS C 128 9.24 -7.62 -24.60
N ASP C 129 10.41 -7.11 -25.00
CA ASP C 129 11.10 -7.57 -26.20
C ASP C 129 11.92 -8.80 -25.82
N TYR C 130 12.46 -9.50 -26.81
CA TYR C 130 13.18 -10.76 -26.56
C TYR C 130 12.27 -11.88 -26.04
N GLY C 131 12.77 -13.11 -26.12
CA GLY C 131 12.05 -14.28 -25.61
C GLY C 131 12.40 -14.57 -24.16
N VAL C 132 11.40 -14.48 -23.29
CA VAL C 132 11.57 -14.76 -21.85
C VAL C 132 11.65 -16.26 -21.56
N LEU C 133 12.65 -16.64 -20.78
CA LEU C 133 12.75 -18.00 -20.25
C LEU C 133 11.90 -18.12 -18.97
N VAL C 134 10.85 -18.93 -19.05
CA VAL C 134 10.18 -19.42 -17.84
C VAL C 134 10.80 -20.74 -17.40
N LEU C 135 11.12 -20.83 -16.11
CA LEU C 135 11.78 -22.00 -15.56
C LEU C 135 10.79 -22.84 -14.76
N ASP C 136 11.10 -24.13 -14.59
CA ASP C 136 10.36 -24.98 -13.66
C ASP C 136 10.98 -24.91 -12.25
N ASN C 137 10.47 -25.75 -11.34
CA ASN C 137 10.89 -25.73 -9.94
C ASN C 137 12.31 -26.23 -9.68
N GLN C 138 12.94 -26.79 -10.70
CA GLN C 138 14.32 -27.24 -10.62
C GLN C 138 15.24 -26.46 -11.59
N ASN C 139 14.83 -25.24 -11.92
CA ASN C 139 15.55 -24.37 -12.87
C ASN C 139 16.06 -25.08 -14.12
N ASN C 140 15.16 -25.74 -14.82
CA ASN C 140 15.36 -26.09 -16.21
C ASN C 140 14.32 -25.39 -17.10
N LEU C 141 14.52 -25.47 -18.40
CA LEU C 141 13.66 -24.74 -19.32
C LEU C 141 12.26 -25.35 -19.31
N SER C 142 11.30 -24.65 -18.71
CA SER C 142 9.88 -24.90 -19.00
C SER C 142 9.54 -24.56 -20.45
N LYS C 143 9.49 -23.27 -20.77
CA LYS C 143 9.34 -22.83 -22.17
C LYS C 143 9.94 -21.44 -22.40
N ILE C 144 10.13 -21.10 -23.68
CA ILE C 144 10.52 -19.76 -24.08
C ILE C 144 9.29 -19.05 -24.63
N ILE C 145 8.77 -18.07 -23.91
CA ILE C 145 7.70 -17.20 -24.41
C ILE C 145 8.26 -16.04 -25.22
N GLU C 146 7.76 -15.87 -26.43
CA GLU C 146 8.17 -14.73 -27.27
C GLU C 146 7.40 -13.45 -26.90
N LYS C 147 8.14 -12.37 -26.67
CA LYS C 147 7.58 -11.03 -26.42
C LYS C 147 6.25 -11.02 -25.66
N PRO C 148 6.29 -11.35 -24.35
CA PRO C 148 5.09 -11.76 -23.63
C PRO C 148 4.13 -10.63 -23.24
N GLU C 149 4.61 -9.38 -23.15
CA GLU C 149 3.77 -8.25 -22.71
C GLU C 149 3.49 -8.32 -21.20
N ILE C 150 3.27 -9.53 -20.69
CA ILE C 150 3.11 -9.76 -19.26
C ILE C 150 4.27 -10.62 -18.77
N PRO C 151 5.47 -10.02 -18.67
CA PRO C 151 6.70 -10.81 -18.56
C PRO C 151 6.85 -11.48 -17.20
N PRO C 152 6.84 -12.82 -17.16
CA PRO C 152 6.97 -13.57 -15.90
C PRO C 152 8.20 -13.19 -15.09
N SER C 153 9.33 -12.98 -15.77
CA SER C 153 10.57 -12.56 -15.11
C SER C 153 11.40 -11.70 -16.05
N ASN C 154 12.57 -11.30 -15.57
CA ASN C 154 13.51 -10.50 -16.36
C ASN C 154 14.53 -11.35 -17.11
N LEU C 155 14.47 -12.65 -16.94
CA LEU C 155 15.44 -13.57 -17.50
C LEU C 155 15.03 -13.97 -18.93
N ILE C 156 15.83 -13.55 -19.91
CA ILE C 156 15.51 -13.78 -21.33
C ILE C 156 16.56 -14.65 -22.02
N ASN C 157 16.23 -15.08 -23.24
CA ASN C 157 17.11 -15.98 -24.01
C ASN C 157 18.31 -15.26 -24.57
N ALA C 158 19.49 -15.62 -24.09
CA ALA C 158 20.72 -14.91 -24.45
C ALA C 158 21.23 -15.33 -25.84
N GLY C 159 20.64 -16.36 -26.42
CA GLY C 159 20.99 -16.78 -27.78
C GLY C 159 22.30 -17.55 -27.92
N ILE C 160 22.85 -18.03 -26.81
CA ILE C 160 23.86 -19.08 -26.83
C ILE C 160 23.25 -20.41 -26.40
N TYR C 161 23.29 -21.40 -27.28
CA TYR C 161 22.77 -22.74 -27.00
C TYR C 161 23.89 -23.80 -27.07
N LYS C 162 23.80 -24.80 -26.19
CA LYS C 162 24.47 -26.08 -26.40
C LYS C 162 23.43 -27.19 -26.61
N LEU C 163 23.46 -27.82 -27.78
CA LEU C 163 22.36 -28.68 -28.21
C LEU C 163 22.86 -29.98 -28.82
N ASN C 164 22.11 -31.06 -28.58
CA ASN C 164 22.43 -32.37 -29.12
C ASN C 164 21.69 -32.65 -30.42
N SER C 165 22.02 -33.76 -31.08
CA SER C 165 21.46 -34.02 -32.40
C SER C 165 19.95 -34.21 -32.34
N ASP C 166 19.40 -34.25 -31.13
CA ASP C 166 17.97 -34.47 -30.95
C ASP C 166 17.15 -33.29 -31.47
N ILE C 167 17.78 -32.13 -31.55
CA ILE C 167 17.07 -30.93 -32.00
C ILE C 167 16.59 -31.11 -33.44
N PHE C 168 17.36 -31.85 -34.25
CA PHE C 168 17.00 -32.06 -35.66
C PHE C 168 15.68 -32.79 -35.76
N THR C 169 15.42 -33.69 -34.81
CA THR C 169 14.14 -34.37 -34.69
C THR C 169 13.04 -33.35 -34.46
N TYR C 170 13.21 -32.52 -33.45
CA TYR C 170 12.19 -31.54 -33.07
C TYR C 170 12.01 -30.45 -34.14
N LEU C 171 13.07 -30.20 -34.91
CA LEU C 171 13.00 -29.24 -36.01
C LEU C 171 12.04 -29.69 -37.11
N ASP C 172 11.95 -30.99 -37.35
CA ASP C 172 11.00 -31.54 -38.33
C ASP C 172 9.58 -31.57 -37.77
N LYS C 173 9.45 -31.79 -36.47
CA LYS C 173 8.15 -31.79 -35.81
C LYS C 173 7.44 -30.45 -36.02
N ILE C 174 8.11 -29.37 -35.64
CA ILE C 174 7.47 -28.04 -35.63
C ILE C 174 7.43 -27.46 -37.04
N SER C 175 6.44 -26.61 -37.29
CA SER C 175 6.23 -26.02 -38.61
C SER C 175 6.25 -24.49 -38.57
N ILE C 176 6.00 -23.86 -39.72
CA ILE C 176 6.29 -22.44 -39.92
C ILE C 176 5.52 -21.53 -38.96
N SER C 177 6.20 -20.46 -38.50
CA SER C 177 5.65 -19.53 -37.52
C SER C 177 4.83 -18.43 -38.19
N GLU C 178 4.26 -17.54 -37.37
CA GLU C 178 3.42 -16.44 -37.86
C GLU C 178 4.10 -15.54 -38.89
N ARG C 179 5.42 -15.39 -38.76
CA ARG C 179 6.18 -14.51 -39.66
C ARG C 179 6.89 -15.28 -40.78
N GLY C 180 6.46 -16.50 -41.04
CA GLY C 180 6.89 -17.24 -42.22
C GLY C 180 8.27 -17.87 -42.06
N GLU C 181 8.64 -18.20 -40.83
CA GLU C 181 10.00 -18.63 -40.50
C GLU C 181 9.98 -19.92 -39.69
N LEU C 182 11.11 -20.62 -39.69
CA LEU C 182 11.15 -21.93 -39.03
C LEU C 182 11.26 -21.92 -37.48
N GLU C 183 11.87 -20.88 -36.92
CA GLU C 183 12.11 -20.75 -35.45
C GLU C 183 12.75 -21.96 -34.74
N LEU C 184 14.06 -21.85 -34.51
CA LEU C 184 14.77 -22.75 -33.60
C LEU C 184 14.23 -22.72 -32.16
N THR C 185 13.79 -21.56 -31.68
CA THR C 185 13.18 -21.44 -30.35
C THR C 185 11.97 -22.36 -30.15
N ASP C 186 11.22 -22.64 -31.23
CA ASP C 186 10.12 -23.59 -31.17
C ASP C 186 10.62 -25.00 -30.98
N ALA C 187 11.68 -25.35 -31.71
CA ALA C 187 12.32 -26.66 -31.60
C ALA C 187 12.82 -26.89 -30.17
N ILE C 188 13.55 -25.91 -29.64
CA ILE C 188 14.01 -26.00 -28.26
C ILE C 188 12.85 -26.13 -27.28
N ASN C 189 11.72 -25.49 -27.58
CA ASN C 189 10.53 -25.54 -26.72
C ASN C 189 9.92 -26.94 -26.65
N LEU C 190 9.92 -27.65 -27.79
CA LEU C 190 9.52 -29.05 -27.82
C LEU C 190 10.51 -29.92 -27.07
N MET C 191 11.79 -29.77 -27.42
CA MET C 191 12.87 -30.51 -26.76
C MET C 191 12.76 -30.44 -25.23
N ALA C 192 12.24 -29.34 -24.69
CA ALA C 192 12.19 -29.14 -23.25
C ALA C 192 10.91 -29.70 -22.61
N LYS C 193 10.15 -30.48 -23.37
CA LYS C 193 8.88 -31.05 -22.91
C LYS C 193 8.79 -32.60 -22.73
N ASP C 194 9.90 -33.34 -22.72
CA ASP C 194 11.19 -32.85 -22.32
C ASP C 194 12.32 -33.85 -22.46
N HIS C 195 13.47 -33.36 -22.93
CA HIS C 195 14.72 -33.47 -22.20
C HIS C 195 14.73 -32.43 -21.05
N ARG C 196 15.46 -32.71 -19.99
CA ARG C 196 15.88 -31.64 -19.08
C ARG C 196 16.84 -30.72 -19.83
N VAL C 197 16.49 -29.42 -19.88
CA VAL C 197 17.34 -28.43 -20.53
C VAL C 197 17.80 -27.38 -19.52
N LYS C 198 19.13 -27.28 -19.34
CA LYS C 198 19.70 -26.51 -18.24
C LYS C 198 19.82 -25.05 -18.65
N VAL C 199 19.54 -24.16 -17.70
CA VAL C 199 19.59 -22.72 -17.96
C VAL C 199 20.66 -22.07 -17.08
N ILE C 200 21.79 -21.70 -17.71
CA ILE C 200 22.86 -20.97 -17.04
C ILE C 200 22.64 -19.47 -17.19
N GLU C 201 22.66 -18.74 -16.08
CA GLU C 201 22.55 -17.29 -16.10
C GLU C 201 23.88 -16.65 -16.52
N TYR C 202 23.80 -15.66 -17.40
CA TYR C 202 24.98 -14.96 -17.89
C TYR C 202 25.38 -13.84 -16.94
N GLU C 203 26.68 -13.57 -16.84
CA GLU C 203 27.18 -12.60 -15.87
C GLU C 203 27.36 -11.20 -16.49
N GLY C 204 28.17 -11.11 -17.54
CA GLY C 204 28.79 -9.84 -17.92
C GLY C 204 27.93 -8.88 -18.74
N TYR C 205 28.55 -8.26 -19.74
CA TYR C 205 27.83 -7.37 -20.65
C TYR C 205 27.27 -8.16 -21.83
N TRP C 206 26.01 -7.85 -22.17
CA TRP C 206 25.29 -8.57 -23.22
C TRP C 206 24.47 -7.57 -24.05
N MET C 207 24.49 -7.76 -25.37
CA MET C 207 23.75 -6.90 -26.28
C MET C 207 23.59 -7.65 -27.59
N ASP C 208 22.37 -7.68 -28.11
CA ASP C 208 22.14 -8.00 -29.52
C ASP C 208 22.07 -6.73 -30.35
N ILE C 209 22.56 -6.83 -31.58
CA ILE C 209 22.62 -5.68 -32.46
C ILE C 209 21.48 -5.80 -33.48
N GLY C 210 20.28 -5.47 -33.02
CA GLY C 210 19.08 -5.56 -33.84
C GLY C 210 18.77 -4.28 -34.58
N LYS C 211 18.70 -3.18 -33.84
CA LYS C 211 18.37 -1.87 -34.41
C LYS C 211 19.62 -0.99 -34.46
N PRO C 212 19.64 0.01 -35.37
CA PRO C 212 20.85 0.73 -35.71
C PRO C 212 21.52 1.44 -34.53
N TRP C 213 20.72 1.92 -33.59
CA TRP C 213 21.25 2.65 -32.44
C TRP C 213 21.97 1.75 -31.44
N ASN C 214 21.79 0.45 -31.57
CA ASN C 214 22.63 -0.50 -30.85
C ASN C 214 24.09 -0.49 -31.31
N ILE C 215 24.34 -0.09 -32.56
CA ILE C 215 25.71 0.08 -33.03
C ILE C 215 26.40 1.12 -32.15
N ILE C 216 25.67 2.16 -31.78
CA ILE C 216 26.20 3.15 -30.84
C ILE C 216 26.43 2.50 -29.48
N ASP C 217 25.41 1.78 -29.01
CA ASP C 217 25.45 1.18 -27.67
C ASP C 217 26.73 0.37 -27.44
N VAL C 218 26.95 -0.68 -28.24
CA VAL C 218 28.10 -1.55 -28.02
C VAL C 218 29.43 -0.79 -28.18
N ASN C 219 29.47 0.17 -29.10
CA ASN C 219 30.71 0.89 -29.38
C ASN C 219 31.08 1.80 -28.22
N LYS C 220 30.07 2.38 -27.58
CA LYS C 220 30.30 3.10 -26.33
C LYS C 220 30.88 2.17 -25.28
N TRP C 221 30.27 1.01 -25.12
CA TRP C 221 30.71 0.03 -24.14
C TRP C 221 32.14 -0.43 -24.40
N ALA C 222 32.43 -0.73 -25.66
CA ALA C 222 33.76 -1.20 -26.05
C ALA C 222 34.80 -0.13 -25.73
N LEU C 223 34.48 1.13 -26.06
CA LEU C 223 35.38 2.24 -25.80
C LEU C 223 35.60 2.45 -24.31
N ASP C 224 34.59 2.13 -23.51
CA ASP C 224 34.70 2.23 -22.06
C ASP C 224 35.46 1.07 -21.39
N ASN C 225 35.51 -0.10 -22.03
CA ASN C 225 35.89 -1.33 -21.36
C ASN C 225 37.05 -2.09 -22.00
N LEU C 226 37.17 -2.04 -23.32
CA LEU C 226 38.10 -2.90 -24.05
C LEU C 226 39.41 -2.22 -24.48
N VAL C 227 39.48 -0.88 -24.35
CA VAL C 227 40.67 -0.15 -24.79
C VAL C 227 40.99 1.02 -23.87
N PHE C 228 42.24 1.50 -23.95
CA PHE C 228 42.78 2.41 -22.96
C PHE C 228 43.62 3.50 -23.61
N SER C 229 43.66 4.66 -22.95
CA SER C 229 44.40 5.84 -23.46
C SER C 229 45.75 5.46 -24.07
N GLN C 230 45.94 5.76 -25.35
CA GLN C 230 47.22 5.57 -26.00
C GLN C 230 47.31 6.42 -27.26
N ASN C 231 48.51 6.52 -27.83
CA ASN C 231 48.74 7.30 -29.04
C ASN C 231 49.84 6.73 -29.90
N LEU C 232 49.43 5.88 -30.83
CA LEU C 232 50.35 5.34 -31.83
C LEU C 232 50.42 6.20 -33.08
N GLY C 233 49.79 7.36 -33.05
CA GLY C 233 49.75 8.24 -34.21
C GLY C 233 50.52 9.52 -33.98
N ASN C 234 50.17 10.54 -34.74
CA ASN C 234 50.85 11.83 -34.68
C ASN C 234 49.90 12.97 -34.30
N VAL C 235 50.30 13.77 -33.32
CA VAL C 235 49.53 14.94 -32.91
C VAL C 235 50.37 16.20 -32.98
N GLU C 236 49.83 17.24 -33.61
CA GLU C 236 50.53 18.53 -33.74
C GLU C 236 50.35 19.37 -32.48
N ASP C 237 50.99 20.54 -32.47
CA ASP C 237 50.88 21.48 -31.35
C ASP C 237 49.49 22.12 -31.37
N ASN C 238 49.15 22.81 -30.28
CA ASN C 238 47.80 23.32 -30.03
C ASN C 238 46.71 22.31 -30.34
N VAL C 239 46.90 21.07 -29.88
CA VAL C 239 45.83 20.10 -29.83
C VAL C 239 45.55 19.77 -28.38
N LYS C 240 44.32 20.03 -27.95
CA LYS C 240 43.93 19.74 -26.57
C LYS C 240 43.32 18.35 -26.51
N ILE C 241 43.75 17.57 -25.54
CA ILE C 241 43.22 16.21 -25.36
C ILE C 241 42.85 15.98 -23.89
N LYS C 242 41.61 15.54 -23.66
CA LYS C 242 41.14 15.23 -22.32
C LYS C 242 40.48 13.85 -22.28
N GLY C 243 40.62 13.15 -21.16
CA GLY C 243 39.94 11.89 -20.96
C GLY C 243 40.50 10.80 -21.86
N LYS C 244 39.78 9.68 -21.92
CA LYS C 244 40.27 8.49 -22.62
C LYS C 244 40.29 8.78 -24.11
N VAL C 245 41.48 8.79 -24.70
CA VAL C 245 41.59 9.00 -26.14
C VAL C 245 42.55 7.99 -26.75
N ILE C 246 42.03 7.20 -27.70
CA ILE C 246 42.82 6.20 -28.38
C ILE C 246 43.13 6.68 -29.79
N ILE C 247 44.42 6.85 -30.09
CA ILE C 247 44.85 7.28 -31.39
C ILE C 247 45.66 6.17 -32.02
N GLU C 248 45.09 5.51 -33.02
CA GLU C 248 45.75 4.39 -33.69
C GLU C 248 46.79 4.89 -34.68
N GLU C 249 47.52 3.95 -35.29
CA GLU C 249 48.72 4.30 -36.03
C GLU C 249 48.38 5.00 -37.35
N ASP C 250 49.32 5.79 -37.85
CA ASP C 250 49.16 6.58 -39.07
C ASP C 250 47.99 7.56 -39.00
N ALA C 251 47.55 7.89 -37.79
CA ALA C 251 46.48 8.86 -37.63
C ALA C 251 47.10 10.23 -37.37
N GLU C 252 46.71 11.22 -38.17
CA GLU C 252 47.22 12.57 -38.03
C GLU C 252 46.15 13.43 -37.35
N ILE C 253 46.58 14.27 -36.42
CA ILE C 253 45.70 15.18 -35.74
C ILE C 253 46.31 16.57 -35.70
N LYS C 254 45.66 17.52 -36.36
CA LYS C 254 46.26 18.80 -36.67
C LYS C 254 45.87 19.87 -35.65
N SER C 255 46.66 20.94 -35.64
CA SER C 255 46.52 22.00 -34.66
C SER C 255 45.13 22.60 -34.62
N GLY C 256 44.70 22.98 -33.43
CA GLY C 256 43.38 23.60 -33.23
C GLY C 256 42.33 22.60 -32.82
N THR C 257 42.59 21.33 -33.08
CA THR C 257 41.70 20.27 -32.71
C THR C 257 41.57 20.17 -31.20
N TYR C 258 40.37 19.82 -30.76
CA TYR C 258 40.04 19.80 -29.35
C TYR C 258 39.24 18.53 -29.11
N ILE C 259 39.72 17.67 -28.22
CA ILE C 259 39.17 16.33 -28.06
C ILE C 259 38.77 16.08 -26.61
N GLU C 260 37.50 15.79 -26.40
CA GLU C 260 36.98 15.48 -25.06
C GLU C 260 36.49 14.04 -25.03
N GLY C 261 37.19 13.21 -24.27
CA GLY C 261 37.00 11.76 -24.32
C GLY C 261 35.75 11.32 -23.59
N PRO C 262 35.40 10.04 -23.72
CA PRO C 262 36.21 9.06 -24.44
C PRO C 262 36.05 9.14 -25.97
N VAL C 263 37.16 9.10 -26.69
CA VAL C 263 37.16 9.16 -28.15
C VAL C 263 38.03 8.06 -28.70
N TYR C 264 37.61 7.45 -29.81
CA TYR C 264 38.42 6.46 -30.52
C TYR C 264 38.69 6.94 -31.93
N ILE C 265 39.97 7.17 -32.24
CA ILE C 265 40.36 7.60 -33.57
C ILE C 265 41.11 6.51 -34.30
N GLY C 266 40.46 5.91 -35.29
CA GLY C 266 40.97 4.70 -35.93
C GLY C 266 42.15 4.96 -36.86
N LYS C 267 42.77 3.88 -37.30
CA LYS C 267 44.02 3.96 -38.04
C LYS C 267 43.86 4.71 -39.35
N GLY C 268 44.85 5.54 -39.66
CA GLY C 268 44.88 6.24 -40.95
C GLY C 268 44.04 7.49 -40.99
N SER C 269 43.40 7.84 -39.89
CA SER C 269 42.45 8.96 -39.89
C SER C 269 43.20 10.29 -39.96
N GLU C 270 42.51 11.32 -40.45
CA GLU C 270 43.10 12.66 -40.57
C GLU C 270 42.17 13.71 -39.94
N ILE C 271 42.52 14.17 -38.73
CA ILE C 271 41.68 15.10 -37.98
C ILE C 271 42.23 16.51 -38.05
N GLY C 272 41.35 17.50 -38.02
CA GLY C 272 41.77 18.90 -38.02
C GLY C 272 42.17 19.39 -39.40
N PRO C 273 42.50 20.68 -39.51
CA PRO C 273 42.71 21.55 -38.36
C PRO C 273 41.40 22.02 -37.76
N ASN C 274 41.46 22.45 -36.50
CA ASN C 274 40.31 23.04 -35.84
C ASN C 274 39.05 22.17 -35.93
N SER C 275 39.22 20.88 -35.67
CA SER C 275 38.10 19.99 -35.45
C SER C 275 37.77 19.88 -33.95
N TYR C 276 36.66 19.25 -33.64
CA TYR C 276 36.20 19.14 -32.27
C TYR C 276 35.52 17.78 -32.08
N LEU C 277 36.24 16.83 -31.48
CA LEU C 277 35.68 15.51 -31.18
C LEU C 277 35.23 15.39 -29.73
N ARG C 278 33.96 15.11 -29.53
CA ARG C 278 33.36 15.06 -28.20
C ARG C 278 33.06 13.60 -27.80
N PRO C 279 32.59 13.42 -26.56
CA PRO C 279 32.64 12.07 -26.00
C PRO C 279 31.88 11.06 -26.83
N TYR C 280 32.44 9.86 -26.94
CA TYR C 280 31.86 8.74 -27.68
C TYR C 280 31.82 8.99 -29.19
N THR C 281 32.75 9.80 -29.68
CA THR C 281 33.09 9.81 -31.08
C THR C 281 33.88 8.56 -31.38
N ILE C 282 33.37 7.72 -32.27
CA ILE C 282 34.15 6.58 -32.77
C ILE C 282 34.37 6.68 -34.27
N LEU C 283 35.63 6.89 -34.64
CA LEU C 283 36.03 6.86 -36.04
C LEU C 283 36.75 5.53 -36.28
N VAL C 284 36.12 4.61 -36.99
CA VAL C 284 36.61 3.22 -37.01
C VAL C 284 37.91 3.04 -37.82
N GLU C 285 38.02 3.72 -38.95
CA GLU C 285 39.18 3.58 -39.83
C GLU C 285 39.23 4.64 -40.91
N LYS C 286 40.41 5.20 -41.12
CA LYS C 286 40.68 6.07 -42.27
C LYS C 286 39.62 7.16 -42.48
N ASN C 287 39.23 7.83 -41.39
CA ASN C 287 38.23 8.87 -41.48
C ASN C 287 38.86 10.24 -41.63
N LYS C 288 38.23 11.08 -42.45
CA LYS C 288 38.57 12.50 -42.54
C LYS C 288 37.60 13.37 -41.72
N ILE C 289 38.11 14.07 -40.72
CA ILE C 289 37.36 15.12 -40.07
C ILE C 289 38.09 16.44 -40.17
N GLY C 290 37.37 17.49 -40.51
CA GLY C 290 37.98 18.69 -41.08
C GLY C 290 37.65 19.95 -40.27
N ALA C 291 37.97 21.08 -40.84
CA ALA C 291 37.88 22.36 -40.14
C ALA C 291 36.43 22.67 -39.84
N SER C 292 36.22 23.19 -38.64
CA SER C 292 34.88 23.55 -38.15
C SER C 292 33.90 22.38 -38.22
N VAL C 293 34.40 21.18 -37.91
CA VAL C 293 33.57 20.01 -37.88
C VAL C 293 33.55 19.49 -36.48
N GLU C 294 32.34 19.18 -35.99
CA GLU C 294 32.16 18.69 -34.63
C GLU C 294 31.47 17.34 -34.65
N VAL C 295 32.06 16.33 -34.00
CA VAL C 295 31.44 15.01 -33.89
C VAL C 295 31.10 14.74 -32.44
N LYS C 296 30.01 14.01 -32.21
CA LYS C 296 29.61 13.62 -30.85
C LYS C 296 28.84 12.31 -30.86
N GLU C 297 29.22 11.40 -29.96
CA GLU C 297 28.49 10.16 -29.71
C GLU C 297 27.99 9.57 -31.01
N SER C 298 28.93 9.35 -31.93
CA SER C 298 28.60 8.84 -33.25
C SER C 298 29.59 7.77 -33.65
N VAL C 299 29.12 6.79 -34.41
CA VAL C 299 30.03 5.82 -35.02
C VAL C 299 30.16 6.14 -36.50
N ILE C 300 31.38 6.36 -36.95
CA ILE C 300 31.65 6.75 -38.32
C ILE C 300 32.58 5.74 -38.95
N MET C 301 32.08 5.00 -39.92
CA MET C 301 32.74 3.80 -40.38
C MET C 301 33.76 4.07 -41.50
N GLU C 302 34.31 2.99 -42.04
CA GLU C 302 35.57 3.00 -42.80
C GLU C 302 35.54 4.02 -43.92
N GLY C 303 36.47 4.96 -43.89
CA GLY C 303 36.79 5.76 -45.05
C GLY C 303 35.87 6.95 -45.26
N SER C 304 34.93 7.13 -44.34
CA SER C 304 33.95 8.21 -44.50
C SER C 304 34.55 9.57 -44.11
N LYS C 305 34.07 10.63 -44.74
CA LYS C 305 34.72 11.93 -44.66
C LYS C 305 33.69 13.00 -44.33
N ILE C 306 34.02 13.81 -43.32
CA ILE C 306 33.24 14.99 -42.96
C ILE C 306 34.19 16.18 -42.98
N PRO C 307 34.43 16.77 -44.16
CA PRO C 307 35.54 17.72 -44.31
C PRO C 307 35.31 19.18 -43.87
N HIS C 308 34.08 19.69 -43.87
CA HIS C 308 33.85 21.11 -43.56
C HIS C 308 32.53 21.38 -42.85
N LEU C 309 32.59 22.23 -41.83
CA LEU C 309 31.45 23.02 -41.40
C LEU C 309 30.24 22.12 -41.17
N SER C 310 30.42 21.09 -40.35
CA SER C 310 29.34 20.15 -40.07
C SER C 310 29.29 19.79 -38.59
N TYR C 311 28.10 19.41 -38.14
CA TYR C 311 27.95 18.79 -36.84
C TYR C 311 27.25 17.43 -36.99
N VAL C 312 27.92 16.38 -36.52
CA VAL C 312 27.36 15.04 -36.48
C VAL C 312 27.20 14.57 -35.03
N GLY C 313 25.95 14.42 -34.58
CA GLY C 313 25.65 14.02 -33.20
C GLY C 313 24.78 12.80 -33.13
N ASP C 314 25.13 11.88 -32.24
CA ASP C 314 24.27 10.74 -31.94
C ASP C 314 23.85 10.01 -33.22
N SER C 315 24.81 9.79 -34.13
CA SER C 315 24.50 9.20 -35.42
C SER C 315 25.36 7.95 -35.72
N VAL C 316 24.95 7.19 -36.73
CA VAL C 316 25.78 6.13 -37.28
C VAL C 316 25.93 6.39 -38.77
N ILE C 317 27.16 6.62 -39.19
CA ILE C 317 27.48 6.86 -40.59
C ILE C 317 28.31 5.71 -41.08
N ALA C 318 27.84 5.03 -42.11
CA ALA C 318 28.48 3.82 -42.60
C ALA C 318 29.65 4.19 -43.53
N GLU C 319 30.12 3.23 -44.31
CA GLU C 319 31.42 3.33 -44.95
C GLU C 319 31.41 4.22 -46.19
N ASP C 320 32.55 4.81 -46.49
CA ASP C 320 32.75 5.56 -47.73
C ASP C 320 31.63 6.57 -47.95
N VAL C 321 31.23 7.26 -46.89
CA VAL C 321 30.28 8.34 -47.01
C VAL C 321 31.02 9.67 -47.20
N ASN C 322 30.36 10.61 -47.87
CA ASN C 322 30.88 11.97 -47.96
C ASN C 322 29.79 12.99 -47.64
N PHE C 323 30.02 13.76 -46.57
CA PHE C 323 29.20 14.92 -46.27
C PHE C 323 29.74 16.19 -46.94
N GLY C 324 28.91 16.84 -47.74
CA GLY C 324 29.23 18.12 -48.33
C GLY C 324 29.31 19.21 -47.28
N ALA C 325 30.07 20.26 -47.58
CA ALA C 325 30.27 21.35 -46.61
C ALA C 325 28.91 21.81 -46.14
N GLY C 326 28.77 22.00 -44.84
CA GLY C 326 27.53 22.55 -44.30
C GLY C 326 26.44 21.54 -44.00
N THR C 327 26.72 20.26 -44.21
CA THR C 327 25.76 19.21 -43.91
C THR C 327 25.57 19.14 -42.39
N LEU C 328 24.32 19.22 -41.94
CA LEU C 328 24.04 19.20 -40.49
C LEU C 328 23.01 18.15 -40.12
N ILE C 329 23.20 17.56 -38.96
CA ILE C 329 22.29 16.56 -38.45
C ILE C 329 21.64 17.08 -37.18
N ALA C 330 20.32 17.11 -37.20
CA ALA C 330 19.52 17.39 -36.00
C ALA C 330 19.41 16.13 -35.17
N ASN C 331 19.57 16.26 -33.86
CA ASN C 331 19.55 15.09 -32.98
C ASN C 331 18.58 15.21 -31.80
N LEU C 332 17.82 16.30 -31.76
CA LEU C 332 16.86 16.54 -30.70
C LEU C 332 15.56 17.02 -31.32
N ARG C 333 14.45 16.52 -30.80
CA ARG C 333 13.12 16.96 -31.23
C ARG C 333 12.72 18.16 -30.41
N PHE C 334 11.89 19.02 -30.99
CA PHE C 334 11.52 20.26 -30.31
C PHE C 334 10.88 20.00 -28.95
N ASP C 335 10.01 18.99 -28.90
CA ASP C 335 9.30 18.59 -27.66
C ASP C 335 10.15 17.73 -26.69
N GLU C 336 11.33 17.32 -27.13
CA GLU C 336 12.27 16.54 -26.32
C GLU C 336 11.77 15.15 -25.98
N LYS C 337 10.72 14.70 -26.66
CA LYS C 337 10.33 13.30 -26.61
C LYS C 337 11.38 12.45 -27.31
N GLU C 338 11.34 11.15 -27.01
CA GLU C 338 12.25 10.21 -27.64
C GLU C 338 12.09 10.20 -29.17
N VAL C 339 13.21 10.10 -29.86
CA VAL C 339 13.23 10.15 -31.32
C VAL C 339 12.78 8.81 -31.86
N LYS C 340 11.93 8.84 -32.89
CA LYS C 340 11.36 7.61 -33.43
C LYS C 340 12.00 7.31 -34.77
N VAL C 341 12.05 6.02 -35.09
CA VAL C 341 12.73 5.53 -36.27
C VAL C 341 11.83 4.47 -36.89
N ASN C 342 11.74 4.48 -38.22
CA ASN C 342 11.07 3.41 -38.92
C ASN C 342 11.99 2.22 -38.99
N VAL C 343 11.51 1.09 -38.45
CA VAL C 343 12.24 -0.16 -38.52
C VAL C 343 11.30 -1.23 -39.09
N LYS C 344 11.67 -1.80 -40.24
CA LYS C 344 10.75 -2.64 -41.04
C LYS C 344 9.38 -2.00 -41.25
N GLY C 345 9.36 -0.74 -41.68
CA GLY C 345 8.12 -0.04 -41.97
C GLY C 345 7.27 0.31 -40.77
N LYS C 346 7.76 -0.01 -39.57
CA LYS C 346 7.07 0.30 -38.33
C LYS C 346 7.78 1.43 -37.59
N ARG C 347 7.00 2.42 -37.18
CA ARG C 347 7.51 3.59 -36.47
C ARG C 347 7.62 3.29 -34.97
N ILE C 348 8.82 3.44 -34.44
CA ILE C 348 9.24 2.76 -33.21
C ILE C 348 10.10 3.74 -32.43
N SER C 349 9.93 3.80 -31.12
CA SER C 349 10.80 4.64 -30.32
C SER C 349 12.19 4.03 -30.19
N SER C 350 13.20 4.88 -30.27
CA SER C 350 14.60 4.48 -30.14
C SER C 350 15.04 4.41 -28.68
N GLY C 351 14.17 4.90 -27.79
CA GLY C 351 14.51 5.01 -26.38
C GLY C 351 15.52 6.10 -26.10
N ARG C 352 15.81 6.92 -27.09
CA ARG C 352 16.80 7.98 -26.96
C ARG C 352 16.11 9.32 -27.07
N ARG C 353 16.39 10.22 -26.12
CA ARG C 353 16.00 11.61 -26.23
C ARG C 353 16.77 12.31 -27.36
N LYS C 354 18.04 11.95 -27.48
CA LYS C 354 18.92 12.53 -28.49
C LYS C 354 19.38 11.44 -29.45
N LEU C 355 18.89 11.52 -30.67
CA LEU C 355 19.31 10.60 -31.72
C LEU C 355 19.40 11.34 -33.05
N GLY C 356 20.48 11.13 -33.78
CA GLY C 356 20.69 11.81 -35.06
C GLY C 356 20.20 10.95 -36.22
N ALA C 357 21.09 10.68 -37.18
CA ALA C 357 20.74 9.97 -38.41
C ALA C 357 21.50 8.65 -38.55
N PHE C 358 20.97 7.76 -39.38
CA PHE C 358 21.68 6.58 -39.81
C PHE C 358 21.90 6.63 -41.31
N ILE C 359 23.16 6.84 -41.71
CA ILE C 359 23.52 7.05 -43.10
C ILE C 359 24.11 5.76 -43.66
N GLY C 360 23.60 5.32 -44.80
CA GLY C 360 24.11 4.12 -45.44
C GLY C 360 25.43 4.34 -46.17
N GLY C 361 26.06 3.25 -46.56
CA GLY C 361 27.35 3.30 -47.23
C GLY C 361 27.29 4.04 -48.55
N HIS C 362 28.37 4.73 -48.88
CA HIS C 362 28.54 5.37 -50.19
C HIS C 362 27.54 6.49 -50.45
N VAL C 363 26.91 6.99 -49.40
CA VAL C 363 26.07 8.18 -49.53
C VAL C 363 26.93 9.41 -49.78
N ARG C 364 26.45 10.30 -50.64
CA ARG C 364 27.01 11.65 -50.71
C ARG C 364 25.93 12.70 -50.46
N THR C 365 26.21 13.63 -49.55
CA THR C 365 25.36 14.81 -49.38
C THR C 365 26.00 16.01 -50.07
N GLY C 366 25.18 16.80 -50.73
CA GLY C 366 25.57 18.09 -51.24
C GLY C 366 25.76 19.10 -50.13
N ILE C 367 26.27 20.28 -50.50
CA ILE C 367 26.55 21.30 -49.50
C ILE C 367 25.24 21.78 -48.91
N ASN C 368 25.28 22.17 -47.64
CA ASN C 368 24.15 22.79 -46.96
C ASN C 368 22.94 21.87 -46.80
N VAL C 369 23.21 20.58 -46.77
CA VAL C 369 22.17 19.59 -46.55
C VAL C 369 21.78 19.58 -45.08
N THR C 370 20.52 19.23 -44.82
CA THR C 370 19.92 19.36 -43.50
C THR C 370 19.12 18.10 -43.20
N ILE C 371 19.53 17.35 -42.20
CA ILE C 371 18.96 16.02 -41.95
C ILE C 371 18.30 15.99 -40.58
N LEU C 372 17.09 15.44 -40.52
CA LEU C 372 16.27 15.53 -39.30
C LEU C 372 16.45 14.28 -38.43
N PRO C 373 16.02 14.36 -37.17
CA PRO C 373 16.30 13.27 -36.23
C PRO C 373 15.65 11.97 -36.66
N GLY C 374 16.33 10.86 -36.44
CA GLY C 374 15.73 9.54 -36.63
C GLY C 374 15.76 9.07 -38.08
N VAL C 375 16.15 9.98 -38.97
CA VAL C 375 16.09 9.71 -40.39
C VAL C 375 17.04 8.57 -40.79
N LYS C 376 16.59 7.71 -41.69
CA LYS C 376 17.46 6.75 -42.34
C LYS C 376 17.71 7.12 -43.80
N ILE C 377 18.98 7.15 -44.19
CA ILE C 377 19.34 7.42 -45.58
C ILE C 377 20.00 6.19 -46.17
N GLY C 378 19.44 5.70 -47.27
CA GLY C 378 19.87 4.44 -47.87
C GLY C 378 21.26 4.55 -48.48
N ALA C 379 22.01 3.46 -48.39
CA ALA C 379 23.22 3.30 -49.19
C ALA C 379 23.07 3.88 -50.59
N TYR C 380 24.13 4.56 -51.05
CA TYR C 380 24.27 5.02 -52.43
C TYR C 380 23.37 6.19 -52.78
N ALA C 381 22.63 6.69 -51.80
CA ALA C 381 21.79 7.87 -52.01
C ALA C 381 22.64 9.11 -52.30
N ARG C 382 22.04 10.08 -52.98
CA ARG C 382 22.62 11.40 -53.18
C ARG C 382 21.62 12.46 -52.76
N ILE C 383 22.04 13.36 -51.87
CA ILE C 383 21.14 14.41 -51.37
C ILE C 383 21.51 15.75 -52.01
N TYR C 384 20.59 16.32 -52.75
CA TYR C 384 20.86 17.53 -53.51
C TYR C 384 21.21 18.67 -52.57
N PRO C 385 22.06 19.59 -53.02
CA PRO C 385 22.42 20.73 -52.20
C PRO C 385 21.20 21.46 -51.67
N GLY C 386 21.23 21.82 -50.40
CA GLY C 386 20.17 22.61 -49.80
C GLY C 386 18.96 21.79 -49.35
N ALA C 387 18.93 20.52 -49.72
CA ALA C 387 17.80 19.67 -49.39
C ALA C 387 17.58 19.63 -47.89
N VAL C 388 16.31 19.59 -47.48
CA VAL C 388 15.97 19.20 -46.12
C VAL C 388 15.44 17.77 -46.12
N VAL C 389 16.25 16.84 -45.60
CA VAL C 389 15.85 15.43 -45.51
C VAL C 389 14.97 15.15 -44.30
N ASN C 390 13.66 15.08 -44.53
CA ASN C 390 12.69 14.94 -43.44
C ASN C 390 11.89 13.64 -43.60
N ARG C 391 12.44 12.71 -44.37
CA ARG C 391 11.91 11.37 -44.43
C ARG C 391 13.02 10.39 -44.75
N ASP C 392 12.77 9.11 -44.50
CA ASP C 392 13.72 8.08 -44.90
C ASP C 392 13.96 8.16 -46.40
N VAL C 393 15.18 7.80 -46.82
CA VAL C 393 15.60 7.93 -48.20
C VAL C 393 16.08 6.59 -48.71
N GLY C 394 15.67 6.26 -49.93
CA GLY C 394 15.84 4.91 -50.44
C GLY C 394 17.27 4.60 -50.83
N TYR C 395 17.62 3.31 -50.81
CA TYR C 395 18.76 2.78 -51.53
C TYR C 395 18.83 3.44 -52.92
N GLY C 396 19.91 4.16 -53.18
CA GLY C 396 20.16 4.68 -54.51
C GLY C 396 19.44 5.97 -54.84
N GLU C 397 18.64 6.48 -53.90
CA GLU C 397 17.69 7.55 -54.21
C GLU C 397 18.40 8.87 -54.47
N PHE C 398 17.98 9.58 -55.51
CA PHE C 398 18.45 10.94 -55.73
C PHE C 398 17.38 11.86 -55.16
N PHE C 399 17.60 12.26 -53.91
CA PHE C 399 16.64 13.05 -53.14
C PHE C 399 16.98 14.50 -53.39
N LYS C 400 16.12 15.23 -54.09
CA LYS C 400 16.49 16.57 -54.53
C LYS C 400 15.55 17.69 -54.08
N VAL C 401 14.52 17.35 -53.31
CA VAL C 401 13.68 18.36 -52.64
C VAL C 401 12.80 17.71 -51.55
N MET D 1 -8.67 -15.43 -42.07
CA MET D 1 -9.45 -14.94 -43.24
C MET D 1 -8.84 -15.44 -44.55
N LYS D 2 -9.60 -16.25 -45.28
CA LYS D 2 -9.21 -16.67 -46.64
C LYS D 2 -9.44 -15.53 -47.64
N ALA D 3 -8.72 -15.57 -48.76
CA ALA D 3 -8.94 -14.62 -49.83
C ALA D 3 -8.78 -15.27 -51.19
N PHE D 4 -9.61 -14.83 -52.15
CA PHE D 4 -9.59 -15.36 -53.50
C PHE D 4 -9.42 -14.25 -54.54
N ILE D 5 -8.47 -14.46 -55.45
CA ILE D 5 -8.30 -13.58 -56.61
C ILE D 5 -8.86 -14.23 -57.87
N LEU D 6 -9.83 -13.57 -58.51
CA LEU D 6 -10.53 -14.14 -59.66
C LEU D 6 -9.82 -13.75 -60.95
N ALA D 7 -9.21 -14.75 -61.61
CA ALA D 7 -8.28 -14.51 -62.70
C ALA D 7 -8.43 -15.50 -63.83
N ALA D 8 -9.68 -15.87 -64.13
CA ALA D 8 -9.96 -16.94 -65.10
C ALA D 8 -10.85 -16.45 -66.24
N GLY D 9 -10.86 -15.14 -66.45
CA GLY D 9 -11.22 -14.56 -67.74
C GLY D 9 -10.17 -14.88 -68.78
N SER D 10 -10.59 -14.95 -70.05
CA SER D 10 -9.70 -14.65 -71.16
C SER D 10 -9.95 -13.20 -71.50
N GLY D 11 -9.09 -12.33 -70.98
CA GLY D 11 -9.19 -10.89 -71.25
C GLY D 11 -9.15 -10.61 -72.71
N GLU D 12 -10.30 -10.78 -73.37
CA GLU D 12 -10.41 -10.59 -74.80
C GLU D 12 -10.19 -9.12 -75.11
N ARG D 13 -10.75 -8.25 -74.27
CA ARG D 13 -10.68 -6.81 -74.52
C ARG D 13 -9.24 -6.29 -74.44
N LEU D 14 -8.34 -7.09 -73.86
CA LEU D 14 -6.95 -6.68 -73.65
C LEU D 14 -6.01 -7.33 -74.65
N GLU D 15 -6.59 -7.95 -75.68
CA GLU D 15 -5.82 -8.43 -76.82
C GLU D 15 -5.19 -7.24 -77.55
N PRO D 16 -3.95 -7.40 -78.04
CA PRO D 16 -3.31 -8.71 -78.22
C PRO D 16 -2.46 -9.14 -77.02
N ILE D 17 -2.41 -8.33 -75.98
CA ILE D 17 -1.49 -8.58 -74.86
C ILE D 17 -1.78 -9.95 -74.26
N THR D 18 -3.06 -10.31 -74.23
CA THR D 18 -3.51 -11.51 -73.57
C THR D 18 -3.53 -12.75 -74.45
N HIS D 19 -3.07 -12.62 -75.69
CA HIS D 19 -2.77 -13.79 -76.52
C HIS D 19 -1.75 -14.70 -75.86
N THR D 20 -0.85 -14.13 -75.06
CA THR D 20 0.36 -14.82 -74.59
C THR D 20 0.58 -14.78 -73.09
N ARG D 21 -0.25 -14.03 -72.37
CA ARG D 21 -0.14 -14.00 -70.94
C ARG D 21 -1.50 -13.73 -70.36
N PRO D 22 -1.78 -14.32 -69.20
CA PRO D 22 -2.97 -13.98 -68.45
C PRO D 22 -2.92 -12.52 -68.02
N LYS D 23 -4.07 -11.87 -67.95
CA LYS D 23 -4.12 -10.46 -67.59
C LYS D 23 -3.46 -10.26 -66.21
N ALA D 24 -3.37 -11.33 -65.43
CA ALA D 24 -2.76 -11.25 -64.09
C ALA D 24 -1.27 -10.89 -64.11
N PHE D 25 -0.61 -11.17 -65.23
CA PHE D 25 0.81 -10.89 -65.35
C PHE D 25 1.10 -9.74 -66.29
N VAL D 26 0.11 -8.88 -66.53
CA VAL D 26 0.36 -7.59 -67.14
C VAL D 26 1.36 -6.85 -66.28
N PRO D 27 2.48 -6.43 -66.88
CA PRO D 27 3.53 -5.79 -66.08
C PRO D 27 3.16 -4.37 -65.76
N ILE D 28 3.27 -4.00 -64.49
CA ILE D 28 3.32 -2.62 -64.07
C ILE D 28 4.71 -2.33 -63.50
N LEU D 29 5.52 -1.60 -64.27
CA LEU D 29 6.96 -1.57 -64.09
C LEU D 29 7.52 -2.99 -64.07
N SER D 30 8.29 -3.35 -63.04
CA SER D 30 8.94 -4.66 -62.99
C SER D 30 8.01 -5.78 -62.54
N LYS D 31 6.89 -5.44 -61.93
CA LYS D 31 6.07 -6.43 -61.23
C LYS D 31 4.76 -6.65 -61.96
N PRO D 32 4.30 -7.91 -62.02
CA PRO D 32 3.00 -8.26 -62.60
C PRO D 32 1.83 -7.80 -61.74
N LEU D 33 0.70 -7.51 -62.38
CA LEU D 33 -0.47 -6.95 -61.72
C LEU D 33 -0.82 -7.74 -60.45
N ILE D 34 -0.79 -9.06 -60.53
CA ILE D 34 -1.26 -9.91 -59.44
C ILE D 34 -0.37 -9.79 -58.21
N GLU D 35 0.92 -9.55 -58.42
CA GLU D 35 1.87 -9.38 -57.32
C GLU D 35 1.53 -8.17 -56.45
N TYR D 36 1.11 -7.08 -57.07
CA TYR D 36 0.65 -5.91 -56.34
C TYR D 36 -0.55 -6.26 -55.49
N GLN D 37 -1.42 -7.12 -56.00
CA GLN D 37 -2.62 -7.54 -55.27
C GLN D 37 -2.22 -8.36 -54.04
N ILE D 38 -1.50 -9.45 -54.27
CA ILE D 38 -0.97 -10.27 -53.19
C ILE D 38 -0.23 -9.43 -52.16
N GLU D 39 0.66 -8.58 -52.64
CA GLU D 39 1.44 -7.69 -51.79
C GLU D 39 0.52 -6.89 -50.85
N TYR D 40 -0.54 -6.30 -51.41
CA TYR D 40 -1.38 -5.38 -50.66
C TYR D 40 -2.37 -6.12 -49.77
N LEU D 41 -2.72 -7.35 -50.15
CA LEU D 41 -3.49 -8.25 -49.26
C LEU D 41 -2.69 -8.54 -47.99
N ARG D 42 -1.42 -8.89 -48.16
CA ARG D 42 -0.56 -9.25 -47.03
C ARG D 42 -0.33 -8.10 -46.04
N LYS D 43 -0.30 -6.87 -46.55
CA LYS D 43 -0.34 -5.68 -45.70
C LYS D 43 -1.59 -5.63 -44.78
N CYS D 44 -2.58 -6.46 -45.05
CA CYS D 44 -3.73 -6.64 -44.15
C CYS D 44 -3.66 -7.94 -43.35
N GLY D 45 -2.76 -8.84 -43.75
CA GLY D 45 -2.32 -9.95 -42.90
C GLY D 45 -2.82 -11.30 -43.36
N ILE D 46 -3.15 -11.38 -44.66
CA ILE D 46 -4.14 -12.35 -45.13
C ILE D 46 -3.55 -13.74 -45.31
N ARG D 47 -2.34 -13.83 -45.84
CA ARG D 47 -1.54 -15.05 -45.75
C ARG D 47 -2.07 -16.21 -46.60
N ASP D 48 -3.32 -16.63 -46.37
CA ASP D 48 -3.93 -17.67 -47.20
C ASP D 48 -4.63 -17.07 -48.43
N ILE D 49 -3.88 -16.99 -49.52
CA ILE D 49 -4.39 -16.41 -50.76
C ILE D 49 -4.52 -17.51 -51.82
N THR D 50 -5.66 -17.53 -52.49
CA THR D 50 -5.90 -18.45 -53.60
C THR D 50 -6.27 -17.68 -54.87
N VAL D 51 -5.72 -18.10 -56.00
CA VAL D 51 -6.05 -17.52 -57.30
C VAL D 51 -6.88 -18.52 -58.11
N ILE D 52 -8.09 -18.11 -58.49
CA ILE D 52 -8.91 -18.90 -59.40
C ILE D 52 -8.52 -18.58 -60.84
N VAL D 53 -7.97 -19.59 -61.52
CA VAL D 53 -7.51 -19.42 -62.88
C VAL D 53 -8.26 -20.38 -63.79
N SER D 54 -8.02 -20.29 -65.09
CA SER D 54 -8.55 -21.24 -66.03
C SER D 54 -7.44 -22.16 -66.45
N SER D 55 -7.62 -23.44 -66.17
CA SER D 55 -6.86 -24.49 -66.85
C SER D 55 -7.18 -24.43 -68.33
N LYS D 56 -6.19 -24.69 -69.19
CA LYS D 56 -4.87 -24.07 -69.10
C LYS D 56 -5.05 -22.66 -69.65
N ASN D 57 -4.73 -21.64 -68.86
CA ASN D 57 -3.39 -21.40 -68.36
C ASN D 57 -3.22 -21.61 -66.86
N LYS D 58 -3.19 -22.87 -66.45
CA LYS D 58 -3.16 -23.22 -65.03
C LYS D 58 -1.84 -22.81 -64.38
N GLU D 59 -0.87 -22.39 -65.17
CA GLU D 59 -0.15 -23.26 -66.06
C GLU D 59 1.34 -23.15 -65.76
N TYR D 60 2.04 -22.25 -66.46
CA TYR D 60 2.02 -20.78 -66.23
C TYR D 60 1.95 -20.28 -64.78
N PHE D 61 0.75 -19.93 -64.29
CA PHE D 61 0.59 -19.45 -62.90
C PHE D 61 1.43 -20.23 -61.89
N GLU D 62 1.50 -21.56 -62.08
CA GLU D 62 2.34 -22.42 -61.24
C GLU D 62 3.82 -22.08 -61.38
N LYS D 63 4.31 -21.99 -62.61
CA LYS D 63 5.67 -21.51 -62.88
C LYS D 63 5.96 -20.14 -62.25
N LYS D 64 4.97 -19.24 -62.29
CA LYS D 64 5.18 -17.84 -61.89
C LYS D 64 4.97 -17.59 -60.40
N LEU D 65 4.17 -18.44 -59.75
CA LEU D 65 3.80 -18.22 -58.34
C LEU D 65 4.04 -19.50 -57.51
N LYS D 66 5.02 -19.53 -56.61
CA LYS D 66 5.39 -18.45 -55.66
C LYS D 66 4.69 -18.63 -54.30
N GLU D 67 4.39 -19.88 -53.92
CA GLU D 67 3.87 -20.18 -52.58
C GLU D 67 2.42 -19.68 -52.40
N ILE D 68 1.63 -19.79 -53.46
CA ILE D 68 0.24 -19.34 -53.44
C ILE D 68 -0.63 -20.43 -54.08
N SER D 69 -1.87 -20.55 -53.59
CA SER D 69 -2.75 -21.62 -54.06
C SER D 69 -3.30 -21.32 -55.45
N ILE D 70 -3.05 -22.20 -56.40
CA ILE D 70 -3.60 -22.08 -57.75
C ILE D 70 -4.68 -23.13 -57.95
N VAL D 71 -5.89 -22.67 -58.23
CA VAL D 71 -7.05 -23.53 -58.34
C VAL D 71 -7.80 -23.15 -59.62
N THR D 72 -8.16 -24.16 -60.41
CA THR D 72 -8.80 -23.90 -61.71
C THR D 72 -10.30 -23.68 -61.58
N GLN D 73 -10.93 -23.29 -62.68
CA GLN D 73 -12.36 -23.07 -62.72
C GLN D 73 -13.02 -24.25 -63.42
N LYS D 74 -14.31 -24.44 -63.20
CA LYS D 74 -15.05 -25.47 -63.92
C LYS D 74 -15.33 -25.08 -65.37
N ASP D 75 -15.12 -26.04 -66.27
CA ASP D 75 -14.92 -25.76 -67.71
C ASP D 75 -16.25 -25.61 -68.47
N ASP D 76 -17.30 -26.21 -67.93
CA ASP D 76 -18.67 -25.96 -68.40
C ASP D 76 -19.00 -24.48 -68.60
N ILE D 77 -19.31 -23.81 -67.50
CA ILE D 77 -19.91 -22.47 -67.54
C ILE D 77 -18.93 -21.40 -67.09
N LYS D 78 -18.94 -20.27 -67.78
CA LYS D 78 -18.04 -19.15 -67.50
C LYS D 78 -18.67 -18.17 -66.53
N GLY D 79 -17.85 -17.25 -66.01
CA GLY D 79 -18.31 -16.13 -65.19
C GLY D 79 -17.57 -16.01 -63.87
N THR D 80 -17.60 -14.80 -63.30
CA THR D 80 -17.13 -14.58 -61.93
C THR D 80 -17.88 -15.46 -60.93
N GLY D 81 -19.17 -15.66 -61.15
CA GLY D 81 -19.95 -16.60 -60.36
C GLY D 81 -19.38 -18.01 -60.44
N ALA D 82 -19.09 -18.46 -61.66
CA ALA D 82 -18.54 -19.80 -61.86
C ALA D 82 -17.16 -19.95 -61.20
N ALA D 83 -16.49 -18.82 -61.02
CA ALA D 83 -15.15 -18.80 -60.44
C ALA D 83 -15.12 -19.18 -58.95
N ILE D 84 -15.94 -18.51 -58.14
CA ILE D 84 -16.01 -18.85 -56.70
C ILE D 84 -16.68 -20.19 -56.40
N LEU D 85 -17.44 -20.75 -57.35
CA LEU D 85 -17.97 -22.10 -57.19
C LEU D 85 -16.85 -23.13 -57.08
N SER D 86 -15.70 -22.81 -57.66
CA SER D 86 -14.49 -23.64 -57.54
C SER D 86 -13.66 -23.26 -56.30
N ALA D 87 -13.94 -22.10 -55.73
CA ALA D 87 -13.35 -21.68 -54.47
C ALA D 87 -13.97 -22.40 -53.30
N LYS D 88 -13.13 -22.99 -52.46
CA LYS D 88 -13.58 -23.73 -51.28
C LYS D 88 -13.30 -22.95 -50.01
N PHE D 89 -14.36 -22.38 -49.43
CA PHE D 89 -14.27 -21.71 -48.14
C PHE D 89 -15.51 -21.88 -47.28
N ASN D 90 -15.27 -22.21 -46.01
CA ASN D 90 -16.29 -22.12 -44.98
C ASN D 90 -16.24 -20.80 -44.22
N ASP D 91 -17.42 -20.27 -43.93
CA ASP D 91 -17.58 -19.09 -43.07
C ASP D 91 -17.49 -17.76 -43.87
N GLU D 92 -16.34 -17.11 -43.91
CA GLU D 92 -16.17 -15.90 -44.74
C GLU D 92 -15.03 -16.05 -45.74
N ALA D 93 -14.95 -15.11 -46.68
CA ALA D 93 -13.77 -14.95 -47.54
C ALA D 93 -13.71 -13.53 -48.10
N LEU D 94 -12.51 -13.14 -48.53
CA LEU D 94 -12.32 -11.90 -49.30
C LEU D 94 -12.17 -12.24 -50.78
N ILE D 95 -13.10 -11.75 -51.59
CA ILE D 95 -13.04 -11.96 -53.03
C ILE D 95 -12.62 -10.67 -53.73
N ILE D 96 -11.63 -10.78 -54.59
CA ILE D 96 -11.08 -9.62 -55.30
C ILE D 96 -10.90 -9.93 -56.79
N ASN D 97 -11.40 -9.04 -57.65
CA ASN D 97 -11.29 -9.24 -59.10
C ASN D 97 -9.86 -9.08 -59.56
N GLY D 98 -9.38 -10.06 -60.32
CA GLY D 98 -7.96 -10.18 -60.62
C GLY D 98 -7.48 -9.22 -61.70
N ASP D 99 -8.33 -8.25 -62.05
CA ASP D 99 -8.00 -7.26 -63.08
C ASP D 99 -7.98 -5.84 -62.51
N LEU D 100 -7.87 -5.76 -61.18
CA LEU D 100 -7.89 -4.48 -60.49
C LEU D 100 -6.50 -4.07 -60.09
N PHE D 101 -6.22 -2.77 -60.24
CA PHE D 101 -5.09 -2.17 -59.58
C PHE D 101 -5.59 -1.12 -58.61
N PHE D 102 -5.15 -1.22 -57.36
CA PHE D 102 -5.50 -0.24 -56.34
C PHE D 102 -4.27 0.12 -55.52
N SER D 103 -4.18 1.40 -55.12
CA SER D 103 -2.97 1.95 -54.52
C SER D 103 -2.85 1.56 -53.05
N ASN D 104 -3.73 2.08 -52.21
CA ASN D 104 -3.75 1.73 -50.79
C ASN D 104 -4.53 0.45 -50.53
N GLU D 105 -4.21 -0.20 -49.41
CA GLU D 105 -4.85 -1.45 -49.01
C GLU D 105 -5.79 -1.25 -47.83
N LYS D 106 -5.99 0.01 -47.44
CA LYS D 106 -6.55 0.34 -46.13
C LYS D 106 -8.01 -0.09 -45.99
N GLU D 107 -8.74 -0.07 -47.10
CA GLU D 107 -10.15 -0.41 -47.09
C GLU D 107 -10.37 -1.92 -47.08
N ILE D 108 -9.42 -2.66 -47.66
CA ILE D 108 -9.43 -4.11 -47.57
C ILE D 108 -9.14 -4.55 -46.13
N CYS D 109 -8.13 -3.93 -45.53
CA CYS D 109 -7.82 -4.16 -44.12
C CYS D 109 -9.06 -3.91 -43.25
N ASN D 110 -9.69 -2.77 -43.49
CA ASN D 110 -10.90 -2.40 -42.77
C ASN D 110 -12.08 -3.36 -43.00
N ILE D 111 -12.28 -3.80 -44.24
CA ILE D 111 -13.49 -4.56 -44.60
C ILE D 111 -13.47 -5.98 -44.05
N ILE D 112 -12.29 -6.50 -43.73
CA ILE D 112 -12.20 -7.88 -43.26
C ILE D 112 -12.46 -8.02 -41.75
N THR D 113 -12.51 -6.90 -41.05
CA THR D 113 -12.89 -6.90 -39.64
C THR D 113 -14.38 -7.16 -39.48
N LEU D 114 -15.18 -6.58 -40.37
CA LEU D 114 -16.64 -6.72 -40.31
C LEU D 114 -17.05 -8.19 -40.43
N LYS D 115 -18.22 -8.53 -39.90
CA LYS D 115 -18.75 -9.88 -40.02
C LYS D 115 -20.05 -9.93 -40.85
N GLU D 116 -20.60 -8.77 -41.18
CA GLU D 116 -21.60 -8.67 -42.23
C GLU D 116 -20.95 -8.86 -43.60
N ASN D 117 -21.75 -9.25 -44.59
CA ASN D 117 -21.36 -9.11 -46.00
C ASN D 117 -21.11 -7.64 -46.34
N ALA D 118 -19.96 -7.36 -46.92
CA ALA D 118 -19.62 -5.99 -47.31
C ALA D 118 -18.86 -5.98 -48.62
N ILE D 119 -19.05 -4.91 -49.39
CA ILE D 119 -18.34 -4.72 -50.65
C ILE D 119 -17.82 -3.30 -50.73
N ILE D 120 -16.77 -3.11 -51.54
CA ILE D 120 -16.21 -1.78 -51.74
C ILE D 120 -16.77 -1.16 -53.01
N GLY D 121 -17.12 0.12 -52.90
CA GLY D 121 -17.52 0.92 -54.05
C GLY D 121 -16.53 2.05 -54.30
N VAL D 122 -16.54 2.59 -55.50
CA VAL D 122 -15.57 3.62 -55.90
C VAL D 122 -16.21 4.60 -56.87
N LYS D 123 -15.92 5.89 -56.69
CA LYS D 123 -16.48 6.91 -57.55
C LYS D 123 -15.63 7.08 -58.81
N VAL D 124 -16.31 7.18 -59.95
CA VAL D 124 -15.62 7.31 -61.24
C VAL D 124 -16.35 8.35 -62.10
N SER D 125 -15.67 8.84 -63.14
CA SER D 125 -16.24 9.84 -64.04
C SER D 125 -17.16 9.21 -65.10
N ASN D 126 -17.04 7.90 -65.30
CA ASN D 126 -17.80 7.21 -66.34
C ASN D 126 -18.54 5.99 -65.78
N PRO D 127 -19.58 6.22 -64.96
CA PRO D 127 -20.28 5.13 -64.29
C PRO D 127 -21.24 4.36 -65.20
N LYS D 128 -21.43 4.86 -66.42
CA LYS D 128 -22.34 4.24 -67.38
C LYS D 128 -21.75 2.94 -67.93
N ASP D 129 -20.42 2.83 -67.93
CA ASP D 129 -19.75 1.53 -67.88
C ASP D 129 -19.65 1.13 -66.42
N TYR D 130 -19.25 -0.11 -66.16
CA TYR D 130 -19.20 -0.64 -64.78
C TYR D 130 -20.59 -0.76 -64.16
N GLY D 131 -20.66 -1.53 -63.08
CA GLY D 131 -21.92 -1.72 -62.35
C GLY D 131 -22.11 -0.71 -61.23
N VAL D 132 -23.15 0.10 -61.35
CA VAL D 132 -23.42 1.15 -60.36
C VAL D 132 -24.07 0.57 -59.11
N LEU D 133 -23.54 0.96 -57.95
CA LEU D 133 -24.17 0.65 -56.67
C LEU D 133 -25.27 1.68 -56.34
N VAL D 134 -26.51 1.22 -56.30
CA VAL D 134 -27.58 2.00 -55.70
C VAL D 134 -27.74 1.61 -54.24
N LEU D 135 -27.80 2.62 -53.36
CA LEU D 135 -27.84 2.39 -51.93
C LEU D 135 -29.25 2.65 -51.40
N ASP D 136 -29.58 2.06 -50.26
CA ASP D 136 -30.81 2.42 -49.55
C ASP D 136 -30.57 3.59 -48.59
N ASN D 137 -31.58 3.92 -47.78
CA ASN D 137 -31.52 5.07 -46.88
C ASN D 137 -30.54 4.94 -45.72
N GLN D 138 -30.00 3.73 -45.51
CA GLN D 138 -29.02 3.49 -44.46
C GLN D 138 -27.66 3.08 -45.04
N ASN D 139 -27.41 3.49 -46.29
CA ASN D 139 -26.20 3.11 -47.04
C ASN D 139 -25.79 1.64 -46.93
N ASN D 140 -26.71 0.75 -47.26
CA ASN D 140 -26.37 -0.63 -47.62
C ASN D 140 -26.75 -0.90 -49.06
N LEU D 141 -26.30 -2.04 -49.58
CA LEU D 141 -26.54 -2.36 -50.97
C LEU D 141 -28.03 -2.61 -51.22
N SER D 142 -28.69 -1.67 -51.88
CA SER D 142 -29.96 -1.96 -52.52
C SER D 142 -29.75 -2.96 -53.66
N LYS D 143 -29.15 -2.52 -54.76
CA LYS D 143 -28.79 -3.42 -55.85
C LYS D 143 -27.60 -2.89 -56.66
N ILE D 144 -26.99 -3.77 -57.45
CA ILE D 144 -26.00 -3.37 -58.45
C ILE D 144 -26.63 -3.37 -59.84
N ILE D 145 -26.80 -2.19 -60.43
CA ILE D 145 -27.29 -2.11 -61.81
C ILE D 145 -26.11 -2.15 -62.78
N GLU D 146 -26.17 -3.06 -63.75
CA GLU D 146 -25.13 -3.16 -64.78
C GLU D 146 -25.33 -2.12 -65.88
N LYS D 147 -24.27 -1.37 -66.17
CA LYS D 147 -24.25 -0.38 -67.26
C LYS D 147 -25.60 0.29 -67.51
N PRO D 148 -26.01 1.18 -66.58
CA PRO D 148 -27.40 1.65 -66.54
C PRO D 148 -27.84 2.64 -67.61
N GLU D 149 -26.91 3.37 -68.22
CA GLU D 149 -27.25 4.41 -69.19
C GLU D 149 -27.86 5.66 -68.53
N ILE D 150 -28.70 5.42 -67.52
CA ILE D 150 -29.27 6.49 -66.71
C ILE D 150 -28.73 6.36 -65.29
N PRO D 151 -27.46 6.73 -65.09
CA PRO D 151 -26.76 6.33 -63.88
C PRO D 151 -27.24 7.10 -62.65
N PRO D 152 -27.82 6.38 -61.66
CA PRO D 152 -28.31 7.01 -60.43
C PRO D 152 -27.26 7.80 -59.66
N SER D 153 -26.04 7.29 -59.60
CA SER D 153 -24.92 8.01 -58.98
C SER D 153 -23.60 7.67 -59.67
N ASN D 154 -22.51 8.23 -59.15
CA ASN D 154 -21.16 7.97 -59.66
C ASN D 154 -20.46 6.82 -58.94
N LEU D 155 -21.14 6.24 -57.95
CA LEU D 155 -20.54 5.22 -57.09
C LEU D 155 -20.72 3.82 -57.71
N ILE D 156 -19.63 3.20 -58.12
CA ILE D 156 -19.68 1.92 -58.85
C ILE D 156 -19.00 0.80 -58.07
N ASN D 157 -19.21 -0.43 -58.53
CA ASN D 157 -18.64 -1.62 -57.87
C ASN D 157 -17.13 -1.74 -58.09
N ALA D 158 -16.37 -1.59 -57.01
CA ALA D 158 -14.91 -1.58 -57.10
C ALA D 158 -14.33 -2.99 -57.25
N GLY D 159 -15.16 -4.02 -57.08
CA GLY D 159 -14.75 -5.39 -57.34
C GLY D 159 -13.96 -6.04 -56.21
N ILE D 160 -13.95 -5.41 -55.04
CA ILE D 160 -13.50 -6.08 -53.80
C ILE D 160 -14.71 -6.41 -52.95
N TYR D 161 -14.91 -7.71 -52.69
CA TYR D 161 -16.02 -8.20 -51.86
C TYR D 161 -15.52 -8.91 -50.60
N LYS D 162 -16.24 -8.73 -49.49
CA LYS D 162 -16.17 -9.65 -48.36
C LYS D 162 -17.51 -10.38 -48.19
N LEU D 163 -17.49 -11.70 -48.32
CA LEU D 163 -18.73 -12.47 -48.48
C LEU D 163 -18.73 -13.74 -47.64
N ASN D 164 -19.91 -14.09 -47.14
CA ASN D 164 -20.10 -15.29 -46.33
C ASN D 164 -20.56 -16.48 -47.15
N SER D 165 -20.59 -17.66 -46.55
CA SER D 165 -20.89 -18.87 -47.32
C SER D 165 -22.29 -18.82 -47.91
N ASP D 166 -23.08 -17.83 -47.52
CA ASP D 166 -24.45 -17.71 -48.00
C ASP D 166 -24.52 -17.44 -49.49
N ILE D 167 -23.45 -16.89 -50.06
CA ILE D 167 -23.44 -16.54 -51.47
C ILE D 167 -23.57 -17.79 -52.33
N PHE D 168 -23.06 -18.93 -51.84
CA PHE D 168 -23.16 -20.18 -52.59
C PHE D 168 -24.61 -20.61 -52.79
N THR D 169 -25.44 -20.30 -51.79
CA THR D 169 -26.87 -20.51 -51.90
C THR D 169 -27.44 -19.67 -53.04
N TYR D 170 -27.16 -18.37 -53.00
CA TYR D 170 -27.70 -17.44 -54.00
C TYR D 170 -27.12 -17.69 -55.41
N LEU D 171 -25.93 -18.27 -55.46
CA LEU D 171 -25.31 -18.62 -56.73
C LEU D 171 -26.08 -19.71 -57.47
N ASP D 172 -26.67 -20.63 -56.73
CA ASP D 172 -27.51 -21.68 -57.33
C ASP D 172 -28.88 -21.13 -57.74
N LYS D 173 -29.39 -20.18 -56.97
CA LYS D 173 -30.68 -19.56 -57.27
C LYS D 173 -30.64 -18.94 -58.67
N ILE D 174 -29.67 -18.06 -58.91
CA ILE D 174 -29.64 -17.26 -60.13
C ILE D 174 -29.09 -18.06 -61.30
N SER D 175 -29.50 -17.69 -62.51
CA SER D 175 -29.13 -18.43 -63.72
C SER D 175 -28.45 -17.52 -64.75
N ILE D 176 -28.13 -18.07 -65.92
CA ILE D 176 -27.17 -17.48 -66.87
C ILE D 176 -27.62 -16.11 -67.39
N SER D 177 -26.65 -15.21 -67.57
CA SER D 177 -26.92 -13.82 -68.00
C SER D 177 -26.96 -13.68 -69.53
N GLU D 178 -27.19 -12.46 -70.00
CA GLU D 178 -27.29 -12.16 -71.44
C GLU D 178 -26.06 -12.59 -72.24
N ARG D 179 -24.89 -12.52 -71.62
CA ARG D 179 -23.64 -12.86 -72.30
C ARG D 179 -23.15 -14.28 -71.97
N GLY D 180 -24.03 -15.14 -71.47
CA GLY D 180 -23.76 -16.56 -71.38
C GLY D 180 -22.89 -16.89 -70.19
N GLU D 181 -23.02 -16.08 -69.13
CA GLU D 181 -22.13 -16.17 -67.96
C GLU D 181 -22.91 -16.24 -66.65
N LEU D 182 -22.25 -16.76 -65.62
CA LEU D 182 -22.81 -16.83 -64.28
C LEU D 182 -22.27 -15.66 -63.45
N GLU D 183 -22.99 -14.53 -63.47
CA GLU D 183 -22.54 -13.30 -62.83
C GLU D 183 -22.63 -13.39 -61.30
N LEU D 184 -21.49 -13.28 -60.64
CA LEU D 184 -21.46 -13.13 -59.18
C LEU D 184 -22.27 -11.90 -58.72
N THR D 185 -22.26 -10.84 -59.52
CA THR D 185 -23.01 -9.63 -59.18
C THR D 185 -24.51 -9.92 -59.00
N ASP D 186 -25.01 -10.91 -59.74
CA ASP D 186 -26.43 -11.29 -59.61
C ASP D 186 -26.66 -11.99 -58.28
N ALA D 187 -25.73 -12.85 -57.89
CA ALA D 187 -25.77 -13.51 -56.59
C ALA D 187 -25.77 -12.48 -55.44
N ILE D 188 -24.83 -11.55 -55.49
CA ILE D 188 -24.77 -10.49 -54.48
C ILE D 188 -26.07 -9.68 -54.46
N ASN D 189 -26.70 -9.49 -55.61
CA ASN D 189 -27.95 -8.75 -55.71
C ASN D 189 -29.12 -9.44 -55.00
N LEU D 190 -29.16 -10.77 -55.09
CA LEU D 190 -30.13 -11.56 -54.33
C LEU D 190 -29.82 -11.50 -52.85
N MET D 191 -28.56 -11.77 -52.50
CA MET D 191 -28.11 -11.70 -51.11
C MET D 191 -28.52 -10.39 -50.43
N ALA D 192 -28.57 -9.29 -51.18
CA ALA D 192 -28.86 -7.98 -50.60
C ALA D 192 -30.35 -7.71 -50.45
N LYS D 193 -31.15 -8.75 -50.63
CA LYS D 193 -32.43 -8.87 -50.02
C LYS D 193 -32.15 -9.94 -48.98
N ASP D 194 -32.19 -9.55 -47.71
CA ASP D 194 -32.26 -10.49 -46.56
C ASP D 194 -31.06 -10.48 -45.59
N HIS D 195 -29.94 -9.86 -45.94
CA HIS D 195 -28.80 -9.88 -45.01
C HIS D 195 -28.50 -8.65 -44.14
N ARG D 196 -28.36 -7.46 -44.73
CA ARG D 196 -27.74 -7.28 -46.02
C ARG D 196 -26.35 -6.65 -45.83
N VAL D 197 -26.01 -5.71 -46.70
CA VAL D 197 -24.66 -5.67 -47.22
C VAL D 197 -24.03 -4.27 -47.27
N LYS D 198 -22.91 -4.12 -46.56
CA LYS D 198 -22.34 -2.81 -46.24
C LYS D 198 -21.49 -2.34 -47.40
N VAL D 199 -21.55 -1.04 -47.70
CA VAL D 199 -20.83 -0.46 -48.82
C VAL D 199 -19.82 0.56 -48.33
N ILE D 200 -18.54 0.18 -48.36
CA ILE D 200 -17.43 1.07 -48.02
C ILE D 200 -16.92 1.78 -49.26
N GLU D 201 -16.83 3.11 -49.19
CA GLU D 201 -16.28 3.91 -50.30
C GLU D 201 -14.76 3.84 -50.31
N TYR D 202 -14.18 3.67 -51.49
CA TYR D 202 -12.73 3.56 -51.66
C TYR D 202 -12.09 4.95 -51.79
N GLU D 203 -10.87 5.10 -51.27
CA GLU D 203 -10.23 6.42 -51.20
C GLU D 203 -9.29 6.67 -52.38
N GLY D 204 -8.30 5.80 -52.57
CA GLY D 204 -7.10 6.12 -53.33
C GLY D 204 -7.22 5.98 -54.85
N TYR D 205 -6.16 5.48 -55.48
CA TYR D 205 -6.13 5.31 -56.94
C TYR D 205 -6.70 3.94 -57.28
N TRP D 206 -7.57 3.92 -58.29
CA TRP D 206 -8.30 2.72 -58.68
C TRP D 206 -8.31 2.65 -60.20
N MET D 207 -8.07 1.46 -60.73
CA MET D 207 -8.13 1.25 -62.17
C MET D 207 -8.34 -0.23 -62.38
N ASP D 208 -9.31 -0.58 -63.23
CA ASP D 208 -9.34 -1.91 -63.82
C ASP D 208 -8.61 -1.88 -65.16
N ILE D 209 -7.94 -2.98 -65.47
CA ILE D 209 -7.19 -3.07 -66.70
C ILE D 209 -8.01 -3.87 -67.70
N GLY D 210 -8.98 -3.18 -68.31
CA GLY D 210 -9.86 -3.79 -69.30
C GLY D 210 -9.38 -3.68 -70.73
N LYS D 211 -9.08 -2.47 -71.16
CA LYS D 211 -8.61 -2.20 -72.51
C LYS D 211 -7.11 -1.89 -72.52
N PRO D 212 -6.45 -2.07 -73.67
CA PRO D 212 -4.99 -2.08 -73.73
C PRO D 212 -4.33 -0.78 -73.29
N TRP D 213 -4.99 0.34 -73.55
CA TRP D 213 -4.41 1.64 -73.20
C TRP D 213 -4.42 1.90 -71.68
N ASN D 214 -5.15 1.08 -70.93
CA ASN D 214 -5.06 1.09 -69.48
C ASN D 214 -3.72 0.59 -68.98
N ILE D 215 -3.05 -0.24 -69.77
CA ILE D 215 -1.72 -0.66 -69.44
C ILE D 215 -0.82 0.58 -69.35
N ILE D 216 -1.04 1.53 -70.26
CA ILE D 216 -0.28 2.77 -70.21
C ILE D 216 -0.68 3.54 -68.96
N ASP D 217 -1.98 3.62 -68.70
CA ASP D 217 -2.54 4.41 -67.59
C ASP D 217 -1.90 4.05 -66.26
N VAL D 218 -2.02 2.79 -65.84
CA VAL D 218 -1.47 2.38 -64.55
C VAL D 218 0.05 2.55 -64.49
N ASN D 219 0.73 2.26 -65.59
CA ASN D 219 2.18 2.34 -65.61
C ASN D 219 2.66 3.78 -65.42
N LYS D 220 1.94 4.73 -66.00
CA LYS D 220 2.27 6.14 -65.80
C LYS D 220 2.09 6.46 -64.33
N TRP D 221 0.98 6.02 -63.77
CA TRP D 221 0.67 6.27 -62.38
C TRP D 221 1.75 5.66 -61.48
N ALA D 222 2.13 4.42 -61.76
CA ALA D 222 3.11 3.73 -60.95
C ALA D 222 4.46 4.44 -61.00
N LEU D 223 4.86 4.88 -62.18
CA LEU D 223 6.11 5.61 -62.35
C LEU D 223 6.08 6.95 -61.60
N ASP D 224 4.89 7.52 -61.48
CA ASP D 224 4.75 8.79 -60.79
C ASP D 224 4.74 8.65 -59.28
N ASN D 225 4.35 7.48 -58.78
CA ASN D 225 3.90 7.35 -57.38
C ASN D 225 4.66 6.30 -56.58
N LEU D 226 5.06 5.21 -57.22
CA LEU D 226 5.59 4.06 -56.51
C LEU D 226 7.12 3.94 -56.54
N VAL D 227 7.80 4.77 -57.34
CA VAL D 227 9.26 4.69 -57.48
C VAL D 227 9.90 6.06 -57.64
N PHE D 228 11.20 6.12 -57.38
CA PHE D 228 11.91 7.39 -57.24
C PHE D 228 13.28 7.35 -57.93
N SER D 229 13.72 8.51 -58.41
CA SER D 229 15.03 8.65 -59.06
C SER D 229 16.12 7.83 -58.42
N GLN D 230 16.72 6.92 -59.19
CA GLN D 230 17.85 6.14 -58.72
C GLN D 230 18.62 5.59 -59.91
N ASN D 231 19.80 5.02 -59.64
CA ASN D 231 20.59 4.36 -60.67
C ASN D 231 21.42 3.20 -60.15
N LEU D 232 20.85 2.00 -60.22
CA LEU D 232 21.57 0.78 -59.87
C LEU D 232 22.32 0.19 -61.05
N GLY D 233 22.34 0.89 -62.18
CA GLY D 233 22.96 0.37 -63.39
C GLY D 233 24.19 1.16 -63.77
N ASN D 234 24.54 1.10 -65.05
CA ASN D 234 25.73 1.77 -65.57
C ASN D 234 25.42 2.77 -66.67
N VAL D 235 25.93 3.99 -66.51
CA VAL D 235 25.73 5.06 -67.49
C VAL D 235 27.08 5.60 -67.97
N GLU D 236 27.29 5.62 -69.28
CA GLU D 236 28.51 6.17 -69.85
C GLU D 236 28.52 7.70 -69.86
N ASP D 237 29.62 8.28 -70.30
CA ASP D 237 29.71 9.72 -70.48
C ASP D 237 28.86 10.19 -71.67
N ASN D 238 28.67 11.51 -71.76
CA ASN D 238 27.73 12.11 -72.70
C ASN D 238 26.39 11.39 -72.72
N VAL D 239 25.86 11.10 -71.55
CA VAL D 239 24.45 10.75 -71.41
C VAL D 239 23.74 11.83 -70.61
N LYS D 240 22.74 12.47 -71.22
CA LYS D 240 21.98 13.51 -70.54
C LYS D 240 20.76 12.91 -69.86
N ILE D 241 20.57 13.23 -68.59
CA ILE D 241 19.44 12.72 -67.82
C ILE D 241 18.70 13.84 -67.11
N LYS D 242 17.39 13.93 -67.34
CA LYS D 242 16.55 14.96 -66.71
C LYS D 242 15.33 14.33 -66.07
N GLY D 243 14.92 14.88 -64.93
CA GLY D 243 13.68 14.43 -64.29
C GLY D 243 13.80 13.06 -63.68
N LYS D 244 12.65 12.50 -63.28
CA LYS D 244 12.62 11.22 -62.59
C LYS D 244 13.11 10.13 -63.55
N VAL D 245 14.21 9.49 -63.22
CA VAL D 245 14.71 8.39 -64.03
C VAL D 245 15.10 7.26 -63.10
N ILE D 246 14.52 6.09 -63.33
CA ILE D 246 14.87 4.89 -62.60
C ILE D 246 15.68 3.97 -63.50
N ILE D 247 16.92 3.68 -63.12
CA ILE D 247 17.75 2.74 -63.85
C ILE D 247 18.06 1.53 -62.98
N GLU D 248 17.45 0.40 -63.32
CA GLU D 248 17.60 -0.81 -62.52
C GLU D 248 18.93 -1.49 -62.81
N GLU D 249 19.21 -2.58 -62.09
CA GLU D 249 20.55 -3.14 -62.08
C GLU D 249 20.85 -3.85 -63.40
N ASP D 250 22.14 -3.95 -63.71
CA ASP D 250 22.62 -4.53 -64.95
C ASP D 250 22.11 -3.83 -66.22
N ALA D 251 21.64 -2.59 -66.08
CA ALA D 251 21.18 -1.83 -67.23
C ALA D 251 22.32 -0.97 -67.71
N GLU D 252 22.64 -1.09 -68.99
CA GLU D 252 23.67 -0.27 -69.60
C GLU D 252 23.01 0.86 -70.37
N ILE D 253 23.57 2.05 -70.26
CA ILE D 253 23.14 3.20 -71.05
C ILE D 253 24.31 3.93 -71.69
N LYS D 254 24.37 3.89 -73.01
CA LYS D 254 25.59 4.27 -73.74
C LYS D 254 25.56 5.73 -74.20
N SER D 255 26.74 6.24 -74.50
CA SER D 255 26.93 7.65 -74.79
C SER D 255 26.02 8.13 -75.90
N GLY D 256 25.59 9.39 -75.79
CA GLY D 256 24.75 10.02 -76.80
C GLY D 256 23.29 9.94 -76.45
N THR D 257 22.96 9.00 -75.56
CA THR D 257 21.59 8.84 -75.10
C THR D 257 21.12 10.06 -74.34
N TYR D 258 19.85 10.40 -74.53
CA TYR D 258 19.26 11.61 -73.98
C TYR D 258 17.91 11.24 -73.39
N ILE D 259 17.73 11.47 -72.09
CA ILE D 259 16.59 10.93 -71.36
C ILE D 259 15.83 12.05 -70.68
N GLU D 260 14.56 12.20 -71.02
CA GLU D 260 13.70 13.21 -70.40
C GLU D 260 12.59 12.53 -69.61
N GLY D 261 12.62 12.66 -68.29
CA GLY D 261 11.77 11.86 -67.40
C GLY D 261 10.36 12.40 -67.30
N PRO D 262 9.47 11.61 -66.70
CA PRO D 262 9.84 10.40 -66.00
C PRO D 262 10.07 9.21 -66.95
N VAL D 263 11.14 8.46 -66.70
CA VAL D 263 11.42 7.25 -67.44
C VAL D 263 11.70 6.11 -66.47
N TYR D 264 11.28 4.91 -66.84
CA TYR D 264 11.68 3.70 -66.13
C TYR D 264 12.47 2.78 -67.07
N ILE D 265 13.70 2.47 -66.69
CA ILE D 265 14.51 1.52 -67.46
C ILE D 265 14.76 0.26 -66.66
N GLY D 266 14.14 -0.83 -67.09
CA GLY D 266 14.13 -2.07 -66.32
C GLY D 266 15.44 -2.84 -66.38
N LYS D 267 15.53 -3.86 -65.54
CA LYS D 267 16.79 -4.54 -65.29
C LYS D 267 17.29 -5.22 -66.56
N GLY D 268 18.58 -5.12 -66.79
CA GLY D 268 19.21 -5.85 -67.88
C GLY D 268 19.13 -5.13 -69.22
N SER D 269 18.53 -3.95 -69.24
CA SER D 269 18.24 -3.27 -70.49
C SER D 269 19.52 -2.68 -71.06
N GLU D 270 19.53 -2.50 -72.39
CA GLU D 270 20.70 -1.94 -73.06
C GLU D 270 20.26 -0.77 -73.93
N ILE D 271 20.52 0.45 -73.47
CA ILE D 271 20.12 1.66 -74.19
C ILE D 271 21.31 2.30 -74.91
N GLY D 272 21.03 2.96 -76.04
CA GLY D 272 22.07 3.64 -76.80
C GLY D 272 22.92 2.71 -77.63
N PRO D 273 23.93 3.25 -78.31
CA PRO D 273 24.24 4.66 -78.29
C PRO D 273 23.21 5.56 -78.99
N ASN D 274 23.22 6.85 -78.65
CA ASN D 274 22.40 7.84 -79.31
C ASN D 274 20.93 7.42 -79.39
N SER D 275 20.39 6.95 -78.27
CA SER D 275 18.95 6.75 -78.13
C SER D 275 18.31 7.99 -77.49
N TYR D 276 16.98 8.04 -77.51
CA TYR D 276 16.26 9.18 -76.96
C TYR D 276 14.98 8.70 -76.26
N LEU D 277 15.03 8.62 -74.93
CA LEU D 277 13.86 8.22 -74.17
C LEU D 277 13.15 9.47 -73.63
N ARG D 278 11.87 9.61 -74.00
CA ARG D 278 11.04 10.71 -73.55
C ARG D 278 9.99 10.30 -72.48
N PRO D 279 9.26 11.30 -71.94
CA PRO D 279 8.53 11.03 -70.69
C PRO D 279 7.56 9.86 -70.80
N TYR D 280 7.50 9.07 -69.75
CA TYR D 280 6.62 7.90 -69.64
C TYR D 280 7.00 6.80 -70.61
N THR D 281 8.27 6.75 -70.95
CA THR D 281 8.87 5.52 -71.46
C THR D 281 8.98 4.52 -70.33
N ILE D 282 8.33 3.38 -70.45
CA ILE D 282 8.56 2.27 -69.52
C ILE D 282 9.12 1.04 -70.25
N LEU D 283 10.36 0.69 -69.92
CA LEU D 283 10.97 -0.53 -70.40
C LEU D 283 10.99 -1.51 -69.24
N VAL D 284 10.15 -2.54 -69.28
CA VAL D 284 9.92 -3.35 -68.08
C VAL D 284 11.10 -4.24 -67.70
N GLU D 285 11.77 -4.82 -68.69
CA GLU D 285 12.87 -5.76 -68.42
C GLU D 285 13.63 -6.11 -69.68
N LYS D 286 14.96 -6.07 -69.58
CA LYS D 286 15.84 -6.62 -70.61
C LYS D 286 15.50 -6.12 -72.01
N ASN D 287 15.28 -4.82 -72.13
CA ASN D 287 14.91 -4.25 -73.41
C ASN D 287 16.13 -3.70 -74.12
N LYS D 288 16.17 -3.88 -75.43
CA LYS D 288 17.17 -3.25 -76.28
C LYS D 288 16.58 -2.01 -76.94
N ILE D 289 17.14 -0.85 -76.67
CA ILE D 289 16.89 0.36 -77.46
C ILE D 289 18.18 0.88 -78.06
N GLY D 290 18.14 1.20 -79.35
CA GLY D 290 19.36 1.34 -80.13
C GLY D 290 19.54 2.72 -80.73
N ALA D 291 20.49 2.81 -81.66
CA ALA D 291 20.87 4.09 -82.26
C ALA D 291 19.75 4.67 -83.10
N SER D 292 19.56 5.97 -82.97
CA SER D 292 18.49 6.68 -83.63
C SER D 292 17.13 6.06 -83.38
N VAL D 293 16.90 5.62 -82.14
CA VAL D 293 15.59 5.16 -81.72
C VAL D 293 15.02 6.09 -80.66
N GLU D 294 13.75 6.44 -80.79
CA GLU D 294 13.08 7.35 -79.86
C GLU D 294 11.83 6.69 -79.29
N VAL D 295 11.70 6.66 -77.98
CA VAL D 295 10.53 6.09 -77.33
C VAL D 295 9.82 7.20 -76.58
N LYS D 296 8.50 7.09 -76.48
CA LYS D 296 7.69 8.07 -75.76
C LYS D 296 6.39 7.48 -75.25
N GLU D 297 6.08 7.75 -73.99
CA GLU D 297 4.83 7.31 -73.36
C GLU D 297 4.40 5.93 -73.89
N SER D 298 5.26 4.95 -73.66
CA SER D 298 4.99 3.61 -74.15
C SER D 298 5.39 2.61 -73.09
N VAL D 299 4.71 1.48 -73.06
CA VAL D 299 5.14 0.35 -72.24
C VAL D 299 5.70 -0.75 -73.14
N ILE D 300 6.94 -1.13 -72.88
CA ILE D 300 7.65 -2.09 -73.73
C ILE D 300 8.13 -3.25 -72.89
N MET D 301 7.54 -4.41 -73.12
CA MET D 301 7.61 -5.49 -72.14
C MET D 301 8.85 -6.36 -72.33
N GLU D 302 8.90 -7.46 -71.58
CA GLU D 302 10.12 -8.23 -71.35
C GLU D 302 10.81 -8.63 -72.66
N GLY D 303 12.05 -8.19 -72.80
CA GLY D 303 12.93 -8.78 -73.80
C GLY D 303 12.72 -8.25 -75.19
N SER D 304 11.81 -7.29 -75.35
CA SER D 304 11.53 -6.71 -76.67
C SER D 304 12.62 -5.72 -77.11
N LYS D 305 12.86 -5.66 -78.41
CA LYS D 305 14.03 -4.96 -78.94
C LYS D 305 13.64 -4.00 -80.05
N ILE D 306 14.10 -2.75 -79.93
CA ILE D 306 13.92 -1.74 -80.94
C ILE D 306 15.33 -1.23 -81.27
N PRO D 307 16.03 -1.90 -82.18
CA PRO D 307 17.46 -1.65 -82.34
C PRO D 307 17.90 -0.50 -83.25
N HIS D 308 17.10 -0.10 -84.24
CA HIS D 308 17.52 0.95 -85.20
C HIS D 308 16.38 1.84 -85.73
N LEU D 309 16.63 3.14 -85.75
CA LEU D 309 15.94 4.04 -86.65
C LEU D 309 14.43 3.89 -86.54
N SER D 310 13.91 4.01 -85.33
CA SER D 310 12.48 3.85 -85.07
C SER D 310 11.96 4.90 -84.09
N TYR D 311 10.67 5.19 -84.19
CA TYR D 311 9.97 5.98 -83.21
C TYR D 311 8.77 5.19 -82.71
N VAL D 312 8.73 4.97 -81.40
CA VAL D 312 7.59 4.34 -80.75
C VAL D 312 6.95 5.35 -79.80
N GLY D 313 5.73 5.76 -80.09
CA GLY D 313 5.00 6.69 -79.24
C GLY D 313 3.67 6.12 -78.78
N ASP D 314 3.32 6.35 -77.52
CA ASP D 314 1.96 6.11 -77.01
C ASP D 314 1.48 4.69 -77.27
N SER D 315 2.36 3.72 -77.09
CA SER D 315 2.10 2.37 -77.57
C SER D 315 2.26 1.38 -76.42
N VAL D 316 1.78 0.17 -76.63
CA VAL D 316 2.10 -0.97 -75.77
C VAL D 316 2.67 -2.11 -76.62
N ILE D 317 3.92 -2.45 -76.37
CA ILE D 317 4.58 -3.53 -77.08
C ILE D 317 4.85 -4.64 -76.09
N ALA D 318 4.34 -5.83 -76.39
CA ALA D 318 4.42 -6.95 -75.47
C ALA D 318 5.77 -7.65 -75.61
N GLU D 319 5.86 -8.88 -75.10
CA GLU D 319 7.15 -9.49 -74.80
C GLU D 319 7.83 -10.07 -76.04
N ASP D 320 9.16 -10.09 -76.02
CA ASP D 320 9.94 -10.73 -77.09
C ASP D 320 9.49 -10.28 -78.46
N VAL D 321 9.26 -8.98 -78.61
CA VAL D 321 8.99 -8.40 -79.92
C VAL D 321 10.29 -7.92 -80.54
N ASN D 322 10.34 -7.94 -81.87
CA ASN D 322 11.46 -7.34 -82.61
C ASN D 322 10.97 -6.40 -83.70
N PHE D 323 11.28 -5.11 -83.57
CA PHE D 323 11.08 -4.14 -84.64
C PHE D 323 12.29 -4.09 -85.57
N GLY D 324 12.05 -4.33 -86.86
CA GLY D 324 13.07 -4.17 -87.87
C GLY D 324 13.49 -2.72 -87.98
N ALA D 325 14.71 -2.48 -88.42
CA ALA D 325 15.16 -1.11 -88.68
C ALA D 325 14.10 -0.34 -89.45
N GLY D 326 13.84 0.89 -89.05
CA GLY D 326 12.95 1.77 -89.79
C GLY D 326 11.48 1.56 -89.52
N THR D 327 11.14 0.67 -88.59
CA THR D 327 9.75 0.49 -88.17
C THR D 327 9.25 1.75 -87.46
N LEU D 328 8.14 2.30 -87.92
CA LEU D 328 7.59 3.52 -87.32
C LEU D 328 6.14 3.33 -86.92
N ILE D 329 5.77 3.97 -85.82
CA ILE D 329 4.40 3.99 -85.35
C ILE D 329 3.83 5.42 -85.40
N ALA D 330 2.72 5.57 -86.11
CA ALA D 330 1.95 6.79 -86.11
C ALA D 330 1.07 6.82 -84.87
N ASN D 331 0.97 7.98 -84.22
CA ASN D 331 0.23 8.10 -82.97
C ASN D 331 -0.76 9.26 -82.94
N LEU D 332 -0.87 9.96 -84.06
CA LEU D 332 -1.82 11.06 -84.20
C LEU D 332 -2.55 10.92 -85.52
N ARG D 333 -3.86 11.13 -85.49
CA ARG D 333 -4.62 11.15 -86.72
C ARG D 333 -4.57 12.57 -87.33
N PHE D 334 -4.78 12.64 -88.63
CA PHE D 334 -4.68 13.93 -89.33
C PHE D 334 -5.65 14.98 -88.76
N ASP D 335 -6.87 14.55 -88.48
CA ASP D 335 -7.93 15.43 -87.94
C ASP D 335 -7.82 15.71 -86.43
N GLU D 336 -6.91 15.00 -85.77
CA GLU D 336 -6.64 15.16 -84.33
C GLU D 336 -7.82 14.74 -83.44
N LYS D 337 -8.79 14.05 -84.02
CA LYS D 337 -9.79 13.36 -83.22
C LYS D 337 -9.17 12.21 -82.46
N GLU D 338 -9.88 11.75 -81.43
CA GLU D 338 -9.42 10.66 -80.59
C GLU D 338 -9.24 9.41 -81.43
N VAL D 339 -8.19 8.65 -81.13
CA VAL D 339 -7.87 7.45 -81.90
C VAL D 339 -8.79 6.32 -81.47
N LYS D 340 -9.32 5.59 -82.45
CA LYS D 340 -10.27 4.52 -82.17
C LYS D 340 -9.60 3.16 -82.34
N VAL D 341 -10.12 2.19 -81.60
CA VAL D 341 -9.52 0.88 -81.50
C VAL D 341 -10.67 -0.11 -81.55
N ASN D 342 -10.47 -1.19 -82.28
CA ASN D 342 -11.39 -2.31 -82.22
C ASN D 342 -11.16 -3.11 -80.95
N VAL D 343 -12.22 -3.27 -80.17
CA VAL D 343 -12.20 -4.06 -78.97
C VAL D 343 -13.38 -5.02 -79.05
N LYS D 344 -13.09 -6.33 -79.04
CA LYS D 344 -14.10 -7.37 -79.32
C LYS D 344 -14.91 -7.08 -80.57
N GLY D 345 -14.22 -6.73 -81.65
CA GLY D 345 -14.86 -6.44 -82.94
C GLY D 345 -15.56 -5.08 -83.04
N LYS D 346 -15.58 -4.33 -81.94
CA LYS D 346 -16.37 -3.08 -81.85
C LYS D 346 -15.39 -1.93 -81.88
N ARG D 347 -15.66 -0.97 -82.74
CA ARG D 347 -14.82 0.21 -82.91
C ARG D 347 -15.19 1.28 -81.89
N ILE D 348 -14.19 1.68 -81.10
CA ILE D 348 -14.41 2.27 -79.79
C ILE D 348 -13.38 3.38 -79.63
N SER D 349 -13.76 4.52 -79.09
CA SER D 349 -12.78 5.57 -78.82
C SER D 349 -11.91 5.17 -77.61
N SER D 350 -10.62 5.47 -77.72
CA SER D 350 -9.65 5.23 -76.67
C SER D 350 -9.60 6.39 -75.68
N GLY D 351 -10.28 7.48 -76.01
CA GLY D 351 -10.22 8.70 -75.20
C GLY D 351 -8.90 9.44 -75.31
N ARG D 352 -8.05 9.02 -76.24
CA ARG D 352 -6.70 9.58 -76.38
C ARG D 352 -6.59 10.27 -77.72
N ARG D 353 -6.14 11.52 -77.71
CA ARG D 353 -5.82 12.24 -78.95
C ARG D 353 -4.58 11.63 -79.63
N LYS D 354 -3.65 11.19 -78.78
CA LYS D 354 -2.44 10.54 -79.23
C LYS D 354 -2.36 9.09 -78.74
N LEU D 355 -2.50 8.15 -79.66
CA LEU D 355 -2.36 6.76 -79.34
C LEU D 355 -1.67 6.04 -80.51
N GLY D 356 -0.72 5.17 -80.17
CA GLY D 356 0.05 4.46 -81.18
C GLY D 356 -0.54 3.10 -81.43
N ALA D 357 0.28 2.06 -81.24
CA ALA D 357 -0.13 0.67 -81.56
C ALA D 357 -0.09 -0.22 -80.31
N PHE D 358 -0.82 -1.33 -80.38
CA PHE D 358 -0.66 -2.43 -79.42
C PHE D 358 -0.13 -3.69 -80.11
N ILE D 359 1.14 -4.03 -79.83
CA ILE D 359 1.82 -5.14 -80.50
C ILE D 359 1.82 -6.37 -79.60
N GLY D 360 1.38 -7.49 -80.13
CA GLY D 360 1.38 -8.73 -79.36
C GLY D 360 2.75 -9.37 -79.23
N GLY D 361 2.84 -10.38 -78.37
CA GLY D 361 4.11 -11.01 -78.05
C GLY D 361 4.69 -11.71 -79.26
N HIS D 362 6.02 -11.69 -79.36
CA HIS D 362 6.74 -12.47 -80.37
C HIS D 362 6.46 -12.00 -81.80
N VAL D 363 5.94 -10.79 -81.93
CA VAL D 363 5.82 -10.16 -83.23
C VAL D 363 7.21 -9.83 -83.77
N ARG D 364 7.41 -10.02 -85.08
CA ARG D 364 8.53 -9.40 -85.74
C ARG D 364 8.05 -8.49 -86.88
N THR D 365 8.56 -7.27 -86.93
CA THR D 365 8.36 -6.42 -88.09
C THR D 365 9.62 -6.43 -88.93
N GLY D 366 9.43 -6.46 -90.25
CA GLY D 366 10.54 -6.23 -91.18
C GLY D 366 11.04 -4.80 -91.12
N ILE D 367 12.12 -4.52 -91.80
CA ILE D 367 12.56 -3.15 -91.98
C ILE D 367 11.51 -2.28 -92.68
N ASN D 368 11.55 -0.99 -92.37
CA ASN D 368 10.72 0.01 -93.04
C ASN D 368 9.22 -0.25 -92.95
N VAL D 369 8.81 -0.92 -91.88
CA VAL D 369 7.40 -1.14 -91.61
C VAL D 369 6.76 0.12 -91.07
N THR D 370 5.48 0.28 -91.34
CA THR D 370 4.76 1.52 -91.07
C THR D 370 3.41 1.17 -90.45
N ILE D 371 3.18 1.60 -89.22
CA ILE D 371 2.01 1.14 -88.47
C ILE D 371 1.15 2.34 -88.12
N LEU D 372 -0.16 2.22 -88.33
CA LEU D 372 -1.07 3.35 -88.17
C LEU D 372 -1.69 3.39 -86.76
N PRO D 373 -2.22 4.55 -86.38
CA PRO D 373 -2.74 4.72 -85.02
C PRO D 373 -3.85 3.73 -84.67
N GLY D 374 -3.84 3.24 -83.44
CA GLY D 374 -4.96 2.43 -82.92
C GLY D 374 -4.85 0.97 -83.30
N VAL D 375 -3.89 0.67 -84.17
CA VAL D 375 -3.79 -0.65 -84.77
C VAL D 375 -3.43 -1.70 -83.71
N LYS D 376 -4.04 -2.88 -83.82
CA LYS D 376 -3.65 -4.02 -82.99
C LYS D 376 -2.96 -5.06 -83.86
N ILE D 377 -1.79 -5.52 -83.43
CA ILE D 377 -1.08 -6.57 -84.15
C ILE D 377 -1.02 -7.80 -83.26
N GLY D 378 -1.51 -8.92 -83.77
CA GLY D 378 -1.59 -10.15 -82.99
C GLY D 378 -0.25 -10.77 -82.67
N ALA D 379 -0.15 -11.38 -81.50
CA ALA D 379 0.97 -12.23 -81.16
C ALA D 379 1.41 -13.07 -82.36
N TYR D 380 2.72 -13.17 -82.53
CA TYR D 380 3.33 -14.12 -83.46
C TYR D 380 3.15 -13.73 -84.92
N ALA D 381 2.55 -12.56 -85.15
CA ALA D 381 2.50 -11.98 -86.49
C ALA D 381 3.88 -11.64 -87.05
N ARG D 382 3.97 -11.62 -88.38
CA ARG D 382 5.16 -11.13 -89.09
C ARG D 382 4.71 -10.10 -90.11
N ILE D 383 5.33 -8.92 -90.08
CA ILE D 383 4.98 -7.86 -91.01
C ILE D 383 6.08 -7.77 -92.06
N TYR D 384 5.71 -7.97 -93.31
CA TYR D 384 6.68 -7.95 -94.41
C TYR D 384 7.34 -6.58 -94.51
N PRO D 385 8.62 -6.56 -94.87
CA PRO D 385 9.31 -5.29 -95.11
C PRO D 385 8.51 -4.32 -95.99
N GLY D 386 8.45 -3.06 -95.58
CA GLY D 386 7.81 -2.02 -96.36
C GLY D 386 6.30 -1.94 -96.15
N ALA D 387 5.73 -2.94 -95.48
CA ALA D 387 4.27 -3.01 -95.34
C ALA D 387 3.74 -1.78 -94.64
N VAL D 388 2.57 -1.32 -95.06
CA VAL D 388 1.82 -0.33 -94.31
C VAL D 388 0.65 -1.00 -93.59
N VAL D 389 0.78 -1.13 -92.27
CA VAL D 389 -0.22 -1.81 -91.46
C VAL D 389 -1.34 -0.84 -91.13
N ASN D 390 -2.43 -0.92 -91.88
CA ASN D 390 -3.56 -0.02 -91.68
C ASN D 390 -4.83 -0.77 -91.26
N ARG D 391 -4.66 -1.99 -90.76
CA ARG D 391 -5.74 -2.69 -90.11
C ARG D 391 -5.21 -3.62 -89.03
N ASP D 392 -6.08 -4.05 -88.12
CA ASP D 392 -5.68 -5.04 -87.14
C ASP D 392 -5.12 -6.28 -87.84
N VAL D 393 -4.22 -6.97 -87.16
CA VAL D 393 -3.52 -8.09 -87.75
C VAL D 393 -3.71 -9.28 -86.83
N GLY D 394 -3.94 -10.44 -87.43
CA GLY D 394 -4.32 -11.63 -86.67
C GLY D 394 -3.17 -12.29 -85.94
N TYR D 395 -3.49 -12.98 -84.86
CA TYR D 395 -2.61 -13.99 -84.28
C TYR D 395 -1.95 -14.79 -85.42
N GLY D 396 -0.64 -14.73 -85.51
CA GLY D 396 0.09 -15.60 -86.41
C GLY D 396 0.08 -15.15 -87.85
N GLU D 397 -0.56 -14.02 -88.13
CA GLU D 397 -0.71 -13.56 -89.51
C GLU D 397 0.59 -13.13 -90.17
N PHE D 398 0.80 -13.57 -91.41
CA PHE D 398 1.90 -13.06 -92.21
C PHE D 398 1.27 -11.99 -93.07
N PHE D 399 1.34 -10.76 -92.58
CA PHE D 399 0.81 -9.59 -93.27
C PHE D 399 1.86 -9.04 -94.23
N LYS D 400 1.62 -9.16 -95.55
CA LYS D 400 2.68 -8.86 -96.51
C LYS D 400 2.33 -7.79 -97.56
N VAL D 401 1.13 -7.22 -97.46
CA VAL D 401 0.78 -6.02 -98.22
C VAL D 401 -0.50 -5.37 -97.66
N MET E 1 2.16 -1.47 37.29
CA MET E 1 0.80 -2.09 37.31
C MET E 1 -0.23 -1.13 36.76
N LYS E 2 -0.86 -1.50 35.64
CA LYS E 2 -1.98 -0.76 35.08
C LYS E 2 -3.24 -1.01 35.91
N ALA E 3 -4.19 -0.09 35.84
CA ALA E 3 -5.51 -0.30 36.43
C ALA E 3 -6.63 0.29 35.59
N PHE E 4 -7.77 -0.40 35.58
CA PHE E 4 -8.93 0.02 34.81
C PHE E 4 -10.18 0.14 35.68
N ILE E 5 -10.87 1.27 35.56
CA ILE E 5 -12.15 1.47 36.22
C ILE E 5 -13.26 1.34 35.18
N LEU E 6 -14.16 0.38 35.39
CA LEU E 6 -15.26 0.13 34.45
C LEU E 6 -16.51 0.99 34.75
N ALA E 7 -16.78 1.96 33.88
CA ALA E 7 -17.74 3.04 34.15
C ALA E 7 -18.58 3.36 32.93
N ALA E 8 -18.90 2.34 32.14
CA ALA E 8 -19.64 2.49 30.91
C ALA E 8 -20.77 1.53 31.23
N GLY E 9 -21.85 1.44 30.45
CA GLY E 9 -23.11 1.05 31.07
C GLY E 9 -23.80 2.29 31.59
N SER E 10 -25.08 2.16 31.86
CA SER E 10 -26.03 3.25 31.65
C SER E 10 -26.48 3.94 32.95
N GLY E 11 -26.06 3.38 34.08
CA GLY E 11 -26.81 3.38 35.33
C GLY E 11 -28.27 3.76 35.23
N GLU E 12 -29.03 2.88 34.59
CA GLU E 12 -30.47 3.03 34.49
C GLU E 12 -31.11 2.90 35.87
N ARG E 13 -30.60 1.95 36.67
CA ARG E 13 -31.19 1.66 37.97
C ARG E 13 -31.08 2.86 38.93
N LEU E 14 -30.20 3.80 38.58
CA LEU E 14 -29.89 4.93 39.45
C LEU E 14 -30.56 6.21 38.93
N GLU E 15 -31.47 6.06 37.97
CA GLU E 15 -32.31 7.17 37.55
C GLU E 15 -33.22 7.61 38.70
N PRO E 16 -33.48 8.92 38.83
CA PRO E 16 -33.23 9.92 37.79
C PRO E 16 -31.86 10.60 37.91
N ILE E 17 -31.07 10.21 38.89
CA ILE E 17 -29.81 10.88 39.15
C ILE E 17 -28.95 10.86 37.89
N THR E 18 -29.02 9.74 37.16
CA THR E 18 -28.12 9.48 36.05
C THR E 18 -28.64 10.03 34.73
N HIS E 19 -29.78 10.71 34.75
CA HIS E 19 -30.26 11.47 33.59
C HIS E 19 -29.27 12.55 33.21
N THR E 20 -28.51 13.04 34.18
CA THR E 20 -27.69 14.25 34.01
C THR E 20 -26.24 14.09 34.43
N ARG E 21 -25.87 12.93 34.98
CA ARG E 21 -24.47 12.66 35.30
C ARG E 21 -24.20 11.17 35.25
N PRO E 22 -22.99 10.77 34.83
CA PRO E 22 -22.57 9.37 34.96
C PRO E 22 -22.55 8.99 36.43
N LYS E 23 -22.83 7.73 36.70
CA LYS E 23 -22.78 7.23 38.07
C LYS E 23 -21.43 7.52 38.73
N ALA E 24 -20.38 7.67 37.92
CA ALA E 24 -19.03 7.89 38.45
C ALA E 24 -18.91 9.23 39.19
N PHE E 25 -19.80 10.16 38.90
CA PHE E 25 -19.79 11.47 39.55
C PHE E 25 -20.96 11.69 40.51
N VAL E 26 -21.58 10.59 40.96
CA VAL E 26 -22.42 10.62 42.15
C VAL E 26 -21.63 11.20 43.32
N PRO E 27 -22.12 12.31 43.91
CA PRO E 27 -21.38 12.94 44.98
C PRO E 27 -21.49 12.12 46.27
N ILE E 28 -20.35 11.90 46.90
CA ILE E 28 -20.30 11.47 48.28
C ILE E 28 -19.63 12.56 49.08
N LEU E 29 -20.42 13.28 49.87
CA LEU E 29 -20.04 14.59 50.37
C LEU E 29 -19.59 15.51 49.22
N SER E 30 -18.40 16.10 49.31
CA SER E 30 -17.94 17.06 48.32
C SER E 30 -17.38 16.37 47.06
N LYS E 31 -17.02 15.09 47.16
CA LYS E 31 -16.23 14.43 46.12
C LYS E 31 -17.07 13.41 45.35
N PRO E 32 -16.87 13.31 44.02
CA PRO E 32 -17.51 12.27 43.22
C PRO E 32 -16.98 10.86 43.48
N LEU E 33 -17.82 9.86 43.27
CA LEU E 33 -17.50 8.47 43.59
C LEU E 33 -16.16 8.05 43.01
N ILE E 34 -15.91 8.41 41.76
CA ILE E 34 -14.72 7.94 41.06
C ILE E 34 -13.43 8.49 41.69
N GLU E 35 -13.51 9.70 42.25
CA GLU E 35 -12.35 10.33 42.88
C GLU E 35 -11.88 9.54 44.09
N TYR E 36 -12.83 9.01 44.87
CA TYR E 36 -12.48 8.12 45.97
C TYR E 36 -11.74 6.88 45.46
N GLN E 37 -12.14 6.38 44.30
CA GLN E 37 -11.53 5.19 43.72
C GLN E 37 -10.08 5.49 43.31
N ILE E 38 -9.92 6.49 42.46
CA ILE E 38 -8.61 6.97 42.04
C ILE E 38 -7.71 7.26 43.25
N GLU E 39 -8.24 8.02 44.19
CA GLU E 39 -7.55 8.34 45.43
C GLU E 39 -6.99 7.07 46.10
N TYR E 40 -7.82 6.04 46.23
CA TYR E 40 -7.46 4.88 47.03
C TYR E 40 -6.56 3.94 46.23
N LEU E 41 -6.68 3.97 44.90
CA LEU E 41 -5.73 3.27 44.03
C LEU E 41 -4.31 3.82 44.22
N ARG E 42 -4.20 5.15 44.21
CA ARG E 42 -2.90 5.81 44.35
C ARG E 42 -2.23 5.51 45.68
N LYS E 43 -3.02 5.36 46.74
CA LYS E 43 -2.49 4.90 48.02
C LYS E 43 -1.82 3.51 47.93
N CYS E 44 -2.04 2.80 46.82
CA CYS E 44 -1.28 1.59 46.49
C CYS E 44 -0.19 1.81 45.45
N GLY E 45 -0.20 2.97 44.79
CA GLY E 45 0.95 3.46 44.04
C GLY E 45 0.76 3.39 42.54
N ILE E 46 -0.49 3.34 42.10
CA ILE E 46 -0.85 2.73 40.82
C ILE E 46 -0.60 3.66 39.63
N ARG E 47 -0.91 4.95 39.78
CA ARG E 47 -0.40 5.97 38.87
C ARG E 47 -1.01 5.91 37.46
N ASP E 48 -0.87 4.77 36.78
CA ASP E 48 -1.50 4.60 35.47
C ASP E 48 -2.92 4.07 35.59
N ILE E 49 -3.86 4.99 35.66
CA ILE E 49 -5.27 4.63 35.81
C ILE E 49 -6.01 4.98 34.53
N THR E 50 -6.83 4.03 34.05
CA THR E 50 -7.70 4.27 32.91
C THR E 50 -9.16 4.00 33.30
N VAL E 51 -10.05 4.88 32.84
CA VAL E 51 -11.48 4.70 33.02
C VAL E 51 -12.12 4.30 31.67
N ILE E 52 -12.79 3.14 31.65
CA ILE E 52 -13.60 2.74 30.51
C ILE E 52 -14.98 3.37 30.64
N VAL E 53 -15.30 4.25 29.71
CA VAL E 53 -16.59 4.95 29.72
C VAL E 53 -17.34 4.61 28.44
N SER E 54 -18.57 5.10 28.33
CA SER E 54 -19.31 5.03 27.09
C SER E 54 -19.32 6.41 26.45
N SER E 55 -18.76 6.48 25.24
CA SER E 55 -19.03 7.58 24.35
C SER E 55 -20.51 7.58 24.01
N LYS E 56 -21.10 8.77 23.87
CA LYS E 56 -20.97 9.87 24.83
C LYS E 56 -21.87 9.47 25.99
N ASN E 57 -21.32 9.37 27.20
CA ASN E 57 -20.69 10.49 27.90
C ASN E 57 -19.17 10.35 28.04
N LYS E 58 -18.46 10.60 26.95
CA LYS E 58 -17.02 10.41 26.91
C LYS E 58 -16.30 11.43 27.79
N GLU E 59 -17.02 12.42 28.29
CA GLU E 59 -17.53 13.51 27.48
C GLU E 59 -17.05 14.83 28.07
N TYR E 60 -17.83 15.43 28.96
CA TYR E 60 -17.98 15.04 30.38
C TYR E 60 -16.71 14.54 31.12
N PHE E 61 -16.52 13.23 31.21
CA PHE E 61 -15.35 12.66 31.90
C PHE E 61 -14.07 13.43 31.61
N GLU E 62 -13.89 13.83 30.36
CA GLU E 62 -12.75 14.65 29.94
C GLU E 62 -12.74 16.00 30.67
N LYS E 63 -13.87 16.72 30.64
CA LYS E 63 -14.02 17.95 31.40
C LYS E 63 -13.69 17.77 32.89
N LYS E 64 -14.10 16.63 33.46
CA LYS E 64 -14.04 16.43 34.91
C LYS E 64 -12.72 15.83 35.39
N LEU E 65 -12.03 15.14 34.49
CA LEU E 65 -10.80 14.44 34.87
C LEU E 65 -9.65 14.79 33.91
N LYS E 66 -8.64 15.55 34.35
CA LYS E 66 -7.96 15.46 35.65
C LYS E 66 -6.72 14.54 35.56
N GLU E 67 -6.09 14.48 34.39
CA GLU E 67 -4.80 13.78 34.25
C GLU E 67 -4.97 12.24 34.33
N ILE E 68 -6.07 11.73 33.79
CA ILE E 68 -6.39 10.29 33.81
C ILE E 68 -6.87 9.83 32.44
N SER E 69 -6.60 8.58 32.08
CA SER E 69 -6.89 8.10 30.73
C SER E 69 -8.37 7.79 30.58
N ILE E 70 -9.02 8.46 29.63
CA ILE E 70 -10.41 8.17 29.32
C ILE E 70 -10.50 7.44 27.99
N VAL E 71 -11.04 6.22 28.03
CA VAL E 71 -11.13 5.37 26.85
C VAL E 71 -12.54 4.79 26.76
N THR E 72 -13.14 4.87 25.56
CA THR E 72 -14.55 4.50 25.39
C THR E 72 -14.69 3.00 25.22
N GLN E 73 -15.94 2.54 25.19
CA GLN E 73 -16.26 1.13 24.96
C GLN E 73 -16.76 0.93 23.53
N LYS E 74 -16.79 -0.31 23.05
CA LYS E 74 -17.58 -0.66 21.84
C LYS E 74 -18.58 -1.83 21.92
N ASP E 75 -19.83 -1.48 22.26
CA ASP E 75 -21.04 -2.15 21.81
C ASP E 75 -21.26 -3.52 22.43
N ASP E 76 -22.49 -3.77 22.85
CA ASP E 76 -22.94 -5.12 23.24
C ASP E 76 -22.17 -5.65 24.43
N GLY E 81 -17.68 -12.94 33.22
CA GLY E 81 -17.53 -12.13 34.42
C GLY E 81 -18.80 -11.41 34.81
N ALA E 82 -19.05 -10.22 34.24
CA ALA E 82 -18.13 -9.53 33.33
C ALA E 82 -18.49 -8.03 33.22
N ALA E 83 -17.87 -7.33 32.25
CA ALA E 83 -18.21 -5.93 31.93
C ALA E 83 -19.00 -5.66 30.64
N ILE E 84 -18.34 -5.42 29.49
CA ILE E 84 -16.94 -5.74 29.15
C ILE E 84 -16.44 -4.66 28.20
N LEU E 85 -15.35 -3.92 28.46
CA LEU E 85 -14.12 -4.16 29.29
C LEU E 85 -12.90 -4.19 28.42
N SER E 86 -13.04 -4.71 27.20
CA SER E 86 -11.91 -4.77 26.27
C SER E 86 -11.27 -3.41 26.14
N ALA E 87 -10.16 -3.20 26.86
CA ALA E 87 -9.38 -1.99 26.78
C ALA E 87 -7.91 -2.25 27.25
N LYS E 88 -7.24 -3.19 26.58
CA LYS E 88 -5.81 -3.44 26.76
C LYS E 88 -5.43 -3.91 28.17
N ASN E 90 -2.01 -6.06 28.78
CA ASN E 90 -0.81 -6.66 28.17
C ASN E 90 -0.15 -7.81 28.95
N ASP E 91 -0.07 -7.68 30.27
CA ASP E 91 0.63 -8.65 31.13
C ASP E 91 -0.27 -8.93 32.33
N GLU E 92 -0.31 -8.00 33.27
CA GLU E 92 -1.39 -7.96 34.27
C GLU E 92 -2.14 -6.63 34.24
N ALA E 93 -3.26 -6.58 34.93
CA ALA E 93 -3.94 -5.31 35.25
C ALA E 93 -4.81 -5.46 36.49
N LEU E 94 -5.14 -4.33 37.11
CA LEU E 94 -6.16 -4.26 38.15
C LEU E 94 -7.47 -3.74 37.56
N ILE E 95 -8.51 -4.57 37.60
CA ILE E 95 -9.83 -4.16 37.13
C ILE E 95 -10.75 -3.91 38.33
N ILE E 96 -11.42 -2.77 38.32
CA ILE E 96 -12.29 -2.38 39.43
C ILE E 96 -13.61 -1.79 38.89
N ASN E 97 -14.73 -2.29 39.40
CA ASN E 97 -16.06 -1.85 38.96
C ASN E 97 -16.32 -0.43 39.39
N GLY E 98 -16.73 0.42 38.45
CA GLY E 98 -16.76 1.86 38.66
C GLY E 98 -17.96 2.34 39.45
N ASP E 99 -18.69 1.39 40.03
CA ASP E 99 -19.85 1.70 40.84
C ASP E 99 -19.66 1.24 42.27
N LEU E 100 -18.41 1.02 42.67
CA LEU E 100 -18.09 0.55 44.01
C LEU E 100 -17.65 1.73 44.86
N PHE E 101 -18.04 1.70 46.13
CA PHE E 101 -17.37 2.46 47.15
C PHE E 101 -16.77 1.51 48.20
N PHE E 102 -15.49 1.69 48.50
CA PHE E 102 -14.81 0.90 49.52
C PHE E 102 -13.95 1.81 50.39
N SER E 103 -13.86 1.48 51.67
CA SER E 103 -13.23 2.37 52.65
C SER E 103 -11.71 2.29 52.63
N ASN E 104 -11.16 1.17 53.05
CA ASN E 104 -9.72 0.96 53.03
C ASN E 104 -9.25 0.49 51.65
N GLU E 105 -7.98 0.73 51.36
CA GLU E 105 -7.36 0.34 50.09
C GLU E 105 -6.40 -0.85 50.27
N LYS E 106 -6.39 -1.43 51.46
CA LYS E 106 -5.32 -2.32 51.88
C LYS E 106 -5.30 -3.61 51.08
N GLU E 107 -6.47 -4.10 50.69
CA GLU E 107 -6.56 -5.37 49.99
C GLU E 107 -6.22 -5.21 48.51
N ILE E 108 -6.45 -4.02 47.97
CA ILE E 108 -6.00 -3.71 46.62
C ILE E 108 -4.48 -3.62 46.59
N CYS E 109 -3.90 -2.93 47.55
CA CYS E 109 -2.45 -2.87 47.71
C CYS E 109 -1.88 -4.28 47.78
N ASN E 110 -2.48 -5.11 48.62
CA ASN E 110 -2.05 -6.49 48.80
C ASN E 110 -2.20 -7.33 47.52
N ILE E 111 -3.30 -7.15 46.81
CA ILE E 111 -3.64 -8.06 45.70
C ILE E 111 -2.73 -7.84 44.49
N ILE E 112 -2.12 -6.67 44.40
CA ILE E 112 -1.34 -6.35 43.20
C ILE E 112 0.09 -6.86 43.30
N THR E 113 0.48 -7.31 44.49
CA THR E 113 1.77 -7.97 44.67
C THR E 113 1.77 -9.37 44.05
N LEU E 114 0.65 -10.08 44.18
CA LEU E 114 0.52 -11.45 43.68
C LEU E 114 0.71 -11.48 42.15
N LYS E 115 1.13 -12.62 41.63
CA LYS E 115 1.27 -12.78 40.18
C LYS E 115 0.30 -13.82 39.62
N GLU E 116 -0.38 -14.56 40.50
CA GLU E 116 -1.57 -15.32 40.13
C GLU E 116 -2.76 -14.38 39.88
N ASN E 117 -3.71 -14.83 39.08
CA ASN E 117 -5.03 -14.20 39.01
C ASN E 117 -5.66 -14.22 40.40
N ALA E 118 -6.12 -13.07 40.86
CA ALA E 118 -6.80 -12.99 42.16
C ALA E 118 -7.94 -11.99 42.11
N ILE E 119 -8.98 -12.28 42.88
CA ILE E 119 -10.14 -11.39 42.99
C ILE E 119 -10.52 -11.21 44.44
N ILE E 120 -11.17 -10.09 44.75
CA ILE E 120 -11.59 -9.82 46.11
C ILE E 120 -13.05 -10.21 46.29
N GLY E 121 -13.31 -10.86 47.42
CA GLY E 121 -14.68 -11.19 47.82
C GLY E 121 -15.04 -10.49 49.10
N VAL E 122 -16.34 -10.37 49.37
CA VAL E 122 -16.83 -9.60 50.50
C VAL E 122 -18.09 -10.23 51.06
N LYS E 123 -18.19 -10.27 52.38
CA LYS E 123 -19.36 -10.85 53.03
C LYS E 123 -20.47 -9.82 53.15
N VAL E 124 -21.70 -10.23 52.83
CA VAL E 124 -22.86 -9.36 52.89
C VAL E 124 -24.04 -10.10 53.52
N SER E 125 -25.04 -9.35 53.96
CA SER E 125 -26.24 -9.93 54.55
C SER E 125 -27.23 -10.45 53.49
N ASN E 126 -27.09 -9.99 52.24
CA ASN E 126 -28.04 -10.34 51.18
C ASN E 126 -27.33 -10.88 49.95
N PRO E 127 -26.76 -12.09 50.05
CA PRO E 127 -25.95 -12.66 48.98
C PRO E 127 -26.77 -13.20 47.81
N LYS E 128 -28.10 -13.24 47.98
CA LYS E 128 -29.00 -13.77 46.97
C LYS E 128 -29.13 -12.81 45.79
N ASP E 129 -28.91 -11.52 46.04
CA ASP E 129 -28.43 -10.59 45.00
C ASP E 129 -26.90 -10.71 44.96
N TYR E 130 -26.28 -10.10 43.94
CA TYR E 130 -24.84 -10.24 43.73
C TYR E 130 -24.42 -11.66 43.34
N GLY E 131 -23.22 -11.78 42.80
CA GLY E 131 -22.64 -13.08 42.46
C GLY E 131 -21.87 -13.70 43.62
N VAL E 132 -22.33 -14.86 44.09
CA VAL E 132 -21.68 -15.57 45.18
C VAL E 132 -20.43 -16.33 44.72
N LEU E 133 -19.33 -16.16 45.46
CA LEU E 133 -18.11 -16.94 45.25
C LEU E 133 -18.21 -18.27 46.00
N VAL E 134 -18.24 -19.37 45.24
CA VAL E 134 -18.02 -20.70 45.83
C VAL E 134 -16.55 -21.04 45.73
N LEU E 135 -15.97 -21.50 46.84
CA LEU E 135 -14.55 -21.79 46.91
C LEU E 135 -14.31 -23.29 46.94
N ASP E 136 -13.10 -23.71 46.56
CA ASP E 136 -12.69 -25.11 46.74
C ASP E 136 -11.98 -25.28 48.08
N ASN E 137 -11.33 -26.44 48.27
CA ASN E 137 -10.39 -26.66 49.39
C ASN E 137 -9.11 -25.83 49.27
N GLN E 138 -8.76 -25.14 50.36
CA GLN E 138 -7.70 -24.12 50.34
C GLN E 138 -8.06 -22.96 49.43
N ASN E 139 -9.35 -22.68 49.33
CA ASN E 139 -9.82 -21.32 49.06
C ASN E 139 -9.29 -20.66 47.79
N ASN E 140 -9.53 -21.28 46.65
CA ASN E 140 -9.46 -20.60 45.35
C ASN E 140 -10.83 -20.62 44.66
N ILE E 144 -18.19 -18.48 40.20
CA ILE E 144 -19.10 -17.41 40.62
C ILE E 144 -20.52 -17.73 40.16
N ILE E 145 -21.39 -18.05 41.11
CA ILE E 145 -22.82 -18.23 40.79
C ILE E 145 -23.56 -16.90 40.85
N GLU E 146 -24.28 -16.56 39.79
CA GLU E 146 -25.07 -15.33 39.77
C GLU E 146 -26.42 -15.52 40.48
N LYS E 147 -26.73 -14.62 41.41
CA LYS E 147 -28.02 -14.59 42.12
C LYS E 147 -28.64 -15.97 42.37
N PRO E 148 -28.04 -16.73 43.30
CA PRO E 148 -28.31 -18.17 43.36
C PRO E 148 -29.65 -18.60 43.96
N GLU E 149 -30.28 -17.75 44.75
CA GLU E 149 -31.54 -18.13 45.45
C GLU E 149 -31.30 -19.13 46.58
N ILE E 150 -30.39 -20.08 46.35
CA ILE E 150 -29.97 -21.02 47.38
C ILE E 150 -28.49 -20.77 47.69
N PRO E 151 -28.19 -19.69 48.42
CA PRO E 151 -26.83 -19.17 48.47
C PRO E 151 -25.91 -20.06 49.31
N PRO E 152 -24.89 -20.67 48.69
CA PRO E 152 -23.93 -21.53 49.40
C PRO E 152 -23.25 -20.86 50.59
N SER E 153 -22.89 -19.58 50.44
CA SER E 153 -22.28 -18.83 51.54
C SER E 153 -22.66 -17.35 51.43
N ASN E 154 -22.13 -16.55 52.36
CA ASN E 154 -22.36 -15.10 52.36
C ASN E 154 -21.28 -14.33 51.61
N LEU E 155 -20.29 -15.04 51.07
CA LEU E 155 -19.13 -14.43 50.45
C LEU E 155 -19.41 -14.16 48.96
N ILE E 156 -19.48 -12.89 48.57
CA ILE E 156 -19.86 -12.49 47.21
C ILE E 156 -18.73 -11.73 46.50
N ASN E 157 -18.90 -11.55 45.19
CA ASN E 157 -17.89 -10.90 44.36
C ASN E 157 -17.84 -9.40 44.62
N ALA E 158 -16.72 -8.92 45.18
CA ALA E 158 -16.58 -7.52 45.54
C ALA E 158 -16.28 -6.60 44.35
N GLY E 159 -15.98 -7.19 43.20
CA GLY E 159 -15.83 -6.41 41.97
C GLY E 159 -14.48 -5.74 41.80
N ILE E 160 -13.50 -6.14 42.64
CA ILE E 160 -12.10 -5.81 42.39
C ILE E 160 -11.38 -7.06 41.91
N TYR E 161 -10.83 -7.01 40.70
CA TYR E 161 -10.08 -8.11 40.11
C TYR E 161 -8.62 -7.73 39.84
N LYS E 162 -7.71 -8.67 40.04
CA LYS E 162 -6.39 -8.64 39.42
C LYS E 162 -6.24 -9.78 38.40
N LEU E 163 -6.03 -9.43 37.14
CA LEU E 163 -6.17 -10.41 36.05
C LEU E 163 -5.05 -10.29 35.02
N ASN E 164 -4.67 -11.43 34.45
CA ASN E 164 -3.63 -11.52 33.42
C ASN E 164 -4.28 -11.58 31.99
N SER E 165 -4.95 -12.71 31.71
CA SER E 165 -5.43 -13.12 30.38
C SER E 165 -6.92 -12.77 30.15
N ASP E 166 -7.34 -12.79 28.87
CA ASP E 166 -8.75 -12.68 28.45
C ASP E 166 -9.46 -14.02 28.44
N ILE E 167 -10.72 -13.98 27.99
CA ILE E 167 -11.40 -15.15 27.39
C ILE E 167 -12.56 -14.67 26.50
N PHE E 168 -13.01 -15.55 25.60
CA PHE E 168 -13.74 -15.16 24.41
C PHE E 168 -15.05 -15.95 24.20
N THR E 169 -15.30 -16.93 25.07
CA THR E 169 -16.65 -17.44 25.28
C THR E 169 -17.61 -16.33 25.73
N ASP E 194 -10.20 -23.73 35.38
CA ASP E 194 -9.79 -23.34 36.72
C ASP E 194 -8.25 -23.34 36.85
N HIS E 195 -7.63 -22.29 36.30
CA HIS E 195 -6.31 -21.85 36.75
C HIS E 195 -6.50 -21.54 38.23
N ARG E 196 -5.40 -21.50 38.97
CA ARG E 196 -5.44 -21.15 40.38
C ARG E 196 -5.78 -19.66 40.51
N VAL E 197 -6.95 -19.37 41.06
CA VAL E 197 -7.45 -17.99 41.14
C VAL E 197 -7.77 -17.67 42.61
N LYS E 198 -7.01 -16.73 43.18
CA LYS E 198 -6.99 -16.53 44.63
C LYS E 198 -8.12 -15.61 45.03
N VAL E 199 -8.76 -15.92 46.16
CA VAL E 199 -9.85 -15.10 46.69
C VAL E 199 -9.43 -14.49 48.01
N ILE E 200 -9.20 -13.19 48.00
CA ILE E 200 -8.92 -12.53 49.25
C ILE E 200 -10.14 -11.77 49.82
N GLU E 201 -10.43 -12.05 51.09
CA GLU E 201 -11.63 -11.52 51.74
C GLU E 201 -11.41 -10.07 52.12
N TYR E 202 -12.41 -9.23 51.85
CA TYR E 202 -12.32 -7.80 52.11
C TYR E 202 -12.69 -7.50 53.55
N GLU E 203 -12.05 -6.50 54.14
CA GLU E 203 -12.22 -6.21 55.56
C GLU E 203 -13.29 -5.16 55.81
N GLY E 204 -13.11 -3.98 55.20
CA GLY E 204 -13.76 -2.76 55.70
C GLY E 204 -15.20 -2.55 55.25
N TYR E 205 -15.54 -1.31 54.92
CA TYR E 205 -16.86 -0.96 54.41
C TYR E 205 -16.92 -1.10 52.90
N TRP E 206 -18.00 -1.70 52.44
CA TRP E 206 -18.19 -1.99 51.02
C TRP E 206 -19.63 -1.68 50.62
N MET E 207 -19.80 -1.06 49.45
CA MET E 207 -21.12 -0.76 48.92
C MET E 207 -21.02 -0.51 47.43
N ASP E 208 -21.89 -1.17 46.65
CA ASP E 208 -22.12 -0.75 45.28
C ASP E 208 -23.28 0.22 45.22
N ILE E 209 -23.18 1.19 44.32
CA ILE E 209 -24.22 2.21 44.17
C ILE E 209 -25.09 1.85 42.97
N GLY E 210 -25.98 0.88 43.17
CA GLY E 210 -26.89 0.42 42.13
C GLY E 210 -28.22 1.15 42.09
N LYS E 211 -28.90 1.18 43.23
CA LYS E 211 -30.18 1.86 43.33
C LYS E 211 -30.08 3.18 44.12
N PRO E 212 -31.02 4.11 43.88
CA PRO E 212 -30.85 5.52 44.30
C PRO E 212 -30.64 5.69 45.80
N TRP E 213 -31.25 4.82 46.58
CA TRP E 213 -31.19 4.95 48.02
C TRP E 213 -29.82 4.58 48.57
N ASN E 214 -29.00 3.93 47.74
CA ASN E 214 -27.61 3.70 48.09
C ASN E 214 -26.79 4.98 48.10
N ILE E 215 -27.24 6.00 47.36
CA ILE E 215 -26.64 7.32 47.48
C ILE E 215 -26.74 7.82 48.92
N ILE E 216 -27.87 7.55 49.56
CA ILE E 216 -28.03 7.90 50.96
C ILE E 216 -27.09 7.06 51.80
N ASP E 217 -27.10 5.75 51.56
CA ASP E 217 -26.29 4.80 52.33
C ASP E 217 -24.83 5.23 52.45
N VAL E 218 -24.12 5.34 51.33
CA VAL E 218 -22.70 5.70 51.39
C VAL E 218 -22.45 7.08 52.00
N ASN E 219 -23.33 8.03 51.72
CA ASN E 219 -23.16 9.38 52.23
C ASN E 219 -23.31 9.44 53.75
N LYS E 220 -24.20 8.62 54.30
CA LYS E 220 -24.29 8.47 55.75
C LYS E 220 -22.98 7.93 56.29
N TRP E 221 -22.50 6.86 55.67
CA TRP E 221 -21.27 6.24 56.11
C TRP E 221 -20.12 7.24 56.05
N ALA E 222 -20.00 7.95 54.93
CA ALA E 222 -18.91 8.90 54.75
C ALA E 222 -18.94 9.96 55.83
N LEU E 223 -20.13 10.46 56.13
CA LEU E 223 -20.30 11.48 57.15
C LEU E 223 -19.92 10.94 58.52
N ASP E 224 -20.12 9.64 58.73
CA ASP E 224 -19.80 9.00 60.00
C ASP E 224 -18.32 8.71 60.17
N ASN E 225 -17.59 8.57 59.07
CA ASN E 225 -16.27 7.92 59.10
C ASN E 225 -15.12 8.75 58.51
N LEU E 226 -15.42 9.56 57.49
CA LEU E 226 -14.37 10.21 56.70
C LEU E 226 -14.15 11.68 57.07
N VAL E 227 -15.06 12.27 57.84
CA VAL E 227 -14.95 13.69 58.18
C VAL E 227 -15.35 13.95 59.63
N PHE E 228 -14.92 15.10 60.14
CA PHE E 228 -14.99 15.38 61.57
C PHE E 228 -15.41 16.81 61.84
N SER E 229 -16.07 17.02 62.98
CA SER E 229 -16.59 18.33 63.36
C SER E 229 -15.59 19.43 63.01
N GLN E 230 -16.01 20.38 62.19
CA GLN E 230 -15.23 21.60 61.94
C GLN E 230 -16.12 22.71 61.40
N ASN E 231 -15.58 23.92 61.33
CA ASN E 231 -16.32 25.07 60.84
C ASN E 231 -15.42 26.08 60.13
N LEU E 232 -15.27 25.90 58.82
CA LEU E 232 -14.53 26.85 58.00
C LEU E 232 -15.43 27.96 57.47
N GLY E 233 -16.68 28.01 57.90
CA GLY E 233 -17.65 28.98 57.39
C GLY E 233 -18.02 30.01 58.43
N ASN E 234 -19.19 30.62 58.25
CA ASN E 234 -19.69 31.63 59.17
C ASN E 234 -21.04 31.27 59.80
N VAL E 235 -21.12 31.39 61.12
CA VAL E 235 -22.35 31.10 61.87
C VAL E 235 -22.75 32.32 62.69
N GLU E 236 -24.00 32.74 62.55
CA GLU E 236 -24.53 33.87 63.34
C GLU E 236 -24.92 33.43 64.76
N ASP E 237 -25.36 34.38 65.56
CA ASP E 237 -25.86 34.09 66.90
C ASP E 237 -27.20 33.35 66.84
N ASN E 238 -27.65 32.85 67.98
CA ASN E 238 -28.82 31.99 68.07
C ASN E 238 -28.85 30.96 66.97
N VAL E 239 -27.72 30.30 66.78
CA VAL E 239 -27.70 29.07 66.02
C VAL E 239 -27.32 27.98 67.01
N LYS E 240 -28.18 26.98 67.16
CA LYS E 240 -27.86 25.80 67.95
C LYS E 240 -27.20 24.70 67.11
N ILE E 241 -26.12 24.14 67.60
CA ILE E 241 -25.41 23.07 66.88
C ILE E 241 -25.10 21.92 67.83
N LYS E 242 -25.47 20.71 67.43
CA LYS E 242 -25.23 19.52 68.25
C LYS E 242 -24.65 18.43 67.39
N GLY E 243 -23.79 17.61 67.99
CA GLY E 243 -23.22 16.47 67.29
C GLY E 243 -22.25 16.86 66.19
N LYS E 244 -21.91 15.88 65.36
CA LYS E 244 -20.94 16.09 64.30
C LYS E 244 -21.51 17.02 63.24
N VAL E 245 -20.91 18.19 63.09
CA VAL E 245 -21.35 19.12 62.07
C VAL E 245 -20.16 19.68 61.31
N ILE E 246 -20.16 19.48 60.00
CA ILE E 246 -19.09 19.97 59.13
C ILE E 246 -19.62 21.17 58.36
N ILE E 247 -19.00 22.32 58.57
CA ILE E 247 -19.35 23.52 57.84
C ILE E 247 -18.17 23.95 56.98
N GLU E 248 -18.30 23.77 55.66
CA GLU E 248 -17.24 24.08 54.73
C GLU E 248 -17.19 25.58 54.46
N GLU E 249 -16.21 26.01 53.68
CA GLU E 249 -15.88 27.43 53.61
C GLU E 249 -16.92 28.20 52.80
N ASP E 250 -17.03 29.50 53.08
CA ASP E 250 -18.01 30.37 52.44
C ASP E 250 -19.46 29.98 52.71
N ALA E 251 -19.69 29.15 53.72
CA ALA E 251 -21.05 28.72 54.05
C ALA E 251 -21.58 29.63 55.14
N GLU E 252 -22.74 30.22 54.89
CA GLU E 252 -23.38 31.11 55.86
C GLU E 252 -24.49 30.33 56.55
N ILE E 253 -24.58 30.49 57.86
CA ILE E 253 -25.67 29.91 58.64
C ILE E 253 -26.30 30.97 59.55
N LYS E 254 -27.56 31.28 59.30
CA LYS E 254 -28.21 32.45 59.91
C LYS E 254 -29.00 32.10 61.17
N SER E 255 -29.27 33.13 61.96
CA SER E 255 -29.86 32.97 63.29
C SER E 255 -31.17 32.21 63.23
N GLY E 256 -31.42 31.41 64.28
CA GLY E 256 -32.64 30.64 64.40
C GLY E 256 -32.48 29.21 63.93
N THR E 257 -31.42 28.99 63.14
CA THR E 257 -31.17 27.68 62.61
C THR E 257 -30.83 26.74 63.76
N TYR E 258 -31.24 25.49 63.60
CA TYR E 258 -31.06 24.48 64.62
C TYR E 258 -30.58 23.20 63.94
N ILE E 259 -29.42 22.71 64.36
CA ILE E 259 -28.73 21.64 63.62
C ILE E 259 -28.43 20.47 64.54
N GLU E 260 -28.95 19.30 64.20
CA GLU E 260 -28.75 18.10 64.99
C GLU E 260 -27.99 17.11 64.12
N GLY E 261 -26.75 16.83 64.51
CA GLY E 261 -25.84 16.06 63.69
C GLY E 261 -26.11 14.57 63.74
N PRO E 262 -25.45 13.82 62.88
CA PRO E 262 -24.42 14.37 61.99
C PRO E 262 -24.95 15.10 60.76
N VAL E 263 -24.40 16.28 60.47
CA VAL E 263 -24.80 17.06 59.30
C VAL E 263 -23.56 17.49 58.52
N TYR E 264 -23.67 17.50 57.19
CA TYR E 264 -22.62 18.03 56.33
C TYR E 264 -23.17 19.20 55.53
N ILE E 265 -22.58 20.38 55.73
CA ILE E 265 -22.98 21.56 54.98
C ILE E 265 -21.88 21.97 54.04
N GLY E 266 -22.10 21.78 52.74
CA GLY E 266 -21.07 21.96 51.74
C GLY E 266 -20.76 23.42 51.44
N LYS E 267 -19.67 23.61 50.70
CA LYS E 267 -19.11 24.95 50.52
C LYS E 267 -20.10 25.85 49.81
N GLY E 268 -20.16 27.10 50.25
CA GLY E 268 -20.95 28.13 49.57
C GLY E 268 -22.43 28.09 49.93
N SER E 269 -22.82 27.20 50.82
CA SER E 269 -24.22 27.02 51.16
C SER E 269 -24.74 28.18 52.02
N GLU E 270 -26.06 28.41 51.97
CA GLU E 270 -26.68 29.49 52.72
C GLU E 270 -27.86 28.93 53.49
N ILE E 271 -27.68 28.75 54.79
CA ILE E 271 -28.72 28.18 55.65
C ILE E 271 -29.41 29.23 56.50
N GLY E 272 -30.69 29.02 56.78
CA GLY E 272 -31.45 29.95 57.61
C GLY E 272 -31.92 31.18 56.86
N PRO E 273 -32.60 32.09 57.55
CA PRO E 273 -32.86 31.99 58.98
C PRO E 273 -33.87 30.91 59.34
N ASN E 274 -33.87 30.51 60.60
CA ASN E 274 -34.85 29.57 61.13
C ASN E 274 -35.02 28.32 60.25
N SER E 275 -33.89 27.72 59.86
CA SER E 275 -33.92 26.41 59.23
C SER E 275 -33.70 25.33 60.29
N TYR E 276 -33.89 24.08 59.90
CA TYR E 276 -33.73 22.97 60.82
C TYR E 276 -33.11 21.79 60.09
N LEU E 277 -31.81 21.56 60.30
CA LEU E 277 -31.13 20.41 59.69
C LEU E 277 -30.97 19.27 60.68
N ARG E 278 -31.55 18.12 60.33
CA ARG E 278 -31.53 16.96 61.21
C ARG E 278 -30.53 15.91 60.75
N PRO E 279 -30.35 14.85 61.55
CA PRO E 279 -29.24 13.96 61.29
C PRO E 279 -29.22 13.39 59.88
N TYR E 280 -28.01 13.34 59.31
CA TYR E 280 -27.75 12.81 57.97
C TYR E 280 -28.30 13.69 56.85
N THR E 281 -28.44 14.98 57.15
CA THR E 281 -28.59 15.97 56.11
C THR E 281 -27.25 16.15 55.44
N ILE E 282 -27.18 15.89 54.15
CA ILE E 282 -25.97 16.20 53.37
C ILE E 282 -26.26 17.20 52.26
N LEU E 283 -25.72 18.40 52.41
CA LEU E 283 -25.79 19.41 51.39
C LEU E 283 -24.43 19.50 50.70
N VAL E 284 -24.33 19.00 49.47
CA VAL E 284 -23.01 18.73 48.88
C VAL E 284 -22.26 20.00 48.47
N GLU E 285 -22.98 20.99 47.95
CA GLU E 285 -22.35 22.23 47.51
C GLU E 285 -23.37 23.32 47.21
N LYS E 286 -23.10 24.53 47.67
CA LYS E 286 -23.82 25.73 47.25
C LYS E 286 -25.34 25.57 47.35
N ASN E 287 -25.80 24.99 48.46
CA ASN E 287 -27.22 24.78 48.63
C ASN E 287 -27.87 25.91 49.40
N LYS E 288 -29.08 26.28 49.00
CA LYS E 288 -29.92 27.23 49.74
C LYS E 288 -30.97 26.47 50.57
N ILE E 289 -30.91 26.60 51.89
CA ILE E 289 -31.99 26.17 52.76
C ILE E 289 -32.51 27.36 53.52
N GLY E 290 -33.83 27.49 53.56
CA GLY E 290 -34.46 28.75 53.95
C GLY E 290 -35.33 28.65 55.19
N ALA E 291 -36.12 29.70 55.41
CA ALA E 291 -36.97 29.80 56.59
C ALA E 291 -38.04 28.74 56.59
N SER E 292 -38.25 28.14 57.76
CA SER E 292 -39.25 27.11 57.95
C SER E 292 -39.04 25.97 57.00
N VAL E 293 -37.78 25.64 56.75
CA VAL E 293 -37.45 24.46 55.98
C VAL E 293 -36.73 23.46 56.88
N GLU E 294 -37.11 22.19 56.74
CA GLU E 294 -36.53 21.11 57.54
C GLU E 294 -35.99 20.00 56.64
N VAL E 295 -34.73 19.65 56.83
CA VAL E 295 -34.12 18.57 56.06
C VAL E 295 -33.75 17.43 56.98
N LYS E 296 -33.83 16.21 56.47
CA LYS E 296 -33.50 15.03 57.28
C LYS E 296 -33.03 13.90 56.37
N GLU E 297 -31.92 13.27 56.76
CA GLU E 297 -31.41 12.07 56.11
C GLU E 297 -31.63 12.14 54.61
N SER E 298 -31.09 13.18 54.00
CA SER E 298 -31.27 13.42 52.59
C SER E 298 -29.95 13.89 52.00
N VAL E 299 -29.72 13.54 50.75
CA VAL E 299 -28.60 14.08 50.00
C VAL E 299 -29.11 15.10 49.00
N ILE E 300 -28.60 16.32 49.08
CA ILE E 300 -29.07 17.41 48.26
C ILE E 300 -27.90 17.99 47.49
N MET E 301 -27.91 17.82 46.17
CA MET E 301 -26.70 17.98 45.38
C MET E 301 -26.53 19.42 44.91
N GLU E 302 -25.54 19.63 44.05
CA GLU E 302 -24.94 20.94 43.80
C GLU E 302 -25.99 21.97 43.40
N GLY E 303 -26.07 23.04 44.16
CA GLY E 303 -26.74 24.24 43.69
C GLY E 303 -28.24 24.18 43.83
N SER E 304 -28.74 23.11 44.42
CA SER E 304 -30.18 22.99 44.63
C SER E 304 -30.69 23.86 45.79
N LYS E 305 -31.93 24.34 45.68
CA LYS E 305 -32.47 25.30 46.62
C LYS E 305 -33.83 24.89 47.18
N ILE E 306 -33.97 24.96 48.50
CA ILE E 306 -35.24 24.71 49.19
C ILE E 306 -35.52 25.92 50.07
N PRO E 307 -36.11 26.96 49.48
CA PRO E 307 -36.11 28.27 50.16
C PRO E 307 -37.21 28.55 51.20
N HIS E 308 -38.38 27.90 51.09
CA HIS E 308 -39.49 28.18 52.02
C HIS E 308 -40.37 27.00 52.37
N LEU E 309 -40.68 26.87 53.66
CA LEU E 309 -41.85 26.14 54.11
C LEU E 309 -41.93 24.72 53.55
N SER E 310 -40.86 23.95 53.73
CA SER E 310 -40.77 22.62 53.14
C SER E 310 -40.19 21.64 54.15
N TYR E 311 -40.53 20.38 53.98
CA TYR E 311 -39.84 19.29 54.64
C TYR E 311 -39.32 18.26 53.63
N VAL E 312 -38.02 18.01 53.67
CA VAL E 312 -37.40 17.00 52.83
C VAL E 312 -36.80 15.92 53.71
N GLY E 313 -37.35 14.72 53.63
CA GLY E 313 -36.90 13.60 54.45
C GLY E 313 -36.55 12.39 53.63
N ASP E 314 -35.45 11.74 54.00
CA ASP E 314 -35.09 10.46 53.41
C ASP E 314 -35.14 10.52 51.88
N SER E 315 -34.58 11.57 51.30
CA SER E 315 -34.68 11.81 49.86
C SER E 315 -33.30 12.06 49.22
N VAL E 316 -33.25 11.94 47.90
CA VAL E 316 -32.08 12.34 47.14
C VAL E 316 -32.53 13.36 46.10
N ILE E 317 -32.00 14.57 46.20
CA ILE E 317 -32.35 15.65 45.29
C ILE E 317 -31.10 16.04 44.54
N ALA E 318 -31.15 15.92 43.22
CA ALA E 318 -29.97 16.10 42.38
C ALA E 318 -29.77 17.58 42.12
N GLU E 319 -28.93 17.90 41.14
CA GLU E 319 -28.31 19.22 41.05
C GLU E 319 -29.27 20.28 40.49
N ASP E 320 -29.04 21.54 40.85
CA ASP E 320 -29.80 22.66 40.31
C ASP E 320 -31.30 22.38 40.32
N VAL E 321 -31.80 21.82 41.41
CA VAL E 321 -33.23 21.73 41.63
C VAL E 321 -33.77 22.96 42.38
N ASN E 322 -35.04 23.27 42.14
CA ASN E 322 -35.74 24.30 42.91
C ASN E 322 -37.09 23.81 43.40
N PHE E 323 -37.24 23.72 44.72
CA PHE E 323 -38.54 23.49 45.34
C PHE E 323 -39.28 24.81 45.57
N GLY E 324 -40.50 24.90 45.04
CA GLY E 324 -41.39 26.03 45.33
C GLY E 324 -41.84 26.03 46.78
N ALA E 325 -42.17 27.20 47.32
CA ALA E 325 -42.67 27.31 48.69
C ALA E 325 -43.77 26.30 48.95
N GLY E 326 -43.69 25.60 50.07
CA GLY E 326 -44.71 24.64 50.44
C GLY E 326 -44.59 23.25 49.83
N THR E 327 -43.53 23.00 49.06
CA THR E 327 -43.28 21.66 48.51
C THR E 327 -42.96 20.68 49.65
N LEU E 328 -43.68 19.57 49.70
CA LEU E 328 -43.51 18.59 50.79
C LEU E 328 -43.34 17.18 50.26
N ILE E 329 -42.51 16.42 50.97
CA ILE E 329 -42.21 15.05 50.58
C ILE E 329 -42.68 14.13 51.68
N ALA E 330 -43.54 13.19 51.30
CA ALA E 330 -43.96 12.11 52.19
C ALA E 330 -42.91 11.02 52.19
N ASN E 331 -42.59 10.48 53.35
CA ASN E 331 -41.52 9.48 53.47
C ASN E 331 -41.94 8.21 54.20
N LEU E 332 -43.20 8.14 54.60
CA LEU E 332 -43.72 6.99 55.32
C LEU E 332 -45.03 6.60 54.68
N ARG E 333 -45.26 5.30 54.54
CA ARG E 333 -46.53 4.78 54.08
C ARG E 333 -47.49 4.60 55.24
N PHE E 334 -48.79 4.67 54.94
CA PHE E 334 -49.86 4.17 55.80
C PHE E 334 -49.67 2.69 55.68
N ASP E 335 -49.52 2.05 56.81
CA ASP E 335 -49.22 0.64 56.93
C ASP E 335 -47.80 0.42 57.37
N GLU E 336 -46.92 1.39 57.10
CA GLU E 336 -45.56 1.35 57.60
C GLU E 336 -44.74 0.21 56.99
N LYS E 337 -45.25 -0.39 55.92
CA LYS E 337 -44.46 -1.33 55.14
C LYS E 337 -43.38 -0.57 54.39
N GLU E 338 -42.38 -1.32 53.93
CA GLU E 338 -41.23 -0.75 53.26
C GLU E 338 -41.70 -0.07 51.98
N VAL E 339 -41.08 1.06 51.68
CA VAL E 339 -41.47 1.86 50.53
C VAL E 339 -40.93 1.18 49.30
N LYS E 340 -41.75 1.12 48.26
CA LYS E 340 -41.33 0.50 47.01
C LYS E 340 -41.02 1.56 45.96
N VAL E 341 -40.11 1.19 45.05
CA VAL E 341 -39.63 2.09 44.01
C VAL E 341 -39.57 1.32 42.71
N ASN E 342 -39.96 1.96 41.62
CA ASN E 342 -39.79 1.37 40.29
C ASN E 342 -38.34 1.54 39.86
N VAL E 343 -37.69 0.40 39.57
CA VAL E 343 -36.31 0.40 39.11
C VAL E 343 -36.25 -0.47 37.85
N LYS E 344 -35.88 0.15 36.73
CA LYS E 344 -36.05 -0.45 35.41
C LYS E 344 -37.43 -1.06 35.23
N GLY E 345 -38.48 -0.30 35.51
CA GLY E 345 -39.85 -0.73 35.22
C GLY E 345 -40.33 -1.86 36.12
N LYS E 346 -39.50 -2.25 37.07
CA LYS E 346 -39.86 -3.26 38.06
C LYS E 346 -40.07 -2.63 39.45
N ARG E 347 -41.18 -2.97 40.08
CA ARG E 347 -41.56 -2.45 41.38
C ARG E 347 -40.90 -3.29 42.47
N ILE E 348 -40.13 -2.63 43.32
CA ILE E 348 -39.06 -3.27 44.09
C ILE E 348 -39.04 -2.62 45.46
N SER E 349 -38.86 -3.42 46.51
CA SER E 349 -38.75 -2.85 47.84
C SER E 349 -37.39 -2.18 48.01
N SER E 350 -37.38 -1.04 48.69
CA SER E 350 -36.17 -0.27 48.97
C SER E 350 -35.50 -0.74 50.26
N GLY E 351 -36.17 -1.66 50.96
CA GLY E 351 -35.69 -2.10 52.27
C GLY E 351 -35.78 -1.04 53.34
N ARG E 352 -36.42 0.08 53.03
CA ARG E 352 -36.53 1.21 53.96
C ARG E 352 -37.99 1.38 54.38
N ARG E 353 -38.23 1.47 55.69
CA ARG E 353 -39.55 1.84 56.20
C ARG E 353 -39.86 3.31 55.90
N LYS E 354 -38.82 4.13 55.93
CA LYS E 354 -38.93 5.54 55.64
C LYS E 354 -38.08 5.89 54.43
N LEU E 355 -38.75 6.21 53.32
CA LEU E 355 -38.07 6.68 52.12
C LEU E 355 -38.89 7.76 51.42
N GLY E 356 -38.23 8.84 51.01
CA GLY E 356 -38.90 9.99 50.41
C GLY E 356 -38.90 9.88 48.91
N ALA E 357 -38.39 10.92 48.25
CA ALA E 357 -38.38 10.98 46.79
C ALA E 357 -36.96 11.01 46.22
N PHE E 358 -36.84 10.67 44.94
CA PHE E 358 -35.63 10.92 44.18
C PHE E 358 -35.91 11.91 43.06
N ILE E 359 -35.38 13.13 43.19
CA ILE E 359 -35.64 14.23 42.25
C ILE E 359 -34.45 14.43 41.31
N GLY E 360 -34.73 14.46 40.01
CA GLY E 360 -33.67 14.58 39.01
C GLY E 360 -33.19 16.00 38.90
N GLY E 361 -32.08 16.17 38.18
CA GLY E 361 -31.46 17.49 38.04
C GLY E 361 -32.36 18.47 37.34
N HIS E 362 -32.27 19.74 37.75
CA HIS E 362 -32.94 20.84 37.07
C HIS E 362 -34.47 20.78 37.16
N VAL E 363 -34.98 19.98 38.09
CA VAL E 363 -36.40 19.96 38.36
C VAL E 363 -36.81 21.26 39.02
N ARG E 364 -37.99 21.77 38.65
CA ARG E 364 -38.63 22.80 39.45
C ARG E 364 -40.02 22.34 39.91
N THR E 365 -40.29 22.46 41.21
CA THR E 365 -41.65 22.29 41.72
C THR E 365 -42.29 23.66 41.94
N GLY E 366 -43.57 23.77 41.58
CA GLY E 366 -44.37 24.94 41.96
C GLY E 366 -44.63 24.98 43.46
N ILE E 367 -45.24 26.06 43.92
CA ILE E 367 -45.67 26.14 45.31
C ILE E 367 -46.70 25.07 45.64
N ASN E 368 -46.70 24.63 46.90
CA ASN E 368 -47.70 23.72 47.44
C ASN E 368 -47.75 22.38 46.72
N VAL E 369 -46.62 21.98 46.16
CA VAL E 369 -46.49 20.66 45.57
C VAL E 369 -46.39 19.59 46.66
N THR E 370 -46.86 18.40 46.34
CA THR E 370 -47.00 17.31 47.30
C THR E 370 -46.50 16.03 46.65
N ILE E 371 -45.42 15.45 47.18
CA ILE E 371 -44.78 14.30 46.54
C ILE E 371 -44.83 13.06 47.44
N LEU E 372 -45.19 11.91 46.86
CA LEU E 372 -45.46 10.71 47.65
C LEU E 372 -44.24 9.81 47.75
N PRO E 373 -44.27 8.83 48.69
CA PRO E 373 -43.06 8.07 49.00
C PRO E 373 -42.61 7.24 47.83
N GLY E 374 -41.30 7.13 47.63
CA GLY E 374 -40.76 6.23 46.61
C GLY E 374 -40.72 6.84 45.22
N VAL E 375 -41.37 7.99 45.06
CA VAL E 375 -41.61 8.58 43.75
C VAL E 375 -40.29 9.00 43.11
N LYS E 376 -40.18 8.78 41.80
CA LYS E 376 -39.05 9.29 41.04
C LYS E 376 -39.53 10.41 40.12
N ILE E 377 -38.83 11.55 40.17
CA ILE E 377 -39.16 12.67 39.28
C ILE E 377 -37.99 12.96 38.34
N GLY E 378 -38.26 12.93 37.04
CA GLY E 378 -37.20 12.95 36.04
C GLY E 378 -36.56 14.31 35.95
N ALA E 379 -35.27 14.32 35.65
CA ALA E 379 -34.56 15.53 35.30
C ALA E 379 -35.43 16.44 34.43
N TYR E 380 -35.35 17.74 34.70
CA TYR E 380 -35.94 18.78 33.85
C TYR E 380 -37.46 18.82 33.90
N ALA E 381 -38.07 17.97 34.74
CA ALA E 381 -39.51 18.03 34.99
C ALA E 381 -39.94 19.35 35.64
N ARG E 382 -41.20 19.70 35.43
CA ARG E 382 -41.83 20.82 36.12
C ARG E 382 -43.12 20.29 36.74
N ILE E 383 -43.29 20.53 38.03
CA ILE E 383 -44.53 20.14 38.72
C ILE E 383 -45.41 21.35 38.97
N TYR E 384 -46.62 21.33 38.41
CA TYR E 384 -47.52 22.47 38.50
C TYR E 384 -47.88 22.73 39.97
N PRO E 385 -48.06 24.00 40.33
CA PRO E 385 -48.53 24.32 41.66
C PRO E 385 -49.72 23.45 42.09
N GLY E 386 -49.67 22.97 43.32
CA GLY E 386 -50.80 22.28 43.92
C GLY E 386 -50.84 20.81 43.53
N ALA E 387 -50.01 20.41 42.59
CA ALA E 387 -50.04 19.04 42.11
C ALA E 387 -49.80 18.08 43.26
N VAL E 388 -50.47 16.94 43.21
CA VAL E 388 -50.06 15.77 44.00
C VAL E 388 -49.35 14.75 43.11
N VAL E 389 -48.03 14.62 43.29
CA VAL E 389 -47.24 13.67 42.52
C VAL E 389 -47.31 12.27 43.12
N ASN E 390 -48.12 11.41 42.52
CA ASN E 390 -48.34 10.08 43.04
C ASN E 390 -47.90 9.00 42.04
N ARG E 391 -47.09 9.40 41.08
CA ARG E 391 -46.47 8.46 40.16
C ARG E 391 -45.13 8.99 39.70
N ASP E 392 -44.29 8.11 39.19
CA ASP E 392 -43.03 8.55 38.61
C ASP E 392 -43.33 9.58 37.53
N VAL E 393 -42.39 10.49 37.33
CA VAL E 393 -42.56 11.58 36.39
C VAL E 393 -41.40 11.57 35.40
N GLY E 394 -41.70 11.83 34.14
CA GLY E 394 -40.75 11.61 33.06
C GLY E 394 -39.71 12.71 32.97
N TYR E 395 -38.54 12.36 32.44
CA TYR E 395 -37.61 13.35 31.91
C TYR E 395 -38.38 14.42 31.14
N GLY E 396 -38.27 15.66 31.60
CA GLY E 396 -38.84 16.79 30.85
C GLY E 396 -40.33 16.99 31.01
N GLU E 397 -40.99 16.14 31.81
CA GLU E 397 -42.44 16.13 31.89
C GLU E 397 -42.99 17.37 32.55
N PHE E 398 -44.02 17.96 31.97
CA PHE E 398 -44.78 19.02 32.66
C PHE E 398 -46.01 18.38 33.31
N PHE E 399 -45.84 17.99 34.56
CA PHE E 399 -46.85 17.25 35.31
C PHE E 399 -47.76 18.27 35.97
N LYS E 400 -49.01 18.36 35.50
CA LYS E 400 -49.87 19.46 35.94
C LYS E 400 -51.17 19.04 36.62
N VAL E 401 -51.39 17.74 36.80
CA VAL E 401 -52.48 17.24 37.62
C VAL E 401 -52.30 15.75 37.94
N MET F 1 -15.23 19.14 78.18
CA MET F 1 -14.17 18.46 78.97
C MET F 1 -12.79 18.94 78.54
N LYS F 2 -12.06 19.59 79.45
CA LYS F 2 -10.66 19.95 79.23
C LYS F 2 -9.76 18.71 79.36
N ALA F 3 -8.58 18.78 78.74
CA ALA F 3 -7.58 17.73 78.91
C ALA F 3 -6.17 18.29 78.95
N PHE F 4 -5.32 17.67 79.76
CA PHE F 4 -3.94 18.11 79.94
C PHE F 4 -2.95 16.97 79.70
N ILE F 5 -1.94 17.23 78.87
CA ILE F 5 -0.84 16.30 78.65
C ILE F 5 0.40 16.77 79.39
N LEU F 6 0.89 15.94 80.31
CA LEU F 6 2.03 16.30 81.16
C LEU F 6 3.34 15.93 80.48
N ALA F 7 4.06 16.94 80.00
CA ALA F 7 5.43 16.74 79.52
C ALA F 7 6.21 17.30 80.71
N ALA F 8 7.28 18.01 80.38
CA ALA F 8 7.96 18.93 81.29
C ALA F 8 8.94 18.19 82.20
N GLY F 9 9.17 16.91 81.90
CA GLY F 9 10.12 16.08 82.64
C GLY F 9 11.60 16.40 82.52
N SER F 10 12.13 16.57 81.30
CA SER F 10 13.51 16.20 80.98
C SER F 10 13.76 14.70 81.17
N GLY F 11 13.30 13.96 80.18
CA GLY F 11 13.57 12.54 80.06
C GLY F 11 15.05 12.20 80.05
N GLU F 12 15.63 12.16 81.24
CA GLU F 12 17.06 11.85 81.40
C GLU F 12 17.30 10.39 81.05
N ARG F 13 16.36 9.53 81.43
CA ARG F 13 16.48 8.10 81.17
C ARG F 13 16.46 7.77 79.68
N LEU F 14 15.97 8.69 78.86
CA LEU F 14 15.87 8.49 77.42
C LEU F 14 16.99 9.18 76.63
N GLU F 15 18.02 9.63 77.33
CA GLU F 15 19.23 10.13 76.69
C GLU F 15 19.92 8.98 75.95
N PRO F 16 20.52 9.26 74.79
CA PRO F 16 20.84 10.62 74.33
C PRO F 16 19.76 11.23 73.44
N ILE F 17 18.67 10.50 73.22
CA ILE F 17 17.64 10.98 72.30
C ILE F 17 17.15 12.36 72.73
N THR F 18 17.04 12.56 74.05
CA THR F 18 16.39 13.73 74.63
C THR F 18 17.35 14.90 74.82
N HIS F 19 18.62 14.72 74.44
CA HIS F 19 19.55 15.84 74.35
C HIS F 19 19.04 16.91 73.40
N THR F 20 18.25 16.51 72.41
CA THR F 20 17.91 17.38 71.28
C THR F 20 16.43 17.48 70.98
N ARG F 21 15.61 16.71 71.69
CA ARG F 21 14.17 16.80 71.51
C ARG F 21 13.48 16.41 72.81
N PRO F 22 12.34 17.06 73.11
CA PRO F 22 11.48 16.59 74.16
C PRO F 22 10.96 15.18 73.88
N LYS F 23 10.76 14.39 74.93
CA LYS F 23 10.29 13.03 74.76
C LYS F 23 8.95 13.00 74.00
N ALA F 24 8.23 14.13 74.01
CA ALA F 24 6.95 14.22 73.32
C ALA F 24 7.07 14.06 71.81
N PHE F 25 8.25 14.32 71.26
CA PHE F 25 8.46 14.26 69.82
C PHE F 25 9.37 13.10 69.42
N VAL F 26 9.52 12.13 70.31
CA VAL F 26 10.02 10.82 69.91
C VAL F 26 9.18 10.28 68.76
N PRO F 27 9.82 10.00 67.62
CA PRO F 27 9.07 9.54 66.46
C PRO F 27 8.62 8.09 66.61
N ILE F 28 7.34 7.85 66.36
CA ILE F 28 6.83 6.53 66.11
C ILE F 28 6.34 6.47 64.69
N LEU F 29 7.12 5.80 63.85
CA LEU F 29 7.02 5.96 62.41
C LEU F 29 7.13 7.44 62.05
N SER F 30 6.20 7.97 61.26
CA SER F 30 6.29 9.35 60.78
C SER F 30 5.85 10.38 61.81
N LYS F 31 5.12 9.94 62.83
CA LYS F 31 4.43 10.86 63.74
C LYS F 31 5.08 10.85 65.13
N PRO F 32 5.16 12.04 65.76
CA PRO F 32 5.70 12.15 67.12
C PRO F 32 4.73 11.60 68.16
N LEU F 33 5.28 11.12 69.26
CA LEU F 33 4.49 10.48 70.31
C LEU F 33 3.25 11.30 70.67
N ILE F 34 3.42 12.61 70.85
CA ILE F 34 2.34 13.45 71.36
C ILE F 34 1.18 13.55 70.37
N GLU F 35 1.47 13.45 69.08
CA GLU F 35 0.44 13.51 68.04
C GLU F 35 -0.51 12.33 68.13
N TYR F 36 0.01 11.15 68.44
CA TYR F 36 -0.84 9.99 68.69
C TYR F 36 -1.78 10.24 69.87
N GLN F 37 -1.28 10.93 70.89
CA GLN F 37 -2.06 11.23 72.08
C GLN F 37 -3.21 12.19 71.73
N ILE F 38 -2.86 13.34 71.17
CA ILE F 38 -3.83 14.31 70.68
C ILE F 38 -4.85 13.66 69.74
N GLU F 39 -4.35 12.91 68.77
CA GLU F 39 -5.19 12.17 67.82
C GLU F 39 -6.24 11.31 68.54
N TYR F 40 -5.81 10.56 69.54
CA TYR F 40 -6.69 9.59 70.21
C TYR F 40 -7.61 10.25 71.23
N LEU F 41 -7.18 11.38 71.79
CA LEU F 41 -8.08 12.23 72.58
C LEU F 41 -9.26 12.73 71.74
N ARG F 42 -8.96 13.23 70.55
CA ARG F 42 -9.99 13.80 69.67
C ARG F 42 -11.02 12.75 69.21
N LYS F 43 -10.60 11.51 69.06
CA LYS F 43 -11.53 10.40 68.86
C LYS F 43 -12.55 10.24 70.00
N CYS F 44 -12.30 10.89 71.14
CA CYS F 44 -13.28 11.00 72.22
C CYS F 44 -14.01 12.35 72.25
N GLY F 45 -13.47 13.32 71.51
CA GLY F 45 -14.20 14.55 71.17
C GLY F 45 -13.67 15.80 71.87
N ILE F 46 -12.43 15.75 72.33
CA ILE F 46 -11.99 16.51 73.50
C ILE F 46 -11.66 17.95 73.15
N ARG F 47 -11.04 18.16 71.99
CA ARG F 47 -10.98 19.50 71.37
C ARG F 47 -10.10 20.50 72.14
N ASP F 48 -10.40 20.75 73.41
CA ASP F 48 -9.57 21.63 74.23
C ASP F 48 -8.45 20.86 74.92
N ILE F 49 -7.30 20.80 74.25
CA ILE F 49 -6.14 20.08 74.76
C ILE F 49 -5.03 21.05 75.13
N THR F 50 -4.44 20.86 76.30
CA THR F 50 -3.32 21.66 76.75
C THR F 50 -2.14 20.74 77.10
N VAL F 51 -0.94 21.16 76.69
CA VAL F 51 0.29 20.46 77.05
C VAL F 51 1.08 21.26 78.08
N ILE F 52 1.33 20.65 79.24
CA ILE F 52 2.23 21.24 80.24
C ILE F 52 3.67 20.88 79.90
N VAL F 53 4.45 21.88 79.55
CA VAL F 53 5.85 21.68 79.18
C VAL F 53 6.74 22.46 80.15
N SER F 54 8.05 22.34 79.98
CA SER F 54 9.00 23.16 80.74
C SER F 54 9.63 24.13 79.75
N SER F 55 9.73 25.42 80.07
CA SER F 55 10.82 26.19 79.46
C SER F 55 12.15 25.67 80.06
N LYS F 56 13.21 25.61 79.23
CA LYS F 56 13.25 26.12 77.86
C LYS F 56 12.98 24.94 76.90
N ASN F 57 12.20 23.97 77.36
CA ASN F 57 11.47 23.13 76.43
C ASN F 57 10.29 23.89 75.83
N LYS F 58 10.16 25.20 76.08
CA LYS F 58 8.85 25.85 75.96
C LYS F 58 8.32 25.89 74.52
N GLU F 59 9.06 25.29 73.61
CA GLU F 59 8.77 25.55 72.22
C GLU F 59 9.94 26.19 71.53
N TYR F 60 10.47 25.52 70.50
CA TYR F 60 10.07 24.12 70.19
C TYR F 60 8.57 23.73 70.09
N PHE F 61 7.96 23.24 71.17
CA PHE F 61 6.54 22.86 71.18
C PHE F 61 5.67 23.83 70.37
N GLU F 62 5.93 25.13 70.51
CA GLU F 62 5.21 26.17 69.77
C GLU F 62 5.44 26.02 68.26
N LYS F 63 6.70 25.90 67.86
CA LYS F 63 7.04 25.62 66.46
C LYS F 63 6.34 24.37 65.93
N LYS F 64 6.23 23.33 66.76
CA LYS F 64 5.77 22.02 66.32
C LYS F 64 4.26 21.87 66.38
N LEU F 65 3.61 22.63 67.25
CA LEU F 65 2.17 22.46 67.50
C LEU F 65 1.44 23.81 67.40
N LYS F 66 0.63 24.03 66.35
CA LYS F 66 -0.34 23.09 65.76
C LYS F 66 -1.75 23.26 66.41
N GLU F 67 -2.09 24.47 66.84
CA GLU F 67 -3.44 24.79 67.30
C GLU F 67 -3.76 24.11 68.64
N ILE F 68 -2.75 24.04 69.52
CA ILE F 68 -2.90 23.42 70.84
C ILE F 68 -2.27 24.32 71.91
N SER F 69 -2.83 24.30 73.12
CA SER F 69 -2.38 25.20 74.18
C SER F 69 -1.07 24.71 74.77
N ILE F 70 -0.05 25.55 74.72
CA ILE F 70 1.23 25.26 75.35
C ILE F 70 1.41 26.12 76.59
N VAL F 71 1.58 25.48 77.73
CA VAL F 71 1.64 26.15 79.03
C VAL F 71 2.80 25.58 79.82
N THR F 72 3.62 26.45 80.41
CA THR F 72 4.82 26.00 81.10
C THR F 72 4.53 25.56 82.52
N GLN F 73 5.54 25.00 83.18
CA GLN F 73 5.44 24.56 84.56
C GLN F 73 6.12 25.56 85.46
N LYS F 74 5.76 25.57 86.73
CA LYS F 74 6.42 26.44 87.70
C LYS F 74 6.19 25.79 89.07
N ASP F 75 7.11 25.90 90.02
CA ASP F 75 8.45 26.49 89.83
C ASP F 75 9.42 25.97 90.91
N ASP F 76 8.90 25.22 91.91
CA ASP F 76 9.75 24.42 92.79
C ASP F 76 10.44 23.27 92.04
N ILE F 77 9.79 22.10 91.93
CA ILE F 77 10.35 20.98 91.10
C ILE F 77 9.51 19.69 91.19
N LYS F 78 9.12 19.30 92.40
CA LYS F 78 8.60 17.96 92.61
C LYS F 78 7.11 17.97 92.19
N GLY F 79 6.31 17.04 92.74
CA GLY F 79 4.89 16.95 92.39
C GLY F 79 4.10 16.40 93.55
N THR F 80 3.61 15.16 93.46
CA THR F 80 3.62 14.35 92.26
C THR F 80 2.22 14.24 91.63
N GLY F 81 2.15 13.97 90.32
CA GLY F 81 3.26 14.13 89.38
C GLY F 81 3.19 15.46 88.63
N ALA F 82 4.06 16.40 89.02
CA ALA F 82 3.71 17.82 89.03
C ALA F 82 2.32 18.08 89.65
N ALA F 83 1.95 19.33 89.96
CA ALA F 83 2.32 20.56 89.29
C ALA F 83 2.12 20.68 87.77
N ILE F 84 0.95 20.31 87.23
CA ILE F 84 -0.24 19.95 87.98
C ILE F 84 -1.06 21.21 88.17
N LEU F 85 -0.47 22.13 88.92
CA LEU F 85 -1.13 23.34 89.34
C LEU F 85 -1.09 24.35 88.19
N SER F 86 -0.06 24.27 87.35
CA SER F 86 0.11 25.25 86.28
C SER F 86 -1.05 25.10 85.31
N ALA F 87 -1.71 23.95 85.39
CA ALA F 87 -2.93 23.70 84.64
C ALA F 87 -4.11 24.41 85.28
N LYS F 88 -4.82 25.19 84.47
CA LYS F 88 -5.98 25.94 84.93
C LYS F 88 -7.27 25.30 84.44
N PHE F 89 -7.98 24.65 85.37
CA PHE F 89 -9.30 24.10 85.09
C PHE F 89 -10.24 24.17 86.28
N ASN F 90 -11.47 24.60 86.00
CA ASN F 90 -12.58 24.45 86.93
C ASN F 90 -13.41 23.20 86.63
N ASP F 91 -13.83 22.51 87.69
CA ASP F 91 -14.78 21.41 87.62
C ASP F 91 -14.08 20.05 87.40
N GLU F 92 -13.96 19.58 86.16
CA GLU F 92 -13.19 18.35 85.87
C GLU F 92 -12.10 18.59 84.83
N ALA F 93 -11.21 17.60 84.68
CA ALA F 93 -10.27 17.54 83.56
C ALA F 93 -9.80 16.12 83.34
N LEU F 94 -9.29 15.87 82.14
CA LEU F 94 -8.57 14.63 81.82
C LEU F 94 -7.07 14.88 81.84
N ILE F 95 -6.37 14.22 82.75
CA ILE F 95 -4.91 14.31 82.81
C ILE F 95 -4.26 13.05 82.27
N ILE F 96 -3.28 13.22 81.39
CA ILE F 96 -2.62 12.10 80.73
C ILE F 96 -1.11 12.33 80.71
N ASN F 97 -0.34 11.32 81.14
CA ASN F 97 1.13 11.41 81.15
C ASN F 97 1.69 11.45 79.75
N GLY F 98 2.56 12.42 79.48
CA GLY F 98 3.00 12.73 78.11
C GLY F 98 4.07 11.79 77.58
N ASP F 99 4.32 10.70 78.31
CA ASP F 99 5.28 9.69 77.89
C ASP F 99 4.62 8.34 77.65
N LEU F 100 3.30 8.36 77.43
CA LEU F 100 2.54 7.14 77.23
C LEU F 100 2.26 6.95 75.76
N PHE F 101 2.35 5.69 75.31
CA PHE F 101 1.71 5.29 74.07
C PHE F 101 0.63 4.24 74.36
N PHE F 102 -0.57 4.48 73.84
CA PHE F 102 -1.67 3.54 73.99
C PHE F 102 -2.40 3.40 72.67
N SER F 103 -2.89 2.19 72.40
CA SER F 103 -3.44 1.86 71.08
C SER F 103 -4.86 2.38 70.90
N ASN F 104 -5.80 1.82 71.64
CA ASN F 104 -7.19 2.24 71.57
C ASN F 104 -7.46 3.42 72.50
N GLU F 105 -8.49 4.18 72.18
CA GLU F 105 -8.87 5.37 72.95
C GLU F 105 -10.14 5.11 73.77
N LYS F 106 -10.62 3.88 73.75
CA LYS F 106 -11.99 3.56 74.15
C LYS F 106 -12.22 3.80 75.63
N GLU F 107 -11.18 3.59 76.44
CA GLU F 107 -11.30 3.73 77.89
C GLU F 107 -11.21 5.19 78.31
N ILE F 108 -10.52 6.01 77.53
CA ILE F 108 -10.53 7.46 77.73
C ILE F 108 -11.91 8.03 77.40
N CYS F 109 -12.47 7.62 76.26
CA CYS F 109 -13.84 7.98 75.89
C CYS F 109 -14.81 7.63 77.00
N ASN F 110 -14.69 6.40 77.49
CA ASN F 110 -15.53 5.90 78.58
C ASN F 110 -15.35 6.66 79.89
N ILE F 111 -14.10 6.97 80.25
CA ILE F 111 -13.81 7.54 81.57
C ILE F 111 -14.28 8.99 81.72
N ILE F 112 -14.46 9.69 80.60
CA ILE F 112 -14.83 11.11 80.67
C ILE F 112 -16.34 11.31 80.82
N THR F 113 -17.12 10.25 80.66
CA THR F 113 -18.55 10.30 80.94
C THR F 113 -18.83 10.35 82.43
N LEU F 114 -18.04 9.60 83.21
CA LEU F 114 -18.22 9.54 84.67
C LEU F 114 -18.06 10.92 85.29
N LYS F 115 -18.67 11.13 86.45
CA LYS F 115 -18.50 12.39 87.18
C LYS F 115 -17.77 12.19 88.52
N GLU F 116 -17.56 10.94 88.92
CA GLU F 116 -16.61 10.63 89.99
C GLU F 116 -15.18 10.80 89.48
N ASN F 117 -14.25 11.01 90.41
CA ASN F 117 -12.83 10.82 90.11
C ASN F 117 -12.57 9.38 89.67
N ALA F 118 -11.91 9.22 88.52
CA ALA F 118 -11.55 7.90 88.02
C ALA F 118 -10.18 7.92 87.37
N ILE F 119 -9.49 6.79 87.47
CA ILE F 119 -8.19 6.61 86.84
C ILE F 119 -8.14 5.27 86.11
N ILE F 120 -7.27 5.17 85.12
CA ILE F 120 -7.09 3.92 84.39
C ILE F 120 -5.90 3.15 84.94
N GLY F 121 -6.11 1.84 85.11
CA GLY F 121 -5.04 0.92 85.47
C GLY F 121 -4.79 -0.09 84.37
N VAL F 122 -3.61 -0.71 84.40
CA VAL F 122 -3.20 -1.61 83.32
C VAL F 122 -2.35 -2.74 83.89
N LYS F 123 -2.58 -3.95 83.41
CA LYS F 123 -1.81 -5.10 83.86
C LYS F 123 -0.50 -5.22 83.09
N VAL F 124 0.58 -5.49 83.82
CA VAL F 124 1.91 -5.63 83.22
C VAL F 124 2.63 -6.82 83.85
N SER F 125 3.68 -7.28 83.18
CA SER F 125 4.47 -8.41 83.67
C SER F 125 5.48 -7.98 84.75
N ASN F 126 5.78 -6.69 84.83
CA ASN F 126 6.80 -6.18 85.76
C ASN F 126 6.25 -5.04 86.61
N PRO F 127 5.33 -5.36 87.54
CA PRO F 127 4.68 -4.33 88.35
C PRO F 127 5.57 -3.76 89.46
N LYS F 128 6.74 -4.35 89.67
CA LYS F 128 7.65 -3.95 90.73
C LYS F 128 8.34 -2.62 90.39
N ASP F 129 8.44 -2.33 89.10
CA ASP F 129 8.51 -0.96 88.62
C ASP F 129 7.09 -0.44 88.47
N TYR F 130 6.92 0.86 88.23
CA TYR F 130 5.59 1.48 88.16
C TYR F 130 4.87 1.46 89.51
N GLY F 131 3.84 2.29 89.63
CA GLY F 131 3.01 2.35 90.83
C GLY F 131 1.82 1.40 90.77
N VAL F 132 1.80 0.43 91.68
CA VAL F 132 0.73 -0.56 91.74
C VAL F 132 -0.54 0.00 92.37
N LEU F 133 -1.67 -0.23 91.72
CA LEU F 133 -2.98 0.09 92.27
C LEU F 133 -3.45 -1.05 93.17
N VAL F 134 -3.58 -0.77 94.47
CA VAL F 134 -4.31 -1.64 95.39
C VAL F 134 -5.76 -1.18 95.48
N LEU F 135 -6.69 -2.12 95.34
CA LEU F 135 -8.11 -1.80 95.29
C LEU F 135 -8.76 -2.23 96.59
N ASP F 136 -9.90 -1.62 96.91
CA ASP F 136 -10.72 -2.08 98.02
C ASP F 136 -11.73 -3.12 97.54
N ASN F 137 -12.63 -3.54 98.42
CA ASN F 137 -13.57 -4.62 98.14
C ASN F 137 -14.64 -4.27 97.09
N GLN F 138 -14.74 -2.99 96.73
CA GLN F 138 -15.69 -2.54 95.72
C GLN F 138 -14.97 -1.98 94.48
N ASN F 139 -13.74 -2.43 94.27
CA ASN F 139 -12.87 -1.95 93.19
C ASN F 139 -12.87 -0.43 92.99
N ASN F 140 -12.57 0.30 94.05
CA ASN F 140 -12.10 1.68 93.95
C ASN F 140 -10.69 1.82 94.48
N LEU F 141 -10.09 2.98 94.25
CA LEU F 141 -8.69 3.15 94.61
C LEU F 141 -8.55 3.17 96.14
N SER F 142 -7.99 2.10 96.70
CA SER F 142 -7.44 2.16 98.05
C SER F 142 -6.24 3.11 98.07
N LYS F 143 -5.12 2.67 97.49
CA LYS F 143 -3.95 3.55 97.34
C LYS F 143 -3.10 3.14 96.15
N ILE F 144 -2.22 4.04 95.72
CA ILE F 144 -1.16 3.71 94.78
C ILE F 144 0.13 3.54 95.56
N ILE F 145 0.57 2.30 95.70
CA ILE F 145 1.85 2.03 96.29
C ILE F 145 2.74 1.80 95.08
N GLU F 146 4.00 2.18 95.23
CA GLU F 146 4.94 2.30 94.15
C GLU F 146 6.19 1.54 94.55
N LYS F 147 6.95 1.11 93.56
CA LYS F 147 8.14 0.32 93.81
C LYS F 147 7.81 -0.78 94.85
N PRO F 148 6.71 -1.50 94.69
CA PRO F 148 6.54 -2.35 95.87
C PRO F 148 7.21 -3.72 95.67
N GLU F 149 8.53 -3.77 95.66
CA GLU F 149 9.23 -5.02 95.77
C GLU F 149 8.30 -6.22 96.04
N ILE F 150 7.28 -6.01 96.89
CA ILE F 150 6.30 -7.06 97.23
C ILE F 150 4.92 -6.77 96.61
N PRO F 151 4.79 -6.96 95.28
CA PRO F 151 3.67 -6.38 94.55
C PRO F 151 2.35 -7.12 94.81
N PRO F 152 1.36 -6.43 95.41
CA PRO F 152 0.06 -7.02 95.72
C PRO F 152 -0.65 -7.63 94.51
N SER F 153 -0.57 -6.95 93.37
CA SER F 153 -1.15 -7.45 92.13
C SER F 153 -0.34 -6.98 90.93
N ASN F 154 -0.80 -7.34 89.73
CA ASN F 154 -0.15 -6.94 88.48
C ASN F 154 -0.75 -5.66 87.91
N LEU F 155 -1.75 -5.11 88.58
CA LEU F 155 -2.50 -3.95 88.08
C LEU F 155 -1.82 -2.65 88.50
N ILE F 156 -1.28 -1.91 87.53
CA ILE F 156 -0.49 -0.70 87.83
C ILE F 156 -1.14 0.55 87.24
N ASN F 157 -0.63 1.71 87.66
CA ASN F 157 -1.17 3.00 87.23
C ASN F 157 -0.83 3.31 85.77
N ALA F 158 -1.86 3.35 84.92
CA ALA F 158 -1.66 3.54 83.48
C ALA F 158 -1.39 4.99 83.11
N GLY F 159 -1.58 5.91 84.06
CA GLY F 159 -1.17 7.29 83.87
C GLY F 159 -2.17 8.12 83.09
N ILE F 160 -3.39 7.58 82.90
CA ILE F 160 -4.53 8.38 82.49
C ILE F 160 -5.47 8.60 83.68
N TYR F 161 -5.68 9.87 84.04
CA TYR F 161 -6.57 10.25 85.12
C TYR F 161 -7.72 11.13 84.64
N LYS F 162 -8.89 10.96 85.26
CA LYS F 162 -9.95 11.97 85.23
C LYS F 162 -10.21 12.58 86.62
N ILE F 200 -10.78 1.90 86.17
CA ILE F 200 -11.07 1.20 84.91
C ILE F 200 -9.83 0.47 84.41
N GLU F 201 -9.96 -0.83 84.14
CA GLU F 201 -8.86 -1.61 83.57
C GLU F 201 -8.73 -1.35 82.07
N TYR F 202 -7.49 -1.17 81.62
CA TYR F 202 -7.20 -0.89 80.21
C TYR F 202 -7.12 -2.18 79.41
N GLU F 203 -7.54 -2.12 78.15
CA GLU F 203 -7.63 -3.33 77.32
C GLU F 203 -6.38 -3.53 76.45
N GLY F 204 -6.06 -2.54 75.62
CA GLY F 204 -5.22 -2.77 74.43
C GLY F 204 -3.72 -2.80 74.69
N TYR F 205 -2.96 -2.20 73.76
CA TYR F 205 -1.51 -2.08 73.91
C TYR F 205 -1.14 -0.82 74.71
N TRP F 206 -0.21 -1.01 75.64
CA TRP F 206 0.22 0.06 76.52
C TRP F 206 1.75 0.04 76.67
N MET F 207 2.37 1.21 76.62
CA MET F 207 3.82 1.32 76.80
C MET F 207 4.13 2.75 77.22
N ASP F 208 4.91 2.90 78.28
CA ASP F 208 5.58 4.16 78.54
C ASP F 208 6.98 4.15 77.93
N ILE F 209 7.40 5.30 77.42
CA ILE F 209 8.68 5.41 76.77
C ILE F 209 9.63 6.02 77.77
N GLY F 210 10.12 5.19 78.68
CA GLY F 210 11.12 5.60 79.67
C GLY F 210 12.58 5.44 79.26
N LYS F 211 12.95 4.23 78.84
CA LYS F 211 14.31 3.92 78.42
C LYS F 211 14.41 3.76 76.90
N PRO F 212 15.63 3.96 76.34
CA PRO F 212 15.78 4.20 74.90
C PRO F 212 15.27 3.04 74.04
N TRP F 213 15.40 1.82 74.56
CA TRP F 213 15.04 0.64 73.79
C TRP F 213 13.53 0.50 73.67
N ASN F 214 12.78 1.26 74.46
CA ASN F 214 11.34 1.37 74.28
C ASN F 214 10.97 2.09 72.99
N ILE F 215 11.89 2.91 72.49
CA ILE F 215 11.67 3.55 71.19
C ILE F 215 11.57 2.47 70.11
N ILE F 216 12.40 1.43 70.25
CA ILE F 216 12.30 0.28 69.37
C ILE F 216 10.97 -0.45 69.59
N ASP F 217 10.65 -0.72 70.86
CA ASP F 217 9.44 -1.44 71.23
C ASP F 217 8.19 -0.89 70.53
N VAL F 218 7.86 0.37 70.79
CA VAL F 218 6.61 0.93 70.25
C VAL F 218 6.65 0.95 68.72
N ASN F 219 7.82 1.23 68.15
CA ASN F 219 7.95 1.35 66.70
C ASN F 219 7.74 0.02 65.99
N LYS F 220 8.17 -1.06 66.63
CA LYS F 220 7.87 -2.39 66.14
C LYS F 220 6.38 -2.63 66.17
N TRP F 221 5.77 -2.30 67.31
CA TRP F 221 4.34 -2.48 67.47
C TRP F 221 3.57 -1.67 66.43
N ALA F 222 3.96 -0.42 66.25
CA ALA F 222 3.25 0.45 65.31
C ALA F 222 3.34 -0.12 63.90
N LEU F 223 4.53 -0.59 63.53
CA LEU F 223 4.74 -1.14 62.21
C LEU F 223 3.93 -2.42 62.01
N ASP F 224 3.68 -3.13 63.10
CA ASP F 224 2.88 -4.35 63.05
C ASP F 224 1.38 -4.11 63.00
N ASN F 225 0.93 -2.96 63.49
CA ASN F 225 -0.48 -2.78 63.83
C ASN F 225 -1.16 -1.57 63.16
N LEU F 226 -0.42 -0.49 62.94
CA LEU F 226 -1.01 0.78 62.54
C LEU F 226 -0.89 1.07 61.05
N VAL F 227 -0.08 0.31 60.33
CA VAL F 227 0.18 0.58 58.91
C VAL F 227 0.31 -0.71 58.10
N PHE F 228 0.16 -0.58 56.80
CA PHE F 228 -0.07 -1.73 55.93
C PHE F 228 0.67 -1.57 54.62
N SER F 229 1.07 -2.69 54.04
CA SER F 229 1.84 -2.70 52.80
C SER F 229 1.31 -1.66 51.82
N GLN F 230 2.18 -0.75 51.39
CA GLN F 230 1.89 0.17 50.30
C GLN F 230 3.17 0.73 49.70
N ASN F 231 3.05 1.42 48.57
CA ASN F 231 4.18 2.08 47.94
C ASN F 231 3.83 3.39 47.22
N LEU F 232 3.94 4.49 47.95
CA LEU F 232 3.71 5.81 47.37
C LEU F 232 5.00 6.42 46.81
N GLY F 233 6.08 5.64 46.80
CA GLY F 233 7.36 6.10 46.31
C GLY F 233 7.77 5.40 45.02
N ASN F 234 9.07 5.38 44.76
CA ASN F 234 9.63 4.98 43.48
C ASN F 234 10.67 3.86 43.64
N VAL F 235 10.43 2.72 42.99
CA VAL F 235 11.27 1.53 43.16
C VAL F 235 11.78 1.14 41.80
N GLU F 236 13.09 1.00 41.68
CA GLU F 236 13.71 0.59 40.41
C GLU F 236 13.57 -0.93 40.21
N ASP F 237 14.07 -1.40 39.08
CA ASP F 237 14.13 -2.83 38.81
C ASP F 237 15.20 -3.50 39.68
N ASN F 238 15.20 -4.83 39.68
CA ASN F 238 16.02 -5.63 40.58
C ASN F 238 16.01 -5.06 41.99
N VAL F 239 14.81 -4.79 42.49
CA VAL F 239 14.60 -4.61 43.93
C VAL F 239 13.67 -5.68 44.46
N LYS F 240 14.15 -6.49 45.39
CA LYS F 240 13.35 -7.57 45.95
C LYS F 240 12.64 -7.05 47.20
N ILE F 241 11.34 -7.31 47.27
CA ILE F 241 10.54 -6.89 48.43
C ILE F 241 9.70 -8.01 48.98
N LYS F 242 9.80 -8.26 50.29
CA LYS F 242 9.04 -9.34 50.93
C LYS F 242 8.40 -8.84 52.19
N GLY F 243 7.22 -9.37 52.48
CA GLY F 243 6.53 -9.02 53.73
C GLY F 243 6.05 -7.58 53.74
N LYS F 244 5.65 -7.12 54.91
CA LYS F 244 5.01 -5.80 55.05
C LYS F 244 6.05 -4.72 54.82
N VAL F 245 5.87 -3.95 53.74
CA VAL F 245 6.80 -2.89 53.45
C VAL F 245 6.01 -1.64 53.11
N ILE F 246 6.26 -0.58 53.87
CA ILE F 246 5.63 0.71 53.64
C ILE F 246 6.67 1.63 53.01
N ILE F 247 6.39 2.08 51.80
CA ILE F 247 7.22 3.08 51.16
C ILE F 247 6.45 4.39 50.99
N GLU F 248 6.85 5.42 51.72
CA GLU F 248 6.16 6.70 51.69
C GLU F 248 6.59 7.49 50.47
N GLU F 249 5.97 8.65 50.27
CA GLU F 249 6.13 9.39 49.02
C GLU F 249 7.52 10.01 48.89
N ASP F 250 7.93 10.23 47.64
CA ASP F 250 9.27 10.76 47.32
C ASP F 250 10.42 9.91 47.84
N ALA F 251 10.16 8.64 48.13
CA ALA F 251 11.22 7.74 48.57
C ALA F 251 11.72 6.96 47.38
N GLU F 252 13.04 6.99 47.18
CA GLU F 252 13.65 6.32 46.05
C GLU F 252 14.32 5.06 46.57
N ILE F 253 14.14 3.97 45.85
CA ILE F 253 14.77 2.71 46.20
C ILE F 253 15.43 2.12 44.95
N LYS F 254 16.75 2.03 44.98
CA LYS F 254 17.52 1.72 43.79
C LYS F 254 17.84 0.22 43.65
N SER F 255 18.18 -0.16 42.43
CA SER F 255 18.38 -1.55 42.08
C SER F 255 19.39 -2.24 42.99
N GLY F 256 19.16 -3.53 43.23
CA GLY F 256 20.05 -4.33 44.06
C GLY F 256 19.63 -4.38 45.51
N THR F 257 18.80 -3.44 45.90
CA THR F 257 18.26 -3.42 47.24
C THR F 257 17.39 -4.65 47.49
N TYR F 258 17.38 -5.11 48.72
CA TYR F 258 16.71 -6.30 49.11
C TYR F 258 16.07 -6.02 50.45
N ILE F 259 14.76 -6.20 50.53
CA ILE F 259 14.01 -5.76 51.70
C ILE F 259 13.17 -6.89 52.27
N GLU F 260 13.39 -7.20 53.54
CA GLU F 260 12.66 -8.26 54.20
C GLU F 260 11.88 -7.63 55.34
N GLY F 261 10.56 -7.67 55.21
CA GLY F 261 9.68 -6.95 56.13
C GLY F 261 9.47 -7.65 57.46
N PRO F 262 8.82 -6.96 58.39
CA PRO F 262 8.25 -5.63 58.16
C PRO F 262 9.25 -4.47 58.17
N VAL F 263 9.15 -3.60 57.17
CA VAL F 263 10.04 -2.44 57.06
C VAL F 263 9.18 -1.19 56.85
N TYR F 264 9.61 -0.09 57.45
CA TYR F 264 9.02 1.21 57.18
C TYR F 264 10.07 2.14 56.57
N ILE F 265 9.83 2.59 55.35
CA ILE F 265 10.70 3.57 54.73
C ILE F 265 10.01 4.93 54.62
N GLY F 266 10.49 5.91 55.38
CA GLY F 266 9.82 7.19 55.50
C GLY F 266 10.00 8.10 54.31
N LYS F 267 9.23 9.18 54.28
CA LYS F 267 9.15 10.03 53.12
C LYS F 267 10.52 10.62 52.79
N GLY F 268 10.84 10.67 51.50
CA GLY F 268 12.01 11.41 51.03
C GLY F 268 13.29 10.61 51.15
N SER F 269 13.17 9.35 51.60
CA SER F 269 14.35 8.53 51.84
C SER F 269 14.97 8.03 50.55
N GLU F 270 16.27 7.76 50.58
CA GLU F 270 16.98 7.31 49.39
C GLU F 270 17.74 6.01 49.73
N ILE F 271 17.22 4.88 49.27
CA ILE F 271 17.81 3.57 49.55
C ILE F 271 18.55 3.03 48.35
N GLY F 272 19.61 2.27 48.60
CA GLY F 272 20.38 1.63 47.53
C GLY F 272 21.34 2.58 46.86
N PRO F 273 22.07 2.10 45.86
CA PRO F 273 21.94 0.74 45.35
C PRO F 273 22.50 -0.32 46.29
N ASN F 274 22.07 -1.56 46.08
CA ASN F 274 22.58 -2.70 46.84
C ASN F 274 22.58 -2.48 48.35
N SER F 275 21.47 -1.97 48.87
CA SER F 275 21.24 -1.95 50.32
C SER F 275 20.45 -3.19 50.76
N TYR F 276 20.37 -3.40 52.05
CA TYR F 276 19.66 -4.55 52.59
C TYR F 276 18.92 -4.17 53.86
N LEU F 277 17.61 -4.03 53.76
CA LEU F 277 16.80 -3.67 54.94
C LEU F 277 16.07 -4.88 55.49
N ARG F 278 16.35 -5.21 56.74
CA ARG F 278 15.79 -6.40 57.37
C ARG F 278 14.68 -6.05 58.35
N PRO F 279 14.01 -7.07 58.91
CA PRO F 279 12.78 -6.81 59.62
C PRO F 279 12.92 -5.79 60.75
N TYR F 280 11.91 -4.93 60.86
CA TYR F 280 11.84 -3.88 61.87
C TYR F 280 12.90 -2.81 61.68
N THR F 281 13.34 -2.63 60.44
CA THR F 281 13.99 -1.39 60.04
C THR F 281 12.95 -0.29 59.98
N ILE F 282 13.13 0.78 60.78
CA ILE F 282 12.29 1.96 60.64
C ILE F 282 13.14 3.16 60.29
N LEU F 283 12.95 3.67 59.07
CA LEU F 283 13.54 4.93 58.67
C LEU F 283 12.48 6.03 58.68
N VAL F 284 12.52 6.93 59.66
CA VAL F 284 11.35 7.78 59.93
C VAL F 284 11.12 8.86 58.86
N GLU F 285 12.19 9.45 58.34
CA GLU F 285 12.08 10.53 57.35
C GLU F 285 13.41 10.88 56.71
N LYS F 286 13.40 11.01 55.39
CA LYS F 286 14.53 11.56 54.64
C LYS F 286 15.87 10.90 55.01
N ASN F 287 15.88 9.57 55.08
CA ASN F 287 17.10 8.86 55.43
C ASN F 287 17.84 8.38 54.20
N LYS F 288 19.16 8.44 54.27
CA LYS F 288 20.05 7.89 53.22
C LYS F 288 20.61 6.56 53.68
N ILE F 289 20.27 5.50 52.95
CA ILE F 289 20.94 4.21 53.13
C ILE F 289 21.59 3.83 51.82
N GLY F 290 22.84 3.41 51.90
CA GLY F 290 23.68 3.32 50.72
C GLY F 290 24.21 1.92 50.42
N ALA F 291 25.16 1.86 49.50
CA ALA F 291 25.68 0.60 49.00
C ALA F 291 26.38 -0.17 50.10
N SER F 292 26.15 -1.49 50.10
CA SER F 292 26.69 -2.37 51.10
C SER F 292 26.39 -1.90 52.52
N VAL F 293 25.17 -1.41 52.72
CA VAL F 293 24.71 -1.07 54.06
C VAL F 293 23.54 -1.97 54.44
N GLU F 294 23.54 -2.44 55.68
CA GLU F 294 22.51 -3.37 56.15
C GLU F 294 21.91 -2.82 57.45
N VAL F 295 20.59 -2.73 57.50
CA VAL F 295 19.92 -2.24 58.69
C VAL F 295 19.05 -3.36 59.22
N LYS F 296 18.88 -3.40 60.54
CA LYS F 296 18.00 -4.40 61.17
C LYS F 296 17.45 -3.91 62.49
N GLU F 297 16.14 -4.10 62.69
CA GLU F 297 15.46 -3.81 63.95
C GLU F 297 16.02 -2.54 64.59
N SER F 298 15.97 -1.44 63.84
CA SER F 298 16.55 -0.19 64.29
C SER F 298 15.63 0.96 63.90
N VAL F 299 15.61 1.98 64.76
CA VAL F 299 14.88 3.20 64.44
C VAL F 299 15.89 4.27 64.09
N ILE F 300 15.76 4.81 62.89
CA ILE F 300 16.72 5.79 62.38
C ILE F 300 15.96 7.06 62.04
N MET F 301 16.26 8.12 62.76
CA MET F 301 15.39 9.29 62.77
C MET F 301 15.77 10.30 61.68
N GLU F 302 15.10 11.45 61.71
CA GLU F 302 14.99 12.35 60.57
C GLU F 302 16.36 12.70 60.02
N GLY F 303 16.57 12.43 58.73
CA GLY F 303 17.65 13.06 57.99
C GLY F 303 19.00 12.38 58.18
N SER F 304 19.02 11.31 58.96
CA SER F 304 20.27 10.61 59.26
C SER F 304 20.71 9.77 58.08
N LYS F 305 22.02 9.63 57.90
CA LYS F 305 22.57 9.00 56.71
C LYS F 305 23.59 7.91 57.04
N ILE F 306 23.41 6.74 56.42
CA ILE F 306 24.34 5.62 56.55
C ILE F 306 24.77 5.21 55.13
N PRO F 307 25.75 5.90 54.56
CA PRO F 307 25.96 5.83 53.10
C PRO F 307 26.83 4.68 52.56
N HIS F 308 27.73 4.12 53.37
CA HIS F 308 28.61 3.04 52.88
C HIS F 308 29.00 1.99 53.92
N LEU F 309 28.98 0.73 53.51
CA LEU F 309 29.73 -0.32 54.14
C LEU F 309 29.50 -0.33 55.66
N SER F 310 28.25 -0.46 56.09
CA SER F 310 27.91 -0.42 57.51
C SER F 310 26.83 -1.41 57.83
N TYR F 311 26.79 -1.83 59.09
CA TYR F 311 25.71 -2.65 59.61
C TYR F 311 25.19 -2.02 60.88
N VAL F 312 23.88 -1.72 60.89
CA VAL F 312 23.23 -1.15 62.05
C VAL F 312 22.16 -2.13 62.51
N GLY F 313 22.34 -2.68 63.70
CA GLY F 313 21.39 -3.64 64.23
C GLY F 313 20.87 -3.20 65.59
N ASP F 314 19.57 -3.39 65.83
CA ASP F 314 19.00 -3.28 67.17
C ASP F 314 19.36 -1.97 67.82
N SER F 315 19.31 -0.89 67.04
CA SER F 315 19.84 0.40 67.49
C SER F 315 18.79 1.49 67.36
N VAL F 316 19.02 2.60 68.06
CA VAL F 316 18.27 3.83 67.83
C VAL F 316 19.25 4.93 67.46
N ILE F 317 19.10 5.46 66.25
CA ILE F 317 19.93 6.55 65.78
C ILE F 317 19.05 7.77 65.61
N ALA F 318 19.40 8.85 66.29
CA ALA F 318 18.57 10.05 66.30
C ALA F 318 18.85 10.90 65.05
N GLU F 319 18.44 12.16 65.07
CA GLU F 319 18.28 12.95 63.86
C GLU F 319 19.61 13.50 63.34
N ASP F 320 19.68 13.72 62.03
CA ASP F 320 20.85 14.35 61.40
C ASP F 320 22.17 13.72 61.86
N VAL F 321 22.20 12.40 61.96
CA VAL F 321 23.44 11.69 62.21
C VAL F 321 24.12 11.31 60.91
N ASN F 322 25.44 11.25 60.93
CA ASN F 322 26.20 10.74 59.79
C ASN F 322 27.19 9.69 60.19
N PHE F 323 26.99 8.45 59.72
CA PHE F 323 27.96 7.38 59.88
C PHE F 323 28.98 7.42 58.73
N GLY F 324 30.26 7.53 59.07
CA GLY F 324 31.33 7.38 58.10
C GLY F 324 31.37 5.98 57.52
N ALA F 325 31.91 5.86 56.31
CA ALA F 325 32.07 4.54 55.70
C ALA F 325 32.71 3.58 56.69
N GLY F 326 32.18 2.37 56.78
CA GLY F 326 32.79 1.33 57.60
C GLY F 326 32.40 1.36 59.07
N THR F 327 31.49 2.25 59.45
CA THR F 327 31.04 2.33 60.83
C THR F 327 30.19 1.11 61.15
N LEU F 328 30.53 0.40 62.21
CA LEU F 328 29.82 -0.83 62.55
C LEU F 328 29.35 -0.81 63.98
N ILE F 329 28.16 -1.39 64.20
CA ILE F 329 27.61 -1.55 65.53
C ILE F 329 27.53 -3.03 65.92
N ALA F 330 28.15 -3.37 67.04
CA ALA F 330 27.98 -4.67 67.69
C ALA F 330 26.68 -4.71 68.48
N ASN F 331 25.96 -5.82 68.39
CA ASN F 331 24.65 -5.93 69.03
C ASN F 331 24.48 -7.19 69.88
N LEU F 332 25.54 -7.97 70.01
CA LEU F 332 25.51 -9.20 70.80
C LEU F 332 26.78 -9.25 71.64
N ARG F 333 26.66 -9.60 72.93
CA ARG F 333 27.88 -9.85 73.72
C ARG F 333 28.33 -11.32 73.59
N PHE F 334 29.60 -11.55 73.88
CA PHE F 334 30.22 -12.85 73.63
C PHE F 334 29.52 -13.95 74.41
N ASP F 335 29.17 -13.65 75.67
CA ASP F 335 28.47 -14.59 76.56
C ASP F 335 26.94 -14.70 76.31
N GLU F 336 26.40 -13.83 75.45
CA GLU F 336 24.99 -13.85 75.06
C GLU F 336 24.04 -13.49 76.21
N LYS F 337 24.61 -12.95 77.29
CA LYS F 337 23.79 -12.35 78.34
C LYS F 337 23.16 -11.07 77.82
N GLU F 338 22.12 -10.64 78.51
CA GLU F 338 21.39 -9.44 78.13
C GLU F 338 22.31 -8.24 78.19
N VAL F 339 22.16 -7.36 77.21
CA VAL F 339 23.03 -6.21 77.07
C VAL F 339 22.63 -5.19 78.13
N LYS F 340 23.62 -4.60 78.80
CA LYS F 340 23.35 -3.61 79.83
C LYS F 340 23.64 -2.21 79.33
N VAL F 341 22.92 -1.25 79.90
CA VAL F 341 22.98 0.15 79.49
C VAL F 341 23.01 1.00 80.75
N ASN F 342 23.84 2.04 80.75
CA ASN F 342 23.80 3.02 81.82
C ASN F 342 22.62 3.97 81.62
N VAL F 343 21.75 4.02 82.62
CA VAL F 343 20.58 4.89 82.61
C VAL F 343 20.56 5.67 83.92
N LYS F 344 20.68 7.00 83.81
CA LYS F 344 20.98 7.85 84.96
C LYS F 344 22.11 7.31 85.80
N GLY F 345 23.25 7.00 85.18
CA GLY F 345 24.45 6.60 85.91
C GLY F 345 24.35 5.25 86.57
N LYS F 346 23.23 4.56 86.36
CA LYS F 346 23.02 3.21 86.87
C LYS F 346 23.07 2.17 85.73
N ARG F 347 23.86 1.12 85.94
CA ARG F 347 24.04 0.06 84.96
C ARG F 347 22.92 -0.97 85.10
N ILE F 348 22.19 -1.18 84.02
CA ILE F 348 20.82 -1.71 84.07
C ILE F 348 20.65 -2.64 82.88
N SER F 349 19.98 -3.78 83.08
CA SER F 349 19.75 -4.68 81.97
C SER F 349 18.64 -4.14 81.08
N SER F 350 18.80 -4.31 79.77
CA SER F 350 17.86 -3.83 78.77
C SER F 350 16.80 -4.89 78.50
N GLY F 351 17.00 -6.07 79.08
CA GLY F 351 16.12 -7.20 78.83
C GLY F 351 16.26 -7.77 77.44
N ARG F 352 17.26 -7.31 76.70
CA ARG F 352 17.48 -7.72 75.31
C ARG F 352 18.77 -8.50 75.21
N ARG F 353 18.71 -9.68 74.59
CA ARG F 353 19.91 -10.44 74.26
C ARG F 353 20.71 -9.72 73.17
N LYS F 354 19.97 -9.08 72.25
CA LYS F 354 20.57 -8.37 71.15
C LYS F 354 20.18 -6.91 71.26
N LEU F 355 21.16 -6.07 71.56
CA LEU F 355 20.95 -4.62 71.54
C LEU F 355 22.19 -3.92 71.02
N GLY F 356 22.00 -2.92 70.15
CA GLY F 356 23.10 -2.21 69.54
C GLY F 356 23.43 -0.95 70.30
N ALA F 357 23.42 0.19 69.59
CA ALA F 357 23.77 1.48 70.19
C ALA F 357 22.62 2.48 70.17
N PHE F 358 22.71 3.49 71.04
CA PHE F 358 21.81 4.65 70.99
C PHE F 358 22.63 5.90 70.67
N ILE F 359 22.47 6.39 69.45
CA ILE F 359 23.26 7.52 68.96
C ILE F 359 22.44 8.81 69.05
N GLY F 360 23.03 9.85 69.65
CA GLY F 360 22.34 11.13 69.76
C GLY F 360 22.36 11.94 68.48
N GLY F 361 21.55 13.00 68.46
CA GLY F 361 21.38 13.81 67.26
C GLY F 361 22.68 14.48 66.85
N HIS F 362 22.88 14.63 65.54
CA HIS F 362 23.99 15.41 65.00
C HIS F 362 25.35 14.81 65.33
N VAL F 363 25.38 13.54 65.70
CA VAL F 363 26.63 12.79 65.80
C VAL F 363 27.23 12.55 64.41
N ARG F 364 28.55 12.68 64.32
CA ARG F 364 29.27 12.17 63.15
C ARG F 364 30.30 11.13 63.57
N THR F 365 30.27 9.96 62.94
CA THR F 365 31.35 8.99 63.08
C THR F 365 32.29 9.07 61.88
N GLY F 366 33.58 9.00 62.15
CA GLY F 366 34.57 8.84 61.08
C GLY F 366 34.46 7.49 60.41
N ILE F 367 35.24 7.28 59.36
CA ILE F 367 35.34 5.97 58.73
C ILE F 367 35.93 4.93 59.67
N ASN F 368 35.49 3.68 59.48
CA ASN F 368 36.01 2.53 60.24
C ASN F 368 35.83 2.63 61.76
N VAL F 369 34.78 3.32 62.18
CA VAL F 369 34.43 3.39 63.58
C VAL F 369 33.78 2.09 64.01
N THR F 370 33.94 1.74 65.28
CA THR F 370 33.51 0.47 65.82
C THR F 370 32.82 0.73 67.16
N ILE F 371 31.54 0.39 67.25
CA ILE F 371 30.74 0.74 68.43
C ILE F 371 30.22 -0.52 69.12
N LEU F 372 30.36 -0.59 70.44
CA LEU F 372 30.04 -1.81 71.21
C LEU F 372 28.62 -1.82 71.73
N PRO F 373 28.11 -2.99 72.15
CA PRO F 373 26.71 -3.12 72.53
C PRO F 373 26.34 -2.26 73.73
N GLY F 374 25.13 -1.69 73.71
CA GLY F 374 24.62 -0.96 74.85
C GLY F 374 25.11 0.48 74.95
N VAL F 375 26.09 0.81 74.13
CA VAL F 375 26.77 2.09 74.22
C VAL F 375 25.81 3.24 73.93
N LYS F 376 25.96 4.33 74.69
CA LYS F 376 25.26 5.57 74.39
C LYS F 376 26.25 6.61 73.89
N ILE F 377 25.94 7.23 72.76
CA ILE F 377 26.76 8.30 72.24
C ILE F 377 25.97 9.59 72.28
N GLY F 378 26.53 10.61 72.92
CA GLY F 378 25.83 11.87 73.11
C GLY F 378 25.64 12.64 71.81
N ALA F 379 24.52 13.34 71.72
CA ALA F 379 24.34 14.38 70.71
C ALA F 379 25.61 15.18 70.46
N TYR F 380 25.88 15.43 69.18
CA TYR F 380 26.92 16.37 68.75
C TYR F 380 28.33 15.83 68.95
N ALA F 381 28.44 14.59 69.41
CA ALA F 381 29.73 13.91 69.50
C ALA F 381 30.38 13.72 68.12
N ARG F 382 31.69 13.61 68.12
CA ARG F 382 32.44 13.20 66.93
C ARG F 382 33.31 12.03 67.33
N ILE F 383 33.24 10.94 66.56
CA ILE F 383 34.09 9.76 66.80
C ILE F 383 35.22 9.70 65.76
N TYR F 384 36.46 9.79 66.23
CA TYR F 384 37.58 9.89 65.31
C TYR F 384 37.82 8.55 64.55
N PRO F 385 38.20 8.65 63.28
CA PRO F 385 38.34 7.46 62.44
C PRO F 385 39.09 6.35 63.15
N GLY F 386 38.59 5.13 63.01
CA GLY F 386 39.26 3.96 63.59
C GLY F 386 38.96 3.73 65.07
N ALA F 387 38.32 4.69 65.73
CA ALA F 387 38.05 4.58 67.14
C ALA F 387 37.24 3.32 67.46
N VAL F 388 37.52 2.72 68.60
CA VAL F 388 36.65 1.69 69.17
C VAL F 388 35.90 2.27 70.35
N VAL F 389 34.60 2.51 70.17
CA VAL F 389 33.78 3.13 71.21
C VAL F 389 33.30 2.05 72.16
N ASN F 390 33.96 1.96 73.31
CA ASN F 390 33.62 0.94 74.29
C ASN F 390 33.10 1.53 75.60
N ARG F 391 32.68 2.79 75.55
CA ARG F 391 32.07 3.43 76.71
C ARG F 391 31.11 4.49 76.24
N ASP F 392 30.21 4.90 77.13
CA ASP F 392 29.31 6.00 76.79
C ASP F 392 30.14 7.24 76.43
N VAL F 393 29.59 8.06 75.55
CA VAL F 393 30.30 9.22 75.04
C VAL F 393 29.45 10.46 75.31
N GLY F 394 30.11 11.54 75.73
CA GLY F 394 29.41 12.71 76.21
C GLY F 394 28.80 13.56 75.12
N TYR F 395 27.74 14.29 75.46
CA TYR F 395 27.31 15.43 74.69
C TYR F 395 28.53 16.21 74.21
N GLY F 396 28.68 16.36 72.90
CA GLY F 396 29.72 17.23 72.34
C GLY F 396 31.14 16.65 72.38
N GLU F 397 31.29 15.43 72.88
CA GLU F 397 32.63 14.86 73.08
C GLU F 397 33.34 14.54 71.77
N PHE F 398 34.62 14.87 71.71
CA PHE F 398 35.47 14.45 70.60
C PHE F 398 36.23 13.25 71.08
N PHE F 399 35.67 12.08 70.79
CA PHE F 399 36.21 10.80 71.26
C PHE F 399 37.20 10.30 70.21
N LYS F 400 38.49 10.33 70.55
CA LYS F 400 39.51 10.07 69.53
C LYS F 400 40.45 8.89 69.81
N VAL F 401 40.22 8.16 70.90
CA VAL F 401 40.88 6.87 71.14
C VAL F 401 40.20 6.11 72.28
#